data_9BTS
#
_entry.id   9BTS
#
_cell.length_a   173.028
_cell.length_b   173.028
_cell.length_c   173.028
_cell.angle_alpha   90.00
_cell.angle_beta   90.00
_cell.angle_gamma   90.00
#
_symmetry.space_group_name_H-M   'P 2 3'
#
loop_
_entity.id
_entity.type
_entity.pdbx_description
1 polymer 'Bacterioferritin (Bfr)'
2 polymer 'Ferritin (Ftn)'
3 non-polymer 'SULFATE ION'
4 non-polymer 'PROTOPORPHYRIN IX CONTAINING FE'
5 water water
#
loop_
_entity_poly.entity_id
_entity_poly.type
_entity_poly.pdbx_seq_one_letter_code
_entity_poly.pdbx_strand_id
1 'polypeptide(L)'
;MKGNRDVINQLNQVLYHHLTAINQYFLHSRMFNDWGIEQLGSAEYKESIRQMKHADKIIERILFLEGLPNLQHLGKLYIG
QHTEEVLQCDIRKVKENIEAIQKAVALAETEQDYVTRDLVQEILEKEEEYWDWLDTQIDLIGSVGIENYIQSRM
;
A,B,C,D,E,F,G,H
2 'polypeptide(L)'
;MRGNPEVIDYLNMLIGGELAARDQYLIHSRMYEDWGLNKIYERIDHEMQEEASHADAIIRRVLFLGAKPNMHREDINVGT
DVVSCLKADLALEYHVREKLATGIKLCEEKGDYISRDMLRQQLSDTEEDHTYWLEKQLRLIELIGLQNYIQSQI
;
a,b,c,d,e,f,g,h
#
loop_
_chem_comp.id
_chem_comp.type
_chem_comp.name
_chem_comp.formula
HEM non-polymer 'PROTOPORPHYRIN IX CONTAINING FE' 'C34 H32 Fe N4 O4'
SO4 non-polymer 'SULFATE ION' 'O4 S -2'
#
# COMPACT_ATOMS: atom_id res chain seq x y z
N MET A 1 22.60 -27.25 -12.54
CA MET A 1 21.70 -26.52 -11.64
C MET A 1 20.25 -26.87 -11.95
N LYS A 2 19.34 -26.51 -11.04
CA LYS A 2 17.95 -26.92 -11.23
C LYS A 2 17.28 -26.15 -12.36
N GLY A 3 17.58 -24.86 -12.54
CA GLY A 3 16.85 -24.11 -13.54
C GLY A 3 17.37 -24.30 -14.96
N ASN A 4 16.60 -23.77 -15.92
CA ASN A 4 17.00 -23.76 -17.32
C ASN A 4 17.95 -22.59 -17.58
N ARG A 5 19.06 -22.87 -18.27
CA ARG A 5 20.08 -21.84 -18.44
C ARG A 5 19.56 -20.66 -19.24
N ASP A 6 18.77 -20.92 -20.29
CA ASP A 6 18.20 -19.84 -21.09
C ASP A 6 17.19 -19.02 -20.29
N VAL A 7 16.39 -19.68 -19.45
CA VAL A 7 15.48 -18.94 -18.57
C VAL A 7 16.27 -18.06 -17.61
N ILE A 8 17.31 -18.61 -16.99
CA ILE A 8 18.12 -17.81 -16.06
C ILE A 8 18.72 -16.60 -16.78
N ASN A 9 19.24 -16.79 -17.99
CA ASN A 9 19.84 -15.67 -18.72
C ASN A 9 18.82 -14.57 -19.00
N GLN A 10 17.58 -14.95 -19.34
CA GLN A 10 16.58 -13.91 -19.59
C GLN A 10 16.14 -13.24 -18.29
N LEU A 11 16.09 -13.97 -17.17
CA LEU A 11 15.83 -13.31 -15.90
C LEU A 11 16.89 -12.26 -15.59
N ASN A 12 18.16 -12.52 -15.91
CA ASN A 12 19.19 -11.50 -15.72
C ASN A 12 18.97 -10.30 -16.64
N GLN A 13 18.43 -10.53 -17.85
CA GLN A 13 18.02 -9.41 -18.69
C GLN A 13 16.91 -8.60 -18.04
N VAL A 14 15.88 -9.27 -17.52
CA VAL A 14 14.83 -8.54 -16.81
C VAL A 14 15.42 -7.79 -15.63
N LEU A 15 16.30 -8.44 -14.88
CA LEU A 15 16.93 -7.76 -13.73
C LEU A 15 17.69 -6.53 -14.19
N TYR A 16 18.45 -6.65 -15.28
CA TYR A 16 19.21 -5.53 -15.82
C TYR A 16 18.32 -4.32 -16.02
N HIS A 17 17.15 -4.54 -16.59
CA HIS A 17 16.24 -3.43 -16.89
C HIS A 17 15.62 -2.88 -15.60
N HIS A 18 15.31 -3.73 -14.62
CA HIS A 18 14.81 -3.20 -13.35
C HIS A 18 15.87 -2.33 -12.67
N LEU A 19 17.11 -2.83 -12.62
CA LEU A 19 18.19 -2.06 -11.97
C LEU A 19 18.40 -0.71 -12.66
N THR A 20 18.35 -0.69 -13.99
CA THR A 20 18.45 0.57 -14.74
C THR A 20 17.27 1.46 -14.44
N ALA A 21 16.06 0.87 -14.40
CA ALA A 21 14.85 1.64 -14.15
C ALA A 21 14.86 2.26 -12.76
N ILE A 22 15.33 1.49 -11.76
CA ILE A 22 15.45 2.05 -10.42
C ILE A 22 16.14 3.40 -10.48
N ASN A 23 17.33 3.45 -11.10
CA ASN A 23 18.14 4.66 -11.04
C ASN A 23 17.51 5.78 -11.84
N GLN A 24 16.95 5.47 -13.02
CA GLN A 24 16.28 6.52 -13.78
C GLN A 24 15.12 7.11 -13.01
N TYR A 25 14.23 6.27 -12.48
CA TYR A 25 13.05 6.80 -11.80
C TYR A 25 13.44 7.55 -10.51
N PHE A 26 14.45 7.04 -9.79
CA PHE A 26 14.83 7.72 -8.54
C PHE A 26 15.37 9.11 -8.83
N LEU A 27 16.26 9.23 -9.82
CA LEU A 27 16.74 10.56 -10.16
C LEU A 27 15.60 11.44 -10.63
N HIS A 28 14.69 10.92 -11.44
CA HIS A 28 13.56 11.75 -11.87
C HIS A 28 12.75 12.22 -10.66
N SER A 29 12.56 11.34 -9.66
CA SER A 29 11.87 11.76 -8.44
C SER A 29 12.56 12.95 -7.81
N ARG A 30 13.88 12.85 -7.61
CA ARG A 30 14.57 13.93 -6.91
C ARG A 30 14.66 15.19 -7.76
N MET A 31 14.69 15.05 -9.10
CA MET A 31 14.63 16.25 -9.93
C MET A 31 13.27 16.93 -9.81
N PHE A 32 12.18 16.15 -9.85
CA PHE A 32 10.87 16.78 -9.64
C PHE A 32 10.82 17.47 -8.28
N ASN A 33 11.37 16.84 -7.24
CA ASN A 33 11.36 17.49 -5.93
C ASN A 33 12.19 18.77 -5.95
N ASP A 34 13.34 18.73 -6.60
CA ASP A 34 14.19 19.91 -6.75
C ASP A 34 13.46 21.05 -7.47
N TRP A 35 12.57 20.71 -8.41
CA TRP A 35 11.78 21.67 -9.16
C TRP A 35 10.53 22.15 -8.43
N GLY A 36 10.21 21.57 -7.28
CA GLY A 36 9.01 21.93 -6.57
C GLY A 36 7.75 21.24 -7.06
N ILE A 37 7.87 20.20 -7.88
CA ILE A 37 6.74 19.47 -8.44
C ILE A 37 6.58 18.17 -7.67
N GLU A 38 6.03 18.27 -6.45
CA GLU A 38 6.19 17.21 -5.46
C GLU A 38 5.35 15.98 -5.74
N GLN A 39 4.15 16.14 -6.34
CA GLN A 39 3.33 14.96 -6.60
C GLN A 39 3.98 14.09 -7.67
N LEU A 40 4.71 14.68 -8.62
CA LEU A 40 5.48 13.86 -9.55
C LEU A 40 6.76 13.32 -8.91
N GLY A 41 7.37 14.09 -8.01
CA GLY A 41 8.44 13.54 -7.21
C GLY A 41 8.01 12.29 -6.48
N SER A 42 6.80 12.32 -5.88
CA SER A 42 6.30 11.13 -5.19
C SER A 42 6.00 10.00 -6.15
N ALA A 43 5.36 10.31 -7.29
CA ALA A 43 5.01 9.22 -8.22
C ALA A 43 6.25 8.48 -8.69
N GLU A 44 7.31 9.22 -9.00
CA GLU A 44 8.53 8.59 -9.46
C GLU A 44 9.19 7.79 -8.34
N TYR A 45 9.13 8.28 -7.11
CA TYR A 45 9.69 7.51 -5.99
C TYR A 45 8.99 6.18 -5.86
N LYS A 46 7.65 6.21 -5.85
CA LYS A 46 6.91 4.96 -5.68
C LYS A 46 7.25 3.96 -6.77
N GLU A 47 7.38 4.43 -8.02
CA GLU A 47 7.70 3.50 -9.08
C GLU A 47 9.14 3.03 -9.01
N SER A 48 10.06 3.89 -8.54
CA SER A 48 11.41 3.44 -8.26
C SER A 48 11.43 2.30 -7.25
N ILE A 49 10.68 2.47 -6.15
CA ILE A 49 10.61 1.43 -5.12
C ILE A 49 9.99 0.15 -5.68
N ARG A 50 8.98 0.28 -6.56
CA ARG A 50 8.42 -0.92 -7.19
C ARG A 50 9.47 -1.68 -7.97
N GLN A 51 10.35 -0.97 -8.69
CA GLN A 51 11.45 -1.61 -9.41
C GLN A 51 12.42 -2.30 -8.46
N MET A 52 12.66 -1.71 -7.31
CA MET A 52 13.51 -2.35 -6.31
C MET A 52 12.89 -3.67 -5.86
N LYS A 53 11.59 -3.66 -5.57
CA LYS A 53 10.91 -4.90 -5.21
C LYS A 53 10.92 -5.90 -6.36
N HIS A 54 10.69 -5.42 -7.60
CA HIS A 54 10.80 -6.34 -8.74
C HIS A 54 12.20 -6.97 -8.79
N ALA A 55 13.24 -6.13 -8.67
CA ALA A 55 14.61 -6.64 -8.73
C ALA A 55 14.86 -7.67 -7.65
N ASP A 56 14.37 -7.41 -6.44
CA ASP A 56 14.52 -8.35 -5.33
C ASP A 56 13.94 -9.72 -5.68
N LYS A 57 12.70 -9.74 -6.16
CA LYS A 57 12.06 -11.01 -6.49
C LYS A 57 12.79 -11.75 -7.61
N ILE A 58 13.30 -11.02 -8.62
CA ILE A 58 14.03 -11.71 -9.70
C ILE A 58 15.34 -12.28 -9.17
N ILE A 59 16.07 -11.49 -8.39
CA ILE A 59 17.32 -11.97 -7.78
C ILE A 59 17.05 -13.25 -6.99
N GLU A 60 15.98 -13.26 -6.21
CA GLU A 60 15.68 -14.44 -5.41
C GLU A 60 15.34 -15.65 -6.28
N ARG A 61 14.64 -15.43 -7.39
CA ARG A 61 14.32 -16.52 -8.30
C ARG A 61 15.57 -17.07 -8.97
N ILE A 62 16.47 -16.20 -9.43
CA ILE A 62 17.70 -16.66 -10.06
C ILE A 62 18.51 -17.52 -9.10
N LEU A 63 18.60 -17.09 -7.85
CA LEU A 63 19.35 -17.84 -6.85
C LEU A 63 18.70 -19.18 -6.56
N PHE A 64 17.36 -19.21 -6.45
CA PHE A 64 16.69 -20.49 -6.25
C PHE A 64 17.03 -21.44 -7.38
N LEU A 65 17.07 -20.94 -8.62
CA LEU A 65 17.42 -21.75 -9.78
C LEU A 65 18.91 -22.00 -9.89
N GLU A 66 19.70 -21.51 -8.93
CA GLU A 66 21.14 -21.78 -8.85
C GLU A 66 21.92 -21.08 -9.96
N GLY A 67 21.42 -19.93 -10.42
CA GLY A 67 22.15 -19.06 -11.32
C GLY A 67 22.79 -17.91 -10.56
N LEU A 68 23.51 -17.06 -11.30
CA LEU A 68 24.25 -15.96 -10.69
C LEU A 68 23.63 -14.62 -11.04
N PRO A 69 22.89 -13.99 -10.14
CA PRO A 69 22.36 -12.64 -10.44
C PRO A 69 23.46 -11.65 -10.73
N ASN A 70 23.28 -10.86 -11.77
CA ASN A 70 24.27 -9.92 -12.23
C ASN A 70 23.78 -8.51 -11.91
N LEU A 71 24.40 -7.88 -10.91
CA LEU A 71 24.09 -6.50 -10.55
C LEU A 71 25.20 -5.55 -10.94
N GLN A 72 26.13 -5.99 -11.77
CA GLN A 72 27.33 -5.23 -12.03
C GLN A 72 27.16 -4.21 -13.14
N HIS A 73 26.08 -4.32 -13.93
CA HIS A 73 25.96 -3.53 -15.15
C HIS A 73 24.62 -2.80 -15.17
N LEU A 74 24.61 -1.66 -15.86
CA LEU A 74 23.45 -0.79 -15.99
C LEU A 74 23.27 -0.44 -17.46
N GLY A 75 22.02 -0.20 -17.85
CA GLY A 75 21.74 0.36 -19.15
C GLY A 75 21.80 1.86 -19.21
N LYS A 76 21.48 2.39 -20.39
CA LYS A 76 21.39 3.83 -20.57
C LYS A 76 20.22 4.39 -19.76
N LEU A 77 20.48 5.38 -18.90
CA LEU A 77 19.41 6.12 -18.26
C LEU A 77 18.89 7.19 -19.22
N TYR A 78 17.57 7.29 -19.37
CA TYR A 78 16.95 8.34 -20.16
C TYR A 78 16.52 9.43 -19.17
N ILE A 79 17.28 10.53 -19.12
CA ILE A 79 17.09 11.57 -18.11
C ILE A 79 16.52 12.82 -18.79
N GLY A 80 15.33 13.24 -18.40
CA GLY A 80 14.74 14.42 -19.00
C GLY A 80 15.19 15.70 -18.34
N GLN A 81 14.99 16.81 -19.06
CA GLN A 81 15.36 18.14 -18.59
C GLN A 81 14.15 19.02 -18.28
N HIS A 82 12.95 18.55 -18.57
CA HIS A 82 11.73 19.26 -18.17
C HIS A 82 10.62 18.23 -18.08
N THR A 83 9.50 18.64 -17.48
CA THR A 83 8.47 17.70 -17.06
C THR A 83 8.05 16.75 -18.18
N GLU A 84 7.64 17.29 -19.32
CA GLU A 84 7.13 16.43 -20.37
C GLU A 84 8.20 15.50 -20.89
N GLU A 85 9.44 15.99 -21.02
CA GLU A 85 10.53 15.17 -21.52
C GLU A 85 10.85 14.04 -20.55
N VAL A 86 10.82 14.33 -19.24
CA VAL A 86 10.98 13.28 -18.23
C VAL A 86 9.96 12.19 -18.43
N LEU A 87 8.69 12.59 -18.63
CA LEU A 87 7.63 11.62 -18.80
C LEU A 87 7.88 10.75 -20.03
N GLN A 88 8.30 11.38 -21.13
CA GLN A 88 8.59 10.60 -22.34
C GLN A 88 9.79 9.69 -22.15
N CYS A 89 10.77 10.10 -21.33
CA CYS A 89 11.90 9.22 -21.03
C CYS A 89 11.45 8.01 -20.25
N ASP A 90 10.54 8.18 -19.30
CA ASP A 90 10.05 7.01 -18.57
C ASP A 90 9.27 6.08 -19.49
N ILE A 91 8.53 6.63 -20.44
CA ILE A 91 7.80 5.78 -21.39
C ILE A 91 8.79 4.93 -22.18
N ARG A 92 9.89 5.53 -22.63
CA ARG A 92 10.91 4.75 -23.32
C ARG A 92 11.43 3.62 -22.44
N LYS A 93 11.67 3.93 -21.16
CA LYS A 93 12.25 2.93 -20.27
C LYS A 93 11.25 1.81 -19.97
N VAL A 94 9.99 2.15 -19.66
CA VAL A 94 9.09 1.07 -19.30
C VAL A 94 8.83 0.16 -20.49
N LYS A 95 8.84 0.70 -21.72
CA LYS A 95 8.68 -0.14 -22.90
C LYS A 95 9.81 -1.15 -23.01
N GLU A 96 11.03 -0.75 -22.66
CA GLU A 96 12.13 -1.72 -22.63
C GLU A 96 11.88 -2.81 -21.59
N ASN A 97 11.46 -2.41 -20.37
CA ASN A 97 11.13 -3.38 -19.34
C ASN A 97 10.10 -4.38 -19.85
N ILE A 98 9.04 -3.89 -20.45
CA ILE A 98 7.94 -4.76 -20.82
C ILE A 98 8.37 -5.76 -21.89
N GLU A 99 9.18 -5.34 -22.86
CA GLU A 99 9.64 -6.27 -23.89
C GLU A 99 10.51 -7.37 -23.29
N ALA A 100 11.37 -7.02 -22.33
CA ALA A 100 12.18 -8.05 -21.68
C ALA A 100 11.32 -9.01 -20.87
N ILE A 101 10.32 -8.48 -20.18
CA ILE A 101 9.42 -9.32 -19.38
C ILE A 101 8.58 -10.26 -20.25
N GLN A 102 7.99 -9.72 -21.34
CA GLN A 102 7.18 -10.55 -22.23
C GLN A 102 8.00 -11.70 -22.77
N LYS A 103 9.26 -11.45 -23.09
CA LYS A 103 10.11 -12.52 -23.60
C LYS A 103 10.47 -13.51 -22.49
N ALA A 104 10.60 -13.05 -21.25
CA ALA A 104 10.77 -13.99 -20.14
C ALA A 104 9.52 -14.87 -19.95
N VAL A 105 8.33 -14.28 -20.07
CA VAL A 105 7.10 -15.07 -19.96
C VAL A 105 7.08 -16.16 -21.03
N ALA A 106 7.30 -15.77 -22.27
CA ALA A 106 7.23 -16.72 -23.38
C ALA A 106 8.26 -17.84 -23.22
N LEU A 107 9.48 -17.49 -22.80
CA LEU A 107 10.53 -18.48 -22.67
C LEU A 107 10.28 -19.39 -21.47
N ALA A 108 9.81 -18.82 -20.35
CA ALA A 108 9.47 -19.65 -19.20
C ALA A 108 8.40 -20.67 -19.56
N GLU A 109 7.40 -20.27 -20.35
CA GLU A 109 6.36 -21.22 -20.74
C GLU A 109 6.94 -22.34 -21.59
N THR A 110 7.77 -21.98 -22.57
CA THR A 110 8.33 -23.00 -23.47
C THR A 110 9.17 -24.00 -22.71
N GLU A 111 9.94 -23.54 -21.74
CA GLU A 111 10.81 -24.40 -20.93
C GLU A 111 10.09 -24.96 -19.71
N GLN A 112 8.78 -24.77 -19.62
CA GLN A 112 7.98 -25.33 -18.54
C GLN A 112 8.50 -24.90 -17.19
N ASP A 113 8.93 -23.63 -17.09
CA ASP A 113 9.25 -23.01 -15.82
C ASP A 113 8.09 -22.12 -15.40
N TYR A 114 7.02 -22.80 -14.96
CA TYR A 114 5.75 -22.13 -14.80
C TYR A 114 5.76 -21.21 -13.61
N VAL A 115 6.55 -21.51 -12.58
CA VAL A 115 6.63 -20.61 -11.43
C VAL A 115 7.38 -19.34 -11.82
N THR A 116 8.44 -19.45 -12.62
CA THR A 116 9.07 -18.24 -13.11
C THR A 116 8.11 -17.41 -13.95
N ARG A 117 7.34 -18.07 -14.83
CA ARG A 117 6.37 -17.35 -15.66
C ARG A 117 5.42 -16.50 -14.81
N ASP A 118 4.85 -17.08 -13.76
CA ASP A 118 3.87 -16.35 -12.96
C ASP A 118 4.51 -15.18 -12.23
N LEU A 119 5.76 -15.33 -11.80
CA LEU A 119 6.50 -14.24 -11.20
C LEU A 119 6.65 -13.08 -12.19
N VAL A 120 7.09 -13.37 -13.41
CA VAL A 120 7.29 -12.24 -14.32
C VAL A 120 5.97 -11.72 -14.87
N GLN A 121 4.94 -12.55 -14.97
CA GLN A 121 3.63 -12.05 -15.39
C GLN A 121 3.08 -11.07 -14.36
N GLU A 122 3.32 -11.31 -13.08
CA GLU A 122 2.88 -10.38 -12.05
C GLU A 122 3.58 -9.03 -12.17
N ILE A 123 4.89 -9.07 -12.37
CA ILE A 123 5.64 -7.83 -12.58
C ILE A 123 5.11 -7.12 -13.81
N LEU A 124 4.83 -7.87 -14.88
CA LEU A 124 4.33 -7.29 -16.11
C LEU A 124 3.07 -6.48 -15.84
N GLU A 125 2.18 -7.00 -15.00
CA GLU A 125 0.94 -6.28 -14.72
C GLU A 125 1.23 -4.89 -14.15
N LYS A 126 2.20 -4.78 -13.24
CA LYS A 126 2.54 -3.50 -12.63
C LYS A 126 3.24 -2.58 -13.62
N GLU A 127 4.08 -3.14 -14.50
CA GLU A 127 4.73 -2.32 -15.51
C GLU A 127 3.70 -1.71 -16.46
N GLU A 128 2.66 -2.48 -16.82
CA GLU A 128 1.61 -1.90 -17.66
C GLU A 128 0.91 -0.76 -16.95
N GLU A 129 0.71 -0.89 -15.64
CA GLU A 129 0.05 0.18 -14.90
C GLU A 129 0.87 1.47 -14.97
N TYR A 130 2.19 1.36 -14.84
CA TYR A 130 3.00 2.57 -14.89
C TYR A 130 2.96 3.17 -16.28
N TRP A 131 2.97 2.31 -17.32
CA TRP A 131 2.86 2.79 -18.69
C TRP A 131 1.56 3.58 -18.89
N ASP A 132 0.45 3.03 -18.39
CA ASP A 132 -0.85 3.69 -18.51
C ASP A 132 -0.84 5.05 -17.84
N TRP A 133 -0.31 5.10 -16.62
CA TRP A 133 -0.25 6.35 -15.89
C TRP A 133 0.56 7.39 -16.65
N LEU A 134 1.72 7.00 -17.18
CA LEU A 134 2.54 7.94 -17.96
C LEU A 134 1.80 8.46 -19.18
N ASP A 135 1.16 7.56 -19.94
CA ASP A 135 0.35 7.99 -21.07
C ASP A 135 -0.71 9.01 -20.65
N THR A 136 -1.39 8.72 -19.54
CA THR A 136 -2.41 9.64 -19.06
C THR A 136 -1.83 11.02 -18.77
N GLN A 137 -0.64 11.08 -18.16
CA GLN A 137 -0.04 12.38 -17.84
C GLN A 137 0.23 13.17 -19.11
N ILE A 138 0.75 12.50 -20.12
CA ILE A 138 1.02 13.14 -21.40
C ILE A 138 -0.27 13.67 -21.99
N ASP A 139 -1.33 12.86 -21.96
CA ASP A 139 -2.62 13.33 -22.46
C ASP A 139 -3.12 14.53 -21.66
N LEU A 140 -2.96 14.50 -20.34
CA LEU A 140 -3.43 15.62 -19.51
C LEU A 140 -2.64 16.90 -19.81
N ILE A 141 -1.34 16.78 -20.05
CA ILE A 141 -0.60 17.96 -20.50
C ILE A 141 -1.24 18.52 -21.78
N GLY A 142 -1.70 17.65 -22.66
CA GLY A 142 -2.37 18.10 -23.87
C GLY A 142 -3.68 18.80 -23.59
N SER A 143 -4.47 18.24 -22.66
CA SER A 143 -5.82 18.76 -22.40
C SER A 143 -5.80 20.06 -21.61
N VAL A 144 -4.96 20.16 -20.57
CA VAL A 144 -4.97 21.31 -19.67
C VAL A 144 -3.80 22.27 -19.88
N GLY A 145 -2.79 21.89 -20.65
CA GLY A 145 -1.59 22.70 -20.85
C GLY A 145 -0.53 22.45 -19.80
N ILE A 146 0.74 22.64 -20.20
CA ILE A 146 1.83 22.28 -19.31
C ILE A 146 1.81 23.14 -18.04
N GLU A 147 1.40 24.39 -18.14
CA GLU A 147 1.40 25.24 -16.95
C GLU A 147 0.41 24.73 -15.91
N ASN A 148 -0.84 24.47 -16.32
CA ASN A 148 -1.82 23.88 -15.42
C ASN A 148 -1.39 22.49 -14.95
N TYR A 149 -0.83 21.69 -15.86
CA TYR A 149 -0.45 20.34 -15.45
C TYR A 149 0.58 20.39 -14.32
N ILE A 150 1.64 21.20 -14.47
CA ILE A 150 2.63 21.31 -13.40
C ILE A 150 1.98 21.85 -12.15
N GLN A 151 1.19 22.91 -12.29
CA GLN A 151 0.49 23.45 -11.14
C GLN A 151 -0.19 22.34 -10.36
N SER A 152 -0.85 21.41 -11.07
CA SER A 152 -1.63 20.37 -10.41
C SER A 152 -0.75 19.37 -9.69
N ARG A 153 0.50 19.21 -10.14
CA ARG A 153 1.43 18.23 -9.63
C ARG A 153 2.42 18.84 -8.64
N MET A 154 2.21 20.09 -8.23
CA MET A 154 3.05 20.69 -7.22
C MET A 154 2.92 19.99 -5.87
N MET B 1 26.81 27.86 -10.92
CA MET B 1 25.95 27.11 -10.01
C MET B 1 26.13 27.57 -8.57
N LYS B 2 25.23 27.14 -7.69
CA LYS B 2 25.33 27.56 -6.31
C LYS B 2 26.56 26.93 -5.66
N GLY B 3 26.81 25.64 -5.92
CA GLY B 3 27.89 24.94 -5.26
C GLY B 3 29.26 25.06 -5.93
N ASN B 4 30.26 24.58 -5.20
CA ASN B 4 31.64 24.50 -5.69
C ASN B 4 31.83 23.25 -6.52
N ARG B 5 32.46 23.39 -7.69
CA ARG B 5 32.54 22.27 -8.63
C ARG B 5 33.32 21.09 -8.07
N ASP B 6 34.44 21.36 -7.39
CA ASP B 6 35.24 20.26 -6.84
C ASP B 6 34.49 19.52 -5.73
N VAL B 7 33.72 20.24 -4.91
CA VAL B 7 32.89 19.61 -3.90
C VAL B 7 31.85 18.71 -4.54
N ILE B 8 31.18 19.21 -5.59
CA ILE B 8 30.18 18.42 -6.30
C ILE B 8 30.81 17.16 -6.85
N ASN B 9 31.98 17.29 -7.50
CA ASN B 9 32.62 16.11 -8.08
C ASN B 9 32.91 15.07 -7.00
N GLN B 10 33.36 15.50 -5.82
CA GLN B 10 33.66 14.50 -4.80
C GLN B 10 32.39 13.89 -4.22
N LEU B 11 31.30 14.67 -4.13
CA LEU B 11 30.01 14.09 -3.75
C LEU B 11 29.58 13.01 -4.73
N ASN B 12 29.83 13.23 -6.02
CA ASN B 12 29.53 12.19 -7.00
C ASN B 12 30.41 10.98 -6.80
N GLN B 13 31.64 11.18 -6.33
CA GLN B 13 32.44 10.01 -5.99
C GLN B 13 31.84 9.27 -4.80
N VAL B 14 31.44 10.00 -3.77
CA VAL B 14 30.82 9.33 -2.63
C VAL B 14 29.57 8.57 -3.09
N LEU B 15 28.75 9.21 -3.93
CA LEU B 15 27.56 8.54 -4.44
C LEU B 15 27.92 7.26 -5.19
N TYR B 16 28.95 7.31 -6.02
CA TYR B 16 29.45 6.14 -6.74
C TYR B 16 29.68 4.99 -5.77
N HIS B 17 30.31 5.29 -4.63
CA HIS B 17 30.60 4.19 -3.72
C HIS B 17 29.34 3.69 -3.01
N HIS B 18 28.43 4.59 -2.65
CA HIS B 18 27.17 4.12 -2.06
C HIS B 18 26.37 3.26 -3.03
N LEU B 19 26.28 3.69 -4.29
CA LEU B 19 25.54 2.90 -5.27
C LEU B 19 26.14 1.51 -5.42
N THR B 20 27.47 1.44 -5.44
CA THR B 20 28.14 0.15 -5.51
C THR B 20 27.85 -0.69 -4.28
N ALA B 21 27.92 -0.07 -3.09
CA ALA B 21 27.65 -0.79 -1.85
C ALA B 21 26.21 -1.29 -1.78
N ILE B 22 25.23 -0.50 -2.24
CA ILE B 22 23.85 -0.98 -2.30
C ILE B 22 23.82 -2.38 -2.94
N ASN B 23 24.40 -2.50 -4.13
CA ASN B 23 24.28 -3.76 -4.87
C ASN B 23 25.07 -4.89 -4.23
N GLN B 24 26.27 -4.59 -3.75
CA GLN B 24 27.05 -5.62 -3.08
C GLN B 24 26.33 -6.13 -1.84
N TYR B 25 25.93 -5.23 -0.94
CA TYR B 25 25.31 -5.69 0.28
C TYR B 25 23.99 -6.40 0.00
N PHE B 26 23.20 -5.89 -0.97
CA PHE B 26 21.92 -6.51 -1.26
C PHE B 26 22.09 -7.92 -1.80
N LEU B 27 23.01 -8.12 -2.75
CA LEU B 27 23.21 -9.48 -3.25
C LEU B 27 23.72 -10.38 -2.14
N HIS B 28 24.65 -9.88 -1.31
CA HIS B 28 25.10 -10.69 -0.19
C HIS B 28 23.94 -11.08 0.72
N SER B 29 23.00 -10.16 0.97
CA SER B 29 21.83 -10.52 1.77
C SER B 29 21.10 -11.71 1.18
N ARG B 30 20.78 -11.63 -0.12
CA ARG B 30 20.01 -12.69 -0.76
C ARG B 30 20.84 -13.96 -0.91
N MET B 31 22.16 -13.83 -1.02
CA MET B 31 23.02 -15.01 -1.03
C MET B 31 23.04 -15.69 0.33
N PHE B 32 23.18 -14.90 1.40
CA PHE B 32 23.07 -15.48 2.73
C PHE B 32 21.70 -16.12 2.94
N ASN B 33 20.62 -15.48 2.47
CA ASN B 33 19.30 -16.09 2.66
C ASN B 33 19.19 -17.40 1.90
N ASP B 34 19.68 -17.43 0.65
CA ASP B 34 19.72 -18.64 -0.15
C ASP B 34 20.49 -19.75 0.54
N TRP B 35 21.50 -19.39 1.33
CA TRP B 35 22.28 -20.39 2.07
C TRP B 35 21.65 -20.77 3.39
N GLY B 36 20.59 -20.09 3.81
CA GLY B 36 19.99 -20.38 5.09
C GLY B 36 20.64 -19.71 6.28
N ILE B 37 21.49 -18.70 6.06
CA ILE B 37 22.16 -18.00 7.14
C ILE B 37 21.44 -16.67 7.34
N GLU B 38 20.24 -16.73 7.94
CA GLU B 38 19.28 -15.64 7.80
C GLU B 38 19.66 -14.40 8.60
N GLN B 39 20.38 -14.56 9.73
CA GLN B 39 20.73 -13.36 10.50
C GLN B 39 21.75 -12.51 9.76
N LEU B 40 22.65 -13.13 8.98
CA LEU B 40 23.55 -12.37 8.12
C LEU B 40 22.82 -11.86 6.87
N GLY B 41 21.82 -12.60 6.38
CA GLY B 41 20.96 -12.03 5.35
C GLY B 41 20.32 -10.73 5.81
N SER B 42 19.78 -10.71 7.03
CA SER B 42 19.15 -9.50 7.57
C SER B 42 20.16 -8.38 7.79
N ALA B 43 21.34 -8.68 8.34
CA ALA B 43 22.33 -7.63 8.55
C ALA B 43 22.74 -6.97 7.24
N GLU B 44 22.96 -7.77 6.18
CA GLU B 44 23.37 -7.22 4.89
C GLU B 44 22.25 -6.39 4.28
N TYR B 45 21.01 -6.84 4.46
CA TYR B 45 19.86 -6.11 3.97
C TYR B 45 19.75 -4.74 4.61
N LYS B 46 19.83 -4.69 5.94
CA LYS B 46 19.73 -3.43 6.64
C LYS B 46 20.81 -2.46 6.18
N GLU B 47 22.04 -2.95 5.96
CA GLU B 47 23.11 -2.05 5.53
C GLU B 47 22.92 -1.63 4.08
N SER B 48 22.34 -2.49 3.25
CA SER B 48 22.00 -2.08 1.90
C SER B 48 21.02 -0.89 1.91
N ILE B 49 19.96 -0.98 2.73
CA ILE B 49 19.01 0.13 2.85
C ILE B 49 19.70 1.38 3.37
N ARG B 50 20.60 1.22 4.33
CA ARG B 50 21.35 2.39 4.81
C ARG B 50 22.13 3.04 3.67
N GLN B 51 22.77 2.24 2.80
CA GLN B 51 23.48 2.81 1.67
C GLN B 51 22.53 3.51 0.70
N MET B 52 21.32 2.97 0.55
CA MET B 52 20.30 3.62 -0.25
C MET B 52 19.93 4.98 0.34
N LYS B 53 19.78 5.05 1.66
CA LYS B 53 19.50 6.31 2.33
C LYS B 53 20.67 7.29 2.21
N HIS B 54 21.89 6.80 2.34
CA HIS B 54 23.06 7.66 2.11
C HIS B 54 22.99 8.24 0.70
N ALA B 55 22.78 7.37 -0.28
CA ALA B 55 22.77 7.81 -1.67
C ALA B 55 21.70 8.88 -1.90
N ASP B 56 20.52 8.67 -1.33
CA ASP B 56 19.45 9.66 -1.45
C ASP B 56 19.89 11.03 -0.93
N LYS B 57 20.46 11.06 0.28
CA LYS B 57 20.87 12.34 0.86
C LYS B 57 21.93 13.01 -0.01
N ILE B 58 22.84 12.23 -0.59
CA ILE B 58 23.87 12.82 -1.43
C ILE B 58 23.28 13.35 -2.74
N ILE B 59 22.40 12.56 -3.36
CA ILE B 59 21.70 13.02 -4.56
C ILE B 59 21.00 14.33 -4.28
N GLU B 60 20.27 14.38 -3.16
CA GLU B 60 19.54 15.60 -2.82
C GLU B 60 20.47 16.76 -2.58
N ARG B 61 21.63 16.51 -1.96
CA ARG B 61 22.60 17.58 -1.75
C ARG B 61 23.20 18.04 -3.07
N ILE B 62 23.53 17.12 -3.97
CA ILE B 62 24.08 17.54 -5.26
C ILE B 62 23.08 18.43 -6.00
N LEU B 63 21.80 18.07 -5.99
CA LEU B 63 20.81 18.86 -6.73
C LEU B 63 20.64 20.24 -6.13
N PHE B 64 20.60 20.33 -4.80
CA PHE B 64 20.54 21.65 -4.17
C PHE B 64 21.69 22.52 -4.63
N LEU B 65 22.89 21.95 -4.74
CA LEU B 65 24.07 22.66 -5.18
C LEU B 65 24.11 22.88 -6.69
N GLU B 66 23.08 22.44 -7.41
CA GLU B 66 22.96 22.68 -8.85
C GLU B 66 23.98 21.87 -9.66
N GLY B 67 24.37 20.70 -9.13
CA GLY B 67 25.16 19.73 -9.85
C GLY B 67 24.31 18.63 -10.45
N LEU B 68 24.98 17.72 -11.14
CA LEU B 68 24.30 16.62 -11.82
C LEU B 68 24.62 15.31 -11.12
N PRO B 69 23.70 14.74 -10.33
CA PRO B 69 23.99 13.44 -9.71
C PRO B 69 24.18 12.36 -10.76
N ASN B 70 25.21 11.53 -10.56
CA ASN B 70 25.56 10.52 -11.55
C ASN B 70 25.17 9.15 -11.01
N LEU B 71 24.08 8.60 -11.54
CA LEU B 71 23.60 7.28 -11.21
C LEU B 71 23.83 6.29 -12.34
N GLN B 72 24.64 6.66 -13.31
CA GLN B 72 24.81 5.89 -14.52
C GLN B 72 25.89 4.83 -14.39
N HIS B 73 26.76 4.94 -13.39
CA HIS B 73 27.93 4.09 -13.29
C HIS B 73 28.08 3.50 -11.89
N LEU B 74 28.69 2.32 -11.85
CA LEU B 74 28.89 1.55 -10.63
C LEU B 74 30.35 1.12 -10.55
N GLY B 75 30.86 0.99 -9.34
CA GLY B 75 32.16 0.37 -9.12
C GLY B 75 32.13 -1.17 -9.05
N LYS B 76 33.30 -1.76 -8.83
CA LYS B 76 33.42 -3.21 -8.81
C LYS B 76 32.67 -3.79 -7.60
N LEU B 77 31.83 -4.79 -7.86
CA LEU B 77 31.21 -5.54 -6.78
C LEU B 77 32.20 -6.61 -6.30
N TYR B 78 32.43 -6.67 -4.98
CA TYR B 78 33.23 -7.75 -4.38
C TYR B 78 32.26 -8.79 -3.83
N ILE B 79 32.08 -9.91 -4.53
CA ILE B 79 31.07 -10.90 -4.17
C ILE B 79 31.76 -12.15 -3.66
N GLY B 80 31.53 -12.48 -2.41
CA GLY B 80 32.17 -13.65 -1.83
C GLY B 80 31.38 -14.90 -2.10
N GLN B 81 32.04 -16.03 -1.97
CA GLN B 81 31.43 -17.33 -2.22
C GLN B 81 31.24 -18.15 -0.96
N HIS B 82 31.66 -17.66 0.20
CA HIS B 82 31.35 -18.32 1.46
C HIS B 82 31.38 -17.25 2.55
N THR B 83 30.82 -17.60 3.71
CA THR B 83 30.51 -16.61 4.73
C THR B 83 31.70 -15.70 5.02
N GLU B 84 32.83 -16.29 5.37
CA GLU B 84 33.98 -15.48 5.76
C GLU B 84 34.45 -14.62 4.58
N GLU B 85 34.43 -15.17 3.37
CA GLU B 85 34.87 -14.35 2.23
C GLU B 85 33.91 -13.21 1.96
N VAL B 86 32.61 -13.43 2.11
CA VAL B 86 31.63 -12.35 1.95
C VAL B 86 31.96 -11.22 2.90
N LEU B 87 32.23 -11.53 4.17
CA LEU B 87 32.52 -10.49 5.14
C LEU B 87 33.77 -9.70 4.76
N GLN B 88 34.83 -10.38 4.31
CA GLN B 88 36.02 -9.68 3.88
C GLN B 88 35.74 -8.83 2.64
N CYS B 89 34.85 -9.29 1.76
CA CYS B 89 34.48 -8.47 0.62
C CYS B 89 33.78 -7.18 1.07
N ASP B 90 32.91 -7.29 2.08
CA ASP B 90 32.29 -6.09 2.61
C ASP B 90 33.32 -5.16 3.25
N ILE B 91 34.29 -5.72 3.97
CA ILE B 91 35.34 -4.89 4.58
C ILE B 91 36.08 -4.15 3.49
N ARG B 92 36.39 -4.83 2.40
CA ARG B 92 37.05 -4.15 1.29
C ARG B 92 36.21 -2.99 0.81
N LYS B 93 34.89 -3.18 0.70
CA LYS B 93 34.03 -2.11 0.20
C LYS B 93 33.91 -0.96 1.20
N VAL B 94 33.68 -1.27 2.47
CA VAL B 94 33.42 -0.18 3.40
C VAL B 94 34.65 0.69 3.58
N LYS B 95 35.85 0.10 3.50
CA LYS B 95 37.06 0.90 3.53
C LYS B 95 37.10 1.88 2.37
N GLU B 96 36.66 1.46 1.19
CA GLU B 96 36.59 2.35 0.04
C GLU B 96 35.61 3.49 0.31
N ASN B 97 34.42 3.17 0.83
CA ASN B 97 33.46 4.20 1.20
C ASN B 97 34.08 5.23 2.14
N ILE B 98 34.76 4.74 3.18
CA ILE B 98 35.27 5.64 4.20
C ILE B 98 36.32 6.58 3.64
N GLU B 99 37.19 6.06 2.77
CA GLU B 99 38.22 6.92 2.19
C GLU B 99 37.58 8.02 1.33
N ALA B 100 36.55 7.66 0.54
CA ALA B 100 35.90 8.68 -0.28
C ALA B 100 35.17 9.70 0.58
N ILE B 101 34.55 9.25 1.65
CA ILE B 101 33.84 10.16 2.53
C ILE B 101 34.83 11.09 3.23
N GLN B 102 35.95 10.55 3.71
CA GLN B 102 36.96 11.39 4.36
C GLN B 102 37.47 12.49 3.43
N LYS B 103 37.69 12.18 2.15
CA LYS B 103 38.16 13.26 1.28
C LYS B 103 37.06 14.28 1.05
N ALA B 104 35.78 13.84 1.04
CA ALA B 104 34.68 14.80 0.94
C ALA B 104 34.66 15.75 2.12
N VAL B 105 34.90 15.26 3.34
CA VAL B 105 34.95 16.12 4.52
C VAL B 105 36.06 17.16 4.36
N ALA B 106 37.26 16.69 4.03
CA ALA B 106 38.43 17.57 3.96
C ALA B 106 38.25 18.64 2.90
N LEU B 107 37.70 18.25 1.75
CA LEU B 107 37.50 19.21 0.66
C LEU B 107 36.38 20.17 0.98
N ALA B 108 35.28 19.67 1.56
CA ALA B 108 34.21 20.55 2.00
C ALA B 108 34.69 21.59 3.01
N GLU B 109 35.55 21.18 3.97
CA GLU B 109 36.07 22.13 4.95
C GLU B 109 36.88 23.23 4.26
N THR B 110 37.76 22.82 3.34
CA THR B 110 38.62 23.77 2.65
C THR B 110 37.83 24.77 1.83
N GLU B 111 36.78 24.30 1.14
CA GLU B 111 35.93 25.18 0.33
C GLU B 111 34.82 25.82 1.13
N GLN B 112 34.81 25.64 2.45
CA GLN B 112 33.83 26.31 3.31
C GLN B 112 32.40 25.93 2.92
N ASP B 113 32.21 24.66 2.54
CA ASP B 113 30.88 24.07 2.32
C ASP B 113 30.52 23.27 3.57
N TYR B 114 30.17 24.00 4.60
CA TYR B 114 30.07 23.43 5.93
C TYR B 114 28.85 22.53 6.08
N VAL B 115 27.77 22.83 5.36
CA VAL B 115 26.62 21.95 5.45
C VAL B 115 26.91 20.61 4.75
N THR B 116 27.61 20.64 3.60
CA THR B 116 28.01 19.37 2.98
C THR B 116 28.90 18.57 3.93
N ARG B 117 29.88 19.23 4.56
CA ARG B 117 30.75 18.51 5.48
C ARG B 117 29.92 17.77 6.53
N ASP B 118 28.96 18.46 7.13
CA ASP B 118 28.20 17.83 8.21
C ASP B 118 27.41 16.63 7.70
N LEU B 119 26.89 16.73 6.47
CA LEU B 119 26.17 15.61 5.86
C LEU B 119 27.08 14.39 5.69
N VAL B 120 28.26 14.58 5.12
CA VAL B 120 29.11 13.42 4.90
C VAL B 120 29.71 12.94 6.22
N GLN B 121 29.87 13.83 7.20
CA GLN B 121 30.35 13.38 8.50
C GLN B 121 29.34 12.44 9.17
N GLU B 122 28.04 12.71 9.01
CA GLU B 122 27.03 11.83 9.58
C GLU B 122 27.09 10.45 8.92
N ILE B 123 27.25 10.43 7.60
CA ILE B 123 27.39 9.15 6.90
C ILE B 123 28.64 8.41 7.39
N LEU B 124 29.74 9.14 7.54
CA LEU B 124 30.98 8.51 7.97
C LEU B 124 30.80 7.75 9.27
N GLU B 125 30.07 8.35 10.24
CA GLU B 125 29.84 7.68 11.51
C GLU B 125 29.18 6.31 11.32
N LYS B 126 28.21 6.22 10.41
CA LYS B 126 27.56 4.93 10.15
C LYS B 126 28.48 3.96 9.41
N GLU B 127 29.29 4.47 8.48
CA GLU B 127 30.21 3.60 7.76
C GLU B 127 31.23 3.00 8.73
N GLU B 128 31.71 3.79 9.69
CA GLU B 128 32.61 3.26 10.70
C GLU B 128 31.92 2.18 11.53
N GLU B 129 30.63 2.36 11.80
CA GLU B 129 29.90 1.36 12.58
C GLU B 129 29.84 0.02 11.83
N TYR B 130 29.60 0.05 10.52
CA TYR B 130 29.52 -1.21 9.79
C TYR B 130 30.90 -1.87 9.69
N TRP B 131 31.95 -1.07 9.52
CA TRP B 131 33.31 -1.61 9.51
C TRP B 131 33.58 -2.36 10.81
N ASP B 132 33.21 -1.73 11.92
CA ASP B 132 33.40 -2.35 13.23
C ASP B 132 32.64 -3.67 13.32
N TRP B 133 31.39 -3.67 12.87
CA TRP B 133 30.61 -4.91 12.92
C TRP B 133 31.27 -6.01 12.10
N LEU B 134 31.73 -5.69 10.89
CA LEU B 134 32.39 -6.68 10.05
C LEU B 134 33.65 -7.24 10.71
N ASP B 135 34.52 -6.34 11.21
CA ASP B 135 35.72 -6.82 11.89
C ASP B 135 35.37 -7.78 13.00
N THR B 136 34.34 -7.43 13.78
CA THR B 136 33.92 -8.29 14.88
C THR B 136 33.49 -9.67 14.38
N GLN B 137 32.79 -9.73 13.24
CA GLN B 137 32.37 -11.01 12.72
C GLN B 137 33.57 -11.87 12.37
N ILE B 138 34.61 -11.26 11.79
CA ILE B 138 35.82 -12.00 11.47
C ILE B 138 36.49 -12.52 12.74
N ASP B 139 36.59 -11.68 13.76
CA ASP B 139 37.22 -12.13 15.00
C ASP B 139 36.44 -13.31 15.59
N LEU B 140 35.10 -13.24 15.55
CA LEU B 140 34.26 -14.31 16.09
C LEU B 140 34.42 -15.61 15.30
N ILE B 141 34.54 -15.51 13.98
CA ILE B 141 34.88 -16.71 13.22
C ILE B 141 36.17 -17.31 13.76
N GLY B 142 37.13 -16.44 14.12
CA GLY B 142 38.36 -16.92 14.71
C GLY B 142 38.16 -17.55 16.07
N SER B 143 37.36 -16.90 16.93
CA SER B 143 37.22 -17.41 18.30
C SER B 143 36.39 -18.69 18.35
N VAL B 144 35.28 -18.75 17.62
CA VAL B 144 34.34 -19.87 17.80
C VAL B 144 34.42 -20.90 16.68
N GLY B 145 35.12 -20.61 15.58
CA GLY B 145 35.16 -21.48 14.42
C GLY B 145 34.02 -21.21 13.46
N ILE B 146 34.27 -21.47 12.19
CA ILE B 146 33.28 -21.09 11.17
C ILE B 146 31.99 -21.87 11.34
N GLU B 147 32.04 -23.15 11.76
CA GLU B 147 30.79 -23.90 11.86
C GLU B 147 29.89 -23.32 12.96
N ASN B 148 30.44 -23.06 14.15
CA ASN B 148 29.67 -22.40 15.19
C ASN B 148 29.25 -21.00 14.76
N TYR B 149 30.11 -20.27 14.06
CA TYR B 149 29.75 -18.92 13.67
C TYR B 149 28.54 -18.93 12.75
N ILE B 150 28.59 -19.76 11.71
CA ILE B 150 27.46 -19.85 10.79
C ILE B 150 26.22 -20.34 11.51
N GLN B 151 26.36 -21.39 12.30
CA GLN B 151 25.21 -21.85 13.08
C GLN B 151 24.55 -20.68 13.80
N SER B 152 25.36 -19.79 14.39
CA SER B 152 24.79 -18.70 15.17
C SER B 152 24.02 -17.73 14.29
N ARG B 153 24.37 -17.63 13.02
CA ARG B 153 23.78 -16.63 12.14
C ARG B 153 22.64 -17.20 11.29
N MET B 154 22.22 -18.42 11.55
CA MET B 154 21.07 -19.01 10.90
C MET B 154 19.78 -18.26 11.25
N MET C 1 -54.08 -8.93 -14.92
CA MET C 1 -53.11 -8.53 -13.91
C MET C 1 -53.70 -7.47 -12.98
N LYS C 2 -53.07 -7.25 -11.81
CA LYS C 2 -53.61 -6.29 -10.87
C LYS C 2 -53.42 -4.85 -11.37
N GLY C 3 -52.33 -4.56 -12.05
CA GLY C 3 -52.08 -3.19 -12.44
C GLY C 3 -52.83 -2.79 -13.71
N ASN C 4 -52.77 -1.50 -14.01
CA ASN C 4 -53.34 -0.98 -15.25
C ASN C 4 -52.35 -1.24 -16.38
N ARG C 5 -52.85 -1.78 -17.50
CA ARG C 5 -51.95 -2.17 -18.60
C ARG C 5 -51.22 -0.97 -19.18
N ASP C 6 -51.92 0.16 -19.34
CA ASP C 6 -51.27 1.36 -19.88
C ASP C 6 -50.20 1.89 -18.94
N VAL C 7 -50.46 1.84 -17.63
CA VAL C 7 -49.44 2.23 -16.65
C VAL C 7 -48.25 1.28 -16.73
N ILE C 8 -48.51 -0.03 -16.80
CA ILE C 8 -47.43 -1.00 -16.92
C ILE C 8 -46.60 -0.71 -18.17
N ASN C 9 -47.27 -0.43 -19.29
CA ASN C 9 -46.52 -0.16 -20.52
C ASN C 9 -45.64 1.08 -20.37
N GLN C 10 -46.13 2.11 -19.68
CA GLN C 10 -45.31 3.29 -19.52
C GLN C 10 -44.17 3.07 -18.52
N LEU C 11 -44.40 2.27 -17.46
CA LEU C 11 -43.29 1.90 -16.59
C LEU C 11 -42.20 1.17 -17.35
N ASN C 12 -42.59 0.29 -18.28
CA ASN C 12 -41.59 -0.38 -19.07
C ASN C 12 -40.84 0.61 -19.96
N GLN C 13 -41.52 1.68 -20.38
CA GLN C 13 -40.83 2.74 -21.10
C GLN C 13 -39.83 3.46 -20.22
N VAL C 14 -40.21 3.80 -18.98
CA VAL C 14 -39.27 4.41 -18.04
C VAL C 14 -38.08 3.49 -17.81
N LEU C 15 -38.33 2.19 -17.64
CA LEU C 15 -37.24 1.25 -17.41
C LEU C 15 -36.26 1.25 -18.57
N TYR C 16 -36.78 1.25 -19.79
CA TYR C 16 -35.96 1.32 -20.98
C TYR C 16 -34.98 2.48 -20.90
N HIS C 17 -35.45 3.64 -20.50
CA HIS C 17 -34.56 4.79 -20.42
C HIS C 17 -33.57 4.66 -19.26
N HIS C 18 -33.99 4.08 -18.13
CA HIS C 18 -33.03 3.87 -17.04
C HIS C 18 -31.93 2.90 -17.46
N LEU C 19 -32.29 1.77 -18.09
CA LEU C 19 -31.28 0.81 -18.50
C LEU C 19 -30.28 1.45 -19.46
N THR C 20 -30.79 2.28 -20.36
CA THR C 20 -29.94 3.01 -21.30
C THR C 20 -29.01 3.98 -20.58
N ALA C 21 -29.56 4.71 -19.60
CA ALA C 21 -28.76 5.66 -18.86
C ALA C 21 -27.68 4.99 -18.04
N ILE C 22 -27.98 3.84 -17.41
CA ILE C 22 -26.95 3.10 -16.69
C ILE C 22 -25.71 2.95 -17.55
N ASN C 23 -25.87 2.43 -18.76
CA ASN C 23 -24.72 2.07 -19.57
C ASN C 23 -23.98 3.30 -20.07
N GLN C 24 -24.73 4.33 -20.48
CA GLN C 24 -24.07 5.57 -20.91
C GLN C 24 -23.27 6.20 -19.77
N TYR C 25 -23.87 6.38 -18.59
CA TYR C 25 -23.12 7.02 -17.52
C TYR C 25 -21.95 6.13 -17.11
N PHE C 26 -22.16 4.81 -17.10
CA PHE C 26 -21.07 3.94 -16.69
C PHE C 26 -19.89 4.03 -17.65
N LEU C 27 -20.16 3.99 -18.96
CA LEU C 27 -19.06 4.10 -19.90
C LEU C 27 -18.41 5.47 -19.78
N HIS C 28 -19.21 6.54 -19.68
CA HIS C 28 -18.61 7.86 -19.53
C HIS C 28 -17.71 7.93 -18.29
N SER C 29 -18.15 7.33 -17.19
CA SER C 29 -17.32 7.26 -15.99
C SER C 29 -15.96 6.66 -16.30
N ARG C 30 -15.95 5.49 -16.95
CA ARG C 30 -14.69 4.81 -17.21
C ARG C 30 -13.87 5.53 -18.28
N MET C 31 -14.54 6.21 -19.22
CA MET C 31 -13.80 7.05 -20.16
C MET C 31 -13.15 8.23 -19.46
N PHE C 32 -13.89 8.90 -18.57
CA PHE C 32 -13.29 9.99 -17.79
C PHE C 32 -12.12 9.46 -16.99
N ASN C 33 -12.28 8.28 -16.38
CA ASN C 33 -11.19 7.71 -15.59
C ASN C 33 -9.98 7.43 -16.47
N ASP C 34 -10.22 6.88 -17.66
CA ASP C 34 -9.17 6.61 -18.65
C ASP C 34 -8.46 7.89 -19.09
N TRP C 35 -9.14 9.01 -19.08
CA TRP C 35 -8.52 10.29 -19.40
C TRP C 35 -7.80 10.92 -18.22
N GLY C 36 -7.92 10.34 -17.03
CA GLY C 36 -7.32 10.97 -15.87
C GLY C 36 -8.17 12.04 -15.23
N ILE C 37 -9.45 12.15 -15.59
CA ILE C 37 -10.33 13.18 -15.05
C ILE C 37 -11.22 12.55 -13.98
N GLU C 38 -10.63 12.23 -12.83
CA GLU C 38 -11.26 11.26 -11.94
C GLU C 38 -12.47 11.78 -11.19
N GLN C 39 -12.56 13.10 -10.93
CA GLN C 39 -13.74 13.59 -10.21
C GLN C 39 -15.00 13.48 -11.05
N LEU C 40 -14.88 13.64 -12.36
CA LEU C 40 -15.98 13.37 -13.27
C LEU C 40 -16.18 11.87 -13.50
N GLY C 41 -15.11 11.09 -13.44
CA GLY C 41 -15.31 9.65 -13.39
C GLY C 41 -16.21 9.25 -12.23
N SER C 42 -15.95 9.83 -11.06
CA SER C 42 -16.76 9.49 -9.89
C SER C 42 -18.19 9.99 -10.03
N ALA C 43 -18.38 11.22 -10.51
CA ALA C 43 -19.73 11.75 -10.62
C ALA C 43 -20.57 10.87 -11.55
N GLU C 44 -20.00 10.45 -12.68
CA GLU C 44 -20.75 9.61 -13.62
C GLU C 44 -21.01 8.24 -13.02
N TYR C 45 -20.04 7.70 -12.25
CA TYR C 45 -20.27 6.41 -11.60
C TYR C 45 -21.43 6.50 -10.64
N LYS C 46 -21.45 7.52 -9.78
CA LYS C 46 -22.56 7.64 -8.83
C LYS C 46 -23.89 7.75 -9.57
N GLU C 47 -23.96 8.49 -10.69
CA GLU C 47 -25.24 8.60 -11.39
C GLU C 47 -25.61 7.31 -12.09
N SER C 48 -24.62 6.54 -12.54
CA SER C 48 -24.92 5.22 -13.09
C SER C 48 -25.56 4.34 -12.02
N ILE C 49 -25.00 4.34 -10.80
CA ILE C 49 -25.55 3.56 -9.70
C ILE C 49 -26.97 4.03 -9.36
N ARG C 50 -27.19 5.35 -9.38
CA ARG C 50 -28.54 5.85 -9.16
C ARG C 50 -29.51 5.33 -10.24
N GLN C 51 -29.07 5.30 -11.50
CA GLN C 51 -29.92 4.74 -12.55
C GLN C 51 -30.19 3.26 -12.31
N MET C 52 -29.20 2.54 -11.79
CA MET C 52 -29.41 1.14 -11.45
C MET C 52 -30.47 0.98 -10.37
N LYS C 53 -30.42 1.83 -9.34
CA LYS C 53 -31.44 1.76 -8.29
C LYS C 53 -32.82 2.15 -8.83
N HIS C 54 -32.89 3.14 -9.70
CA HIS C 54 -34.18 3.45 -10.30
C HIS C 54 -34.73 2.24 -11.04
N ALA C 55 -33.91 1.63 -11.90
CA ALA C 55 -34.34 0.47 -12.68
C ALA C 55 -34.83 -0.64 -11.76
N ASP C 56 -34.11 -0.91 -10.67
CA ASP C 56 -34.57 -1.89 -9.70
C ASP C 56 -35.97 -1.55 -9.18
N LYS C 57 -36.17 -0.30 -8.74
CA LYS C 57 -37.48 0.05 -8.21
C LYS C 57 -38.58 -0.12 -9.25
N ILE C 58 -38.30 0.20 -10.52
CA ILE C 58 -39.33 0.07 -11.56
C ILE C 58 -39.58 -1.41 -11.85
N ILE C 59 -38.53 -2.22 -11.93
CA ILE C 59 -38.70 -3.65 -12.13
C ILE C 59 -39.58 -4.23 -11.04
N GLU C 60 -39.28 -3.88 -9.78
CA GLU C 60 -40.05 -4.43 -8.67
C GLU C 60 -41.51 -3.98 -8.70
N ARG C 61 -41.74 -2.73 -9.08
CA ARG C 61 -43.11 -2.23 -9.17
C ARG C 61 -43.87 -2.92 -10.31
N ILE C 62 -43.22 -3.13 -11.47
CA ILE C 62 -43.90 -3.81 -12.56
C ILE C 62 -44.31 -5.22 -12.14
N LEU C 63 -43.42 -5.92 -11.43
CA LEU C 63 -43.75 -7.28 -10.99
C LEU C 63 -44.89 -7.28 -9.97
N PHE C 64 -44.87 -6.37 -9.01
CA PHE C 64 -45.98 -6.31 -8.08
C PHE C 64 -47.31 -6.13 -8.84
N LEU C 65 -47.33 -5.30 -9.88
CA LEU C 65 -48.52 -5.06 -10.68
C LEU C 65 -48.81 -6.23 -11.64
N GLU C 66 -48.01 -7.29 -11.56
CA GLU C 66 -48.21 -8.51 -12.35
C GLU C 66 -47.93 -8.29 -13.82
N GLY C 67 -47.05 -7.36 -14.15
CA GLY C 67 -46.57 -7.18 -15.50
C GLY C 67 -45.20 -7.82 -15.71
N LEU C 68 -44.72 -7.72 -16.94
CA LEU C 68 -43.45 -8.31 -17.35
C LEU C 68 -42.42 -7.22 -17.61
N PRO C 69 -41.45 -7.01 -16.71
CA PRO C 69 -40.39 -6.04 -16.97
C PRO C 69 -39.58 -6.44 -18.19
N ASN C 70 -39.30 -5.47 -19.05
CA ASN C 70 -38.58 -5.69 -20.31
C ASN C 70 -37.16 -5.16 -20.11
N LEU C 71 -36.20 -6.08 -19.97
CA LEU C 71 -34.79 -5.75 -19.89
C LEU C 71 -34.05 -6.20 -21.15
N GLN C 72 -34.78 -6.52 -22.21
CA GLN C 72 -34.15 -7.13 -23.38
C GLN C 72 -33.58 -6.09 -24.33
N HIS C 73 -34.01 -4.83 -24.23
CA HIS C 73 -33.59 -3.86 -25.23
C HIS C 73 -33.14 -2.55 -24.57
N LEU C 74 -32.34 -1.79 -25.32
CA LEU C 74 -31.76 -0.54 -24.88
C LEU C 74 -32.00 0.52 -25.93
N GLY C 75 -32.04 1.78 -25.51
CA GLY C 75 -32.04 2.88 -26.47
C GLY C 75 -30.63 3.23 -26.99
N LYS C 76 -30.58 4.25 -27.83
CA LYS C 76 -29.30 4.72 -28.35
C LYS C 76 -28.47 5.32 -27.21
N LEU C 77 -27.23 4.86 -27.05
CA LEU C 77 -26.28 5.51 -26.15
C LEU C 77 -25.64 6.71 -26.81
N TYR C 78 -25.62 7.85 -26.13
CA TYR C 78 -24.93 9.03 -26.63
C TYR C 78 -23.56 9.10 -25.97
N ILE C 79 -22.51 8.77 -26.71
CA ILE C 79 -21.17 8.66 -26.16
C ILE C 79 -20.33 9.83 -26.67
N GLY C 80 -19.82 10.64 -25.74
CA GLY C 80 -19.04 11.78 -26.13
C GLY C 80 -17.57 11.43 -26.36
N GLN C 81 -16.88 12.33 -27.07
CA GLN C 81 -15.48 12.12 -27.39
C GLN C 81 -14.52 13.05 -26.65
N HIS C 82 -15.04 14.01 -25.91
CA HIS C 82 -14.23 14.92 -25.09
C HIS C 82 -15.14 15.41 -23.97
N THR C 83 -14.54 16.05 -22.98
CA THR C 83 -15.29 16.37 -21.76
C THR C 83 -16.60 17.09 -22.06
N GLU C 84 -16.55 18.17 -22.84
CA GLU C 84 -17.76 18.96 -23.05
C GLU C 84 -18.82 18.18 -23.80
N GLU C 85 -18.42 17.40 -24.81
CA GLU C 85 -19.39 16.61 -25.56
C GLU C 85 -19.99 15.52 -24.68
N VAL C 86 -19.18 14.92 -23.81
CA VAL C 86 -19.71 13.91 -22.88
C VAL C 86 -20.84 14.52 -22.06
N LEU C 87 -20.61 15.70 -21.48
CA LEU C 87 -21.64 16.32 -20.65
C LEU C 87 -22.90 16.61 -21.48
N GLN C 88 -22.71 17.06 -22.71
CA GLN C 88 -23.87 17.32 -23.57
C GLN C 88 -24.64 16.05 -23.91
N CYS C 89 -23.95 14.93 -24.03
CA CYS C 89 -24.64 13.64 -24.25
C CYS C 89 -25.45 13.24 -23.02
N ASP C 90 -24.90 13.45 -21.84
CA ASP C 90 -25.68 13.17 -20.64
C ASP C 90 -26.89 14.07 -20.55
N ILE C 91 -26.75 15.36 -20.92
CA ILE C 91 -27.92 16.25 -20.87
C ILE C 91 -29.00 15.74 -21.82
N ARG C 92 -28.62 15.29 -23.00
CA ARG C 92 -29.59 14.74 -23.93
C ARG C 92 -30.32 13.56 -23.30
N LYS C 93 -29.57 12.67 -22.62
CA LYS C 93 -30.16 11.47 -22.04
C LYS C 93 -31.07 11.79 -20.86
N VAL C 94 -30.64 12.68 -19.96
CA VAL C 94 -31.49 12.94 -18.79
C VAL C 94 -32.80 13.59 -19.21
N LYS C 95 -32.77 14.42 -20.26
CA LYS C 95 -34.01 15.02 -20.78
C LYS C 95 -34.98 13.95 -21.29
N GLU C 96 -34.45 12.90 -21.93
CA GLU C 96 -35.30 11.79 -22.35
C GLU C 96 -35.91 11.11 -21.13
N ASN C 97 -35.09 10.85 -20.11
CA ASN C 97 -35.58 10.22 -18.89
C ASN C 97 -36.73 11.04 -18.31
N ILE C 98 -36.52 12.34 -18.17
CA ILE C 98 -37.49 13.20 -17.50
C ILE C 98 -38.80 13.24 -18.28
N GLU C 99 -38.70 13.28 -19.60
CA GLU C 99 -39.92 13.30 -20.41
C GLU C 99 -40.73 12.03 -20.22
N ALA C 100 -40.06 10.87 -20.18
CA ALA C 100 -40.79 9.63 -19.96
C ALA C 100 -41.34 9.56 -18.55
N ILE C 101 -40.58 10.05 -17.57
CA ILE C 101 -41.05 10.01 -16.19
C ILE C 101 -42.26 10.93 -15.99
N GLN C 102 -42.21 12.13 -16.55
CA GLN C 102 -43.34 13.05 -16.40
C GLN C 102 -44.63 12.44 -16.97
N LYS C 103 -44.52 11.77 -18.10
CA LYS C 103 -45.74 11.18 -18.66
C LYS C 103 -46.18 9.97 -17.84
N ALA C 104 -45.23 9.25 -17.23
CA ALA C 104 -45.62 8.19 -16.31
C ALA C 104 -46.38 8.77 -15.12
N VAL C 105 -45.91 9.92 -14.61
CA VAL C 105 -46.61 10.58 -13.51
C VAL C 105 -48.02 10.96 -13.93
N ALA C 106 -48.14 11.62 -15.07
CA ALA C 106 -49.44 12.09 -15.54
C ALA C 106 -50.38 10.91 -15.75
N LEU C 107 -49.87 9.80 -16.28
CA LEU C 107 -50.71 8.63 -16.55
C LEU C 107 -51.08 7.91 -15.28
N ALA C 108 -50.14 7.77 -14.35
CA ALA C 108 -50.45 7.16 -13.07
C ALA C 108 -51.56 7.92 -12.35
N GLU C 109 -51.54 9.25 -12.41
CA GLU C 109 -52.58 10.05 -11.76
C GLU C 109 -53.94 9.78 -12.40
N THR C 110 -53.99 9.82 -13.73
CA THR C 110 -55.26 9.66 -14.43
C THR C 110 -55.87 8.30 -14.13
N GLU C 111 -55.05 7.26 -14.10
CA GLU C 111 -55.52 5.90 -13.85
C GLU C 111 -55.58 5.56 -12.36
N GLN C 112 -55.34 6.53 -11.50
CA GLN C 112 -55.43 6.35 -10.05
C GLN C 112 -54.48 5.26 -9.54
N ASP C 113 -53.28 5.24 -10.10
CA ASP C 113 -52.21 4.40 -9.55
C ASP C 113 -51.27 5.29 -8.74
N TYR C 114 -51.75 5.68 -7.58
CA TYR C 114 -51.09 6.74 -6.82
C TYR C 114 -49.77 6.29 -6.21
N VAL C 115 -49.64 5.01 -5.89
CA VAL C 115 -48.36 4.53 -5.38
C VAL C 115 -47.32 4.51 -6.48
N THR C 116 -47.72 4.12 -7.70
CA THR C 116 -46.81 4.24 -8.84
C THR C 116 -46.44 5.71 -9.06
N ARG C 117 -47.43 6.61 -8.99
CA ARG C 117 -47.10 8.02 -9.18
C ARG C 117 -46.00 8.45 -8.23
N ASP C 118 -46.12 8.10 -6.95
CA ASP C 118 -45.15 8.59 -5.98
C ASP C 118 -43.76 8.00 -6.25
N LEU C 119 -43.71 6.74 -6.69
CA LEU C 119 -42.42 6.14 -7.04
C LEU C 119 -41.71 6.93 -8.13
N VAL C 120 -42.42 7.23 -9.21
CA VAL C 120 -41.76 7.91 -10.32
C VAL C 120 -41.52 9.38 -9.99
N GLN C 121 -42.37 9.97 -9.14
CA GLN C 121 -42.11 11.34 -8.71
C GLN C 121 -40.80 11.45 -7.95
N GLU C 122 -40.50 10.45 -7.10
CA GLU C 122 -39.23 10.46 -6.38
C GLU C 122 -38.07 10.35 -7.37
N ILE C 123 -38.20 9.49 -8.36
CA ILE C 123 -37.15 9.33 -9.35
C ILE C 123 -36.94 10.64 -10.10
N LEU C 124 -38.03 11.31 -10.47
CA LEU C 124 -37.93 12.54 -11.23
C LEU C 124 -37.11 13.58 -10.49
N GLU C 125 -37.33 13.72 -9.17
CA GLU C 125 -36.58 14.73 -8.41
C GLU C 125 -35.07 14.49 -8.54
N LYS C 126 -34.64 13.23 -8.52
CA LYS C 126 -33.22 12.93 -8.68
C LYS C 126 -32.73 13.24 -10.11
N GLU C 127 -33.57 12.98 -11.12
CA GLU C 127 -33.18 13.26 -12.50
C GLU C 127 -33.02 14.76 -12.72
N GLU C 128 -33.89 15.57 -12.10
CA GLU C 128 -33.73 17.02 -12.16
C GLU C 128 -32.43 17.45 -11.49
N GLU C 129 -32.02 16.76 -10.42
CA GLU C 129 -30.77 17.09 -9.75
C GLU C 129 -29.56 16.83 -10.66
N TYR C 130 -29.57 15.71 -11.37
CA TYR C 130 -28.45 15.42 -12.28
C TYR C 130 -28.45 16.38 -13.46
N TRP C 131 -29.65 16.73 -13.96
CA TRP C 131 -29.74 17.73 -15.02
C TRP C 131 -29.15 19.06 -14.58
N ASP C 132 -29.51 19.49 -13.37
CA ASP C 132 -28.96 20.74 -12.84
C ASP C 132 -27.44 20.68 -12.73
N TRP C 133 -26.92 19.57 -12.22
CA TRP C 133 -25.47 19.42 -12.09
C TRP C 133 -24.78 19.52 -13.45
N LEU C 134 -25.33 18.87 -14.48
CA LEU C 134 -24.74 18.95 -15.82
C LEU C 134 -24.75 20.40 -16.35
N ASP C 135 -25.91 21.06 -16.23
CA ASP C 135 -25.99 22.47 -16.64
C ASP C 135 -24.91 23.29 -15.95
N THR C 136 -24.71 23.05 -14.66
CA THR C 136 -23.71 23.81 -13.93
C THR C 136 -22.31 23.57 -14.50
N GLN C 137 -21.99 22.31 -14.83
CA GLN C 137 -20.65 22.04 -15.36
C GLN C 137 -20.45 22.74 -16.71
N ILE C 138 -21.48 22.75 -17.54
CA ILE C 138 -21.38 23.44 -18.82
C ILE C 138 -21.10 24.92 -18.60
N ASP C 139 -21.83 25.56 -17.68
CA ASP C 139 -21.58 26.96 -17.44
C ASP C 139 -20.16 27.20 -16.92
N LEU C 140 -19.67 26.32 -16.03
CA LEU C 140 -18.34 26.46 -15.48
C LEU C 140 -17.27 26.36 -16.56
N ILE C 141 -17.47 25.49 -17.54
CA ILE C 141 -16.56 25.48 -18.69
C ILE C 141 -16.55 26.86 -19.35
N GLY C 142 -17.71 27.50 -19.42
CA GLY C 142 -17.76 28.84 -19.97
C GLY C 142 -17.00 29.85 -19.13
N SER C 143 -17.17 29.78 -17.80
CA SER C 143 -16.61 30.82 -16.94
C SER C 143 -15.11 30.67 -16.77
N VAL C 144 -14.63 29.44 -16.56
CA VAL C 144 -13.22 29.22 -16.24
C VAL C 144 -12.42 28.71 -17.42
N GLY C 145 -13.07 28.33 -18.52
CA GLY C 145 -12.37 27.75 -19.66
C GLY C 145 -12.18 26.25 -19.52
N ILE C 146 -12.10 25.56 -20.67
CA ILE C 146 -12.07 24.11 -20.64
C ILE C 146 -10.79 23.61 -19.95
N GLU C 147 -9.67 24.32 -20.12
CA GLU C 147 -8.42 23.85 -19.53
C GLU C 147 -8.48 23.87 -18.01
N ASN C 148 -8.93 25.00 -17.43
CA ASN C 148 -9.10 25.05 -15.97
C ASN C 148 -10.18 24.08 -15.51
N TYR C 149 -11.27 23.95 -16.29
CA TYR C 149 -12.37 23.09 -15.84
C TYR C 149 -11.90 21.65 -15.68
N ILE C 150 -11.22 21.11 -16.70
CA ILE C 150 -10.74 19.74 -16.61
C ILE C 150 -9.74 19.60 -15.47
N GLN C 151 -8.80 20.55 -15.39
CA GLN C 151 -7.85 20.54 -14.29
C GLN C 151 -8.55 20.37 -12.96
N SER C 152 -9.66 21.09 -12.75
CA SER C 152 -10.35 21.04 -11.47
C SER C 152 -10.98 19.69 -11.22
N ARG C 153 -11.30 18.97 -12.28
CA ARG C 153 -12.03 17.70 -12.16
C ARG C 153 -11.09 16.50 -12.22
N MET C 154 -9.78 16.73 -12.16
CA MET C 154 -8.82 15.63 -12.11
C MET C 154 -8.97 14.84 -10.81
N MET D 1 -3.15 1.14 -32.63
CA MET D 1 -3.42 1.26 -31.16
C MET D 1 -2.47 0.38 -30.36
N LYS D 2 -2.44 0.58 -29.05
CA LYS D 2 -1.50 -0.15 -28.20
C LYS D 2 -1.89 -1.61 -28.07
N GLY D 3 -3.18 -1.95 -27.98
CA GLY D 3 -3.57 -3.34 -27.83
C GLY D 3 -3.70 -4.08 -29.16
N ASN D 4 -3.87 -5.40 -29.08
CA ASN D 4 -4.10 -6.21 -30.27
C ASN D 4 -5.59 -6.19 -30.65
N ARG D 5 -5.87 -5.94 -31.93
CA ARG D 5 -7.25 -5.72 -32.38
C ARG D 5 -8.11 -6.96 -32.17
N ASP D 6 -7.56 -8.15 -32.42
CA ASP D 6 -8.32 -9.38 -32.22
C ASP D 6 -8.62 -9.62 -30.74
N VAL D 7 -7.65 -9.36 -29.87
CA VAL D 7 -7.90 -9.48 -28.42
C VAL D 7 -8.99 -8.49 -27.99
N ILE D 8 -8.92 -7.26 -28.48
CA ILE D 8 -9.94 -6.27 -28.14
C ILE D 8 -11.31 -6.76 -28.58
N ASN D 9 -11.38 -7.31 -29.80
CA ASN D 9 -12.67 -7.78 -30.32
C ASN D 9 -13.21 -8.92 -29.44
N GLN D 10 -12.36 -9.81 -28.95
CA GLN D 10 -12.90 -10.88 -28.11
C GLN D 10 -13.25 -10.35 -26.72
N LEU D 11 -12.53 -9.36 -26.19
CA LEU D 11 -12.96 -8.76 -24.94
C LEU D 11 -14.36 -8.15 -25.07
N ASN D 12 -14.64 -7.50 -26.19
CA ASN D 12 -15.98 -6.97 -26.38
C ASN D 12 -17.01 -8.08 -26.47
N GLN D 13 -16.64 -9.24 -27.01
CA GLN D 13 -17.53 -10.40 -27.00
C GLN D 13 -17.82 -10.87 -25.59
N VAL D 14 -16.78 -10.98 -24.75
CA VAL D 14 -16.98 -11.36 -23.36
C VAL D 14 -17.88 -10.35 -22.66
N LEU D 15 -17.64 -9.07 -22.91
CA LEU D 15 -18.44 -8.01 -22.30
C LEU D 15 -19.91 -8.13 -22.67
N TYR D 16 -20.18 -8.36 -23.95
CA TYR D 16 -21.55 -8.60 -24.42
C TYR D 16 -22.23 -9.66 -23.59
N HIS D 17 -21.54 -10.76 -23.30
CA HIS D 17 -22.17 -11.82 -22.53
C HIS D 17 -22.35 -11.40 -21.08
N HIS D 18 -21.39 -10.67 -20.51
CA HIS D 18 -21.58 -10.20 -19.13
C HIS D 18 -22.76 -9.24 -19.02
N LEU D 19 -22.88 -8.29 -19.95
CA LEU D 19 -24.00 -7.35 -19.90
C LEU D 19 -25.32 -8.10 -20.00
N THR D 20 -25.37 -9.10 -20.90
CA THR D 20 -26.58 -9.92 -21.03
C THR D 20 -26.84 -10.68 -19.74
N ALA D 21 -25.80 -11.23 -19.13
CA ALA D 21 -25.98 -11.99 -17.90
C ALA D 21 -26.48 -11.12 -16.75
N ILE D 22 -25.96 -9.90 -16.61
CA ILE D 22 -26.46 -8.97 -15.60
C ILE D 22 -27.98 -8.95 -15.63
N ASN D 23 -28.54 -8.67 -16.82
CA ASN D 23 -29.97 -8.44 -16.94
C ASN D 23 -30.75 -9.72 -16.70
N GLN D 24 -30.28 -10.85 -17.24
CA GLN D 24 -30.96 -12.11 -17.01
C GLN D 24 -30.96 -12.45 -15.51
N TYR D 25 -29.79 -12.42 -14.88
CA TYR D 25 -29.76 -12.78 -13.46
C TYR D 25 -30.53 -11.76 -12.63
N PHE D 26 -30.44 -10.47 -12.96
CA PHE D 26 -31.13 -9.48 -12.14
C PHE D 26 -32.64 -9.68 -12.21
N LEU D 27 -33.18 -9.87 -13.42
CA LEU D 27 -34.63 -10.11 -13.52
C LEU D 27 -35.01 -11.38 -12.77
N HIS D 28 -34.21 -12.44 -12.90
CA HIS D 28 -34.49 -13.67 -12.16
C HIS D 28 -34.51 -13.43 -10.67
N SER D 29 -33.57 -12.62 -10.17
CA SER D 29 -33.59 -12.28 -8.76
C SER D 29 -34.93 -11.68 -8.36
N ARG D 30 -35.37 -10.67 -9.10
CA ARG D 30 -36.60 -9.99 -8.73
C ARG D 30 -37.82 -10.88 -8.96
N MET D 31 -37.75 -11.80 -9.93
CA MET D 31 -38.81 -12.78 -10.11
C MET D 31 -38.89 -13.74 -8.92
N PHE D 32 -37.75 -14.25 -8.46
CA PHE D 32 -37.77 -15.08 -7.26
C PHE D 32 -38.35 -14.32 -6.07
N ASN D 33 -37.96 -13.06 -5.91
CA ASN D 33 -38.49 -12.31 -4.77
C ASN D 33 -40.00 -12.15 -4.88
N ASP D 34 -40.48 -11.87 -6.09
CA ASP D 34 -41.91 -11.78 -6.36
C ASP D 34 -42.62 -13.09 -6.01
N TRP D 35 -41.94 -14.22 -6.17
CA TRP D 35 -42.53 -15.52 -5.84
C TRP D 35 -42.41 -15.87 -4.37
N GLY D 36 -41.71 -15.07 -3.58
CA GLY D 36 -41.50 -15.42 -2.19
C GLY D 36 -40.35 -16.36 -1.97
N ILE D 37 -39.48 -16.52 -2.97
CA ILE D 37 -38.38 -17.46 -2.86
C ILE D 37 -37.08 -16.68 -2.62
N GLU D 38 -36.92 -16.18 -1.40
CA GLU D 38 -35.97 -15.11 -1.18
C GLU D 38 -34.51 -15.55 -1.23
N GLN D 39 -34.18 -16.79 -0.81
CA GLN D 39 -32.78 -17.20 -0.88
C GLN D 39 -32.31 -17.36 -2.32
N LEU D 40 -33.21 -17.71 -3.23
CA LEU D 40 -32.86 -17.70 -4.65
C LEU D 40 -32.82 -16.28 -5.20
N GLY D 41 -33.71 -15.41 -4.72
CA GLY D 41 -33.60 -14.00 -5.07
C GLY D 41 -32.24 -13.44 -4.72
N SER D 42 -31.76 -13.73 -3.51
CA SER D 42 -30.45 -13.26 -3.08
C SER D 42 -29.32 -13.89 -3.89
N ALA D 43 -29.36 -15.20 -4.12
CA ALA D 43 -28.28 -15.81 -4.88
C ALA D 43 -28.17 -15.21 -6.29
N GLU D 44 -29.33 -14.98 -6.94
CA GLU D 44 -29.30 -14.43 -8.30
C GLU D 44 -28.82 -12.98 -8.30
N TYR D 45 -29.20 -12.22 -7.28
CA TYR D 45 -28.72 -10.86 -7.13
C TYR D 45 -27.20 -10.83 -7.02
N LYS D 46 -26.65 -11.66 -6.13
CA LYS D 46 -25.19 -11.67 -5.99
C LYS D 46 -24.49 -12.01 -7.29
N GLU D 47 -25.03 -12.96 -8.06
CA GLU D 47 -24.38 -13.30 -9.33
C GLU D 47 -24.58 -12.19 -10.36
N SER D 48 -25.69 -11.46 -10.28
CA SER D 48 -25.84 -10.27 -11.13
C SER D 48 -24.75 -9.24 -10.84
N ILE D 49 -24.53 -8.94 -9.56
CA ILE D 49 -23.48 -7.99 -9.17
C ILE D 49 -22.11 -8.49 -9.61
N ARG D 50 -21.86 -9.79 -9.47
CA ARG D 50 -20.58 -10.33 -9.92
C ARG D 50 -20.38 -10.05 -11.41
N GLN D 51 -21.43 -10.26 -12.22
CA GLN D 51 -21.32 -9.95 -13.64
C GLN D 51 -21.11 -8.47 -13.86
N MET D 52 -21.71 -7.62 -13.03
CA MET D 52 -21.49 -6.19 -13.14
C MET D 52 -20.01 -5.85 -12.91
N LYS D 53 -19.39 -6.46 -11.90
CA LYS D 53 -17.98 -6.24 -11.64
C LYS D 53 -17.09 -6.81 -12.76
N HIS D 54 -17.46 -7.98 -13.31
CA HIS D 54 -16.75 -8.51 -14.47
C HIS D 54 -16.82 -7.53 -15.63
N ALA D 55 -18.02 -7.03 -15.94
CA ALA D 55 -18.17 -6.10 -17.04
C ALA D 55 -17.31 -4.87 -16.82
N ASP D 56 -17.30 -4.36 -15.59
CA ASP D 56 -16.46 -3.21 -15.26
C ASP D 56 -15.00 -3.47 -15.58
N LYS D 57 -14.45 -4.60 -15.12
CA LYS D 57 -13.03 -4.87 -15.35
C LYS D 57 -12.72 -5.00 -16.83
N ILE D 58 -13.61 -5.60 -17.61
CA ILE D 58 -13.37 -5.74 -19.03
C ILE D 58 -13.41 -4.38 -19.71
N ILE D 59 -14.41 -3.57 -19.36
CA ILE D 59 -14.53 -2.22 -19.91
C ILE D 59 -13.23 -1.46 -19.68
N GLU D 60 -12.74 -1.54 -18.45
CA GLU D 60 -11.51 -0.81 -18.13
C GLU D 60 -10.31 -1.37 -18.90
N ARG D 61 -10.25 -2.68 -19.08
CA ARG D 61 -9.14 -3.26 -19.84
C ARG D 61 -9.21 -2.85 -21.31
N ILE D 62 -10.40 -2.84 -21.90
CA ILE D 62 -10.51 -2.43 -23.29
C ILE D 62 -10.03 -0.99 -23.44
N LEU D 63 -10.42 -0.11 -22.52
CA LEU D 63 -10.03 1.29 -22.65
C LEU D 63 -8.53 1.46 -22.48
N PHE D 64 -7.94 0.75 -21.52
CA PHE D 64 -6.49 0.79 -21.38
C PHE D 64 -5.82 0.41 -22.69
N LEU D 65 -6.34 -0.60 -23.38
CA LEU D 65 -5.80 -1.04 -24.67
C LEU D 65 -6.18 -0.11 -25.82
N GLU D 66 -6.89 0.98 -25.52
CA GLU D 66 -7.24 1.99 -26.52
C GLU D 66 -8.26 1.49 -27.52
N GLY D 67 -9.12 0.55 -27.12
CA GLY D 67 -10.25 0.13 -27.92
C GLY D 67 -11.52 0.79 -27.39
N LEU D 68 -12.64 0.53 -28.09
CA LEU D 68 -13.95 1.11 -27.79
C LEU D 68 -14.88 0.08 -27.15
N PRO D 69 -15.15 0.15 -25.84
CA PRO D 69 -16.09 -0.79 -25.25
C PRO D 69 -17.50 -0.62 -25.81
N ASN D 70 -18.14 -1.75 -26.12
CA ASN D 70 -19.47 -1.75 -26.75
C ASN D 70 -20.51 -2.18 -25.73
N LEU D 71 -21.32 -1.23 -25.26
CA LEU D 71 -22.39 -1.52 -24.32
C LEU D 71 -23.76 -1.37 -24.97
N GLN D 72 -23.81 -1.30 -26.29
CA GLN D 72 -25.04 -0.94 -26.98
C GLN D 72 -25.96 -2.12 -27.21
N HIS D 73 -25.45 -3.35 -27.12
CA HIS D 73 -26.20 -4.51 -27.55
C HIS D 73 -26.26 -5.56 -26.45
N LEU D 74 -27.34 -6.36 -26.48
CA LEU D 74 -27.60 -7.41 -25.52
C LEU D 74 -27.96 -8.66 -26.32
N GLY D 75 -27.61 -9.81 -25.77
CA GLY D 75 -28.05 -11.07 -26.32
C GLY D 75 -29.40 -11.51 -25.80
N LYS D 76 -29.82 -12.70 -26.23
CA LYS D 76 -31.10 -13.24 -25.80
C LYS D 76 -31.10 -13.50 -24.29
N LEU D 77 -32.11 -12.97 -23.61
CA LEU D 77 -32.36 -13.32 -22.22
C LEU D 77 -33.13 -14.63 -22.20
N TYR D 78 -32.65 -15.59 -21.41
CA TYR D 78 -33.38 -16.84 -21.19
C TYR D 78 -34.12 -16.67 -19.88
N ILE D 79 -35.42 -16.38 -19.95
CA ILE D 79 -36.22 -16.06 -18.77
C ILE D 79 -37.16 -17.22 -18.46
N GLY D 80 -37.02 -17.81 -17.28
CA GLY D 80 -37.86 -18.92 -16.90
C GLY D 80 -39.20 -18.50 -16.31
N GLN D 81 -40.12 -19.46 -16.26
CA GLN D 81 -41.45 -19.25 -15.72
C GLN D 81 -41.71 -20.02 -14.43
N HIS D 82 -40.78 -20.85 -14.00
CA HIS D 82 -40.85 -21.49 -12.70
C HIS D 82 -39.43 -21.83 -12.27
N THR D 83 -39.27 -22.14 -10.98
CA THR D 83 -37.94 -22.25 -10.38
C THR D 83 -36.98 -23.13 -11.19
N GLU D 84 -37.39 -24.35 -11.53
CA GLU D 84 -36.47 -25.27 -12.20
C GLU D 84 -36.08 -24.74 -13.59
N GLU D 85 -37.05 -24.16 -14.31
CA GLU D 85 -36.76 -23.60 -15.62
C GLU D 85 -35.84 -22.39 -15.51
N VAL D 86 -36.01 -21.55 -14.47
CA VAL D 86 -35.10 -20.43 -14.27
C VAL D 86 -33.66 -20.93 -14.15
N LEU D 87 -33.47 -21.97 -13.31
CA LEU D 87 -32.12 -22.50 -13.10
C LEU D 87 -31.51 -23.01 -14.40
N GLN D 88 -32.29 -23.74 -15.20
CA GLN D 88 -31.81 -24.20 -16.50
C GLN D 88 -31.53 -23.05 -17.45
N CYS D 89 -32.29 -21.95 -17.35
CA CYS D 89 -31.99 -20.77 -18.16
C CYS D 89 -30.67 -20.16 -17.77
N ASP D 90 -30.38 -20.09 -16.47
CA ASP D 90 -29.08 -19.62 -16.02
C ASP D 90 -27.96 -20.55 -16.48
N ILE D 91 -28.20 -21.87 -16.44
CA ILE D 91 -27.16 -22.80 -16.90
C ILE D 91 -26.84 -22.55 -18.36
N ARG D 92 -27.88 -22.31 -19.17
CA ARG D 92 -27.63 -22.00 -20.57
C ARG D 92 -26.75 -20.77 -20.69
N LYS D 93 -27.04 -19.74 -19.89
CA LYS D 93 -26.28 -18.49 -20.00
C LYS D 93 -24.84 -18.67 -19.55
N VAL D 94 -24.62 -19.31 -18.41
CA VAL D 94 -23.26 -19.40 -17.91
C VAL D 94 -22.43 -20.22 -18.87
N LYS D 95 -23.04 -21.22 -19.52
CA LYS D 95 -22.33 -21.98 -20.54
C LYS D 95 -21.87 -21.08 -21.67
N GLU D 96 -22.70 -20.11 -22.07
CA GLU D 96 -22.29 -19.16 -23.10
C GLU D 96 -21.13 -18.30 -22.62
N ASN D 97 -21.26 -17.76 -21.40
CA ASN D 97 -20.19 -16.95 -20.81
C ASN D 97 -18.88 -17.71 -20.83
N ILE D 98 -18.91 -18.95 -20.36
CA ILE D 98 -17.66 -19.69 -20.20
C ILE D 98 -17.00 -19.96 -21.55
N GLU D 99 -17.80 -20.30 -22.57
CA GLU D 99 -17.21 -20.54 -23.89
C GLU D 99 -16.55 -19.28 -24.42
N ALA D 100 -17.19 -18.12 -24.25
CA ALA D 100 -16.59 -16.88 -24.73
C ALA D 100 -15.31 -16.56 -23.96
N ILE D 101 -15.30 -16.78 -22.65
CA ILE D 101 -14.10 -16.49 -21.87
C ILE D 101 -12.95 -17.42 -22.25
N GLN D 102 -13.25 -18.71 -22.39
CA GLN D 102 -12.21 -19.65 -22.79
C GLN D 102 -11.55 -19.23 -24.09
N LYS D 103 -12.34 -18.73 -25.06
CA LYS D 103 -11.70 -18.31 -26.31
C LYS D 103 -10.86 -17.05 -26.09
N ALA D 104 -11.28 -16.18 -25.16
CA ALA D 104 -10.45 -15.02 -24.85
C ALA D 104 -9.11 -15.42 -24.25
N VAL D 105 -9.13 -16.41 -23.36
CA VAL D 105 -7.87 -16.89 -22.77
C VAL D 105 -6.95 -17.41 -23.87
N ALA D 106 -7.48 -18.30 -24.72
CA ALA D 106 -6.67 -18.94 -25.75
C ALA D 106 -6.12 -17.92 -26.74
N LEU D 107 -6.96 -16.97 -27.13
CA LEU D 107 -6.53 -15.97 -28.10
C LEU D 107 -5.54 -15.00 -27.47
N ALA D 108 -5.77 -14.60 -26.21
CA ALA D 108 -4.82 -13.75 -25.51
C ALA D 108 -3.44 -14.37 -25.43
N GLU D 109 -3.37 -15.68 -25.15
CA GLU D 109 -2.09 -16.34 -25.03
C GLU D 109 -1.31 -16.23 -26.34
N THR D 110 -1.97 -16.51 -27.47
CA THR D 110 -1.29 -16.52 -28.75
C THR D 110 -0.74 -15.14 -29.11
N GLU D 111 -1.47 -14.09 -28.78
CA GLU D 111 -1.01 -12.74 -29.08
C GLU D 111 -0.12 -12.16 -28.01
N GLN D 112 0.22 -12.94 -27.00
CA GLN D 112 1.09 -12.51 -25.91
C GLN D 112 0.52 -11.33 -25.16
N ASP D 113 -0.80 -11.34 -24.95
CA ASP D 113 -1.44 -10.37 -24.06
C ASP D 113 -1.72 -11.05 -22.73
N TYR D 114 -0.62 -11.24 -21.99
CA TYR D 114 -0.67 -12.11 -20.82
C TYR D 114 -1.44 -11.51 -19.67
N VAL D 115 -1.49 -10.17 -19.56
CA VAL D 115 -2.28 -9.56 -18.50
C VAL D 115 -3.77 -9.72 -18.81
N THR D 116 -4.17 -9.55 -20.07
CA THR D 116 -5.57 -9.81 -20.42
C THR D 116 -5.95 -11.26 -20.12
N ARG D 117 -5.09 -12.22 -20.48
CA ARG D 117 -5.39 -13.62 -20.17
C ARG D 117 -5.69 -13.79 -18.70
N ASP D 118 -4.85 -13.20 -17.85
CA ASP D 118 -5.01 -13.39 -16.42
C ASP D 118 -6.31 -12.79 -15.91
N LEU D 119 -6.70 -11.63 -16.45
CA LEU D 119 -7.99 -11.06 -16.08
C LEU D 119 -9.14 -12.00 -16.42
N VAL D 120 -9.15 -12.54 -17.63
CA VAL D 120 -10.28 -13.39 -18.02
C VAL D 120 -10.20 -14.76 -17.34
N GLN D 121 -8.99 -15.22 -17.00
CA GLN D 121 -8.88 -16.46 -16.23
C GLN D 121 -9.51 -16.31 -14.85
N GLU D 122 -9.33 -15.17 -14.19
CA GLU D 122 -9.97 -14.95 -12.90
C GLU D 122 -11.49 -14.97 -13.04
N ILE D 123 -12.01 -14.28 -14.05
CA ILE D 123 -13.45 -14.30 -14.30
C ILE D 123 -13.92 -15.71 -14.55
N LEU D 124 -13.16 -16.48 -15.34
CA LEU D 124 -13.57 -17.85 -15.66
C LEU D 124 -13.83 -18.66 -14.40
N GLU D 125 -12.96 -18.53 -13.41
CA GLU D 125 -13.11 -19.30 -12.18
C GLU D 125 -14.46 -19.04 -11.52
N LYS D 126 -14.89 -17.77 -11.48
CA LYS D 126 -16.18 -17.45 -10.87
C LYS D 126 -17.34 -17.99 -11.68
N GLU D 127 -17.24 -17.97 -13.01
CA GLU D 127 -18.31 -18.52 -13.84
C GLU D 127 -18.45 -20.02 -13.61
N GLU D 128 -17.32 -20.72 -13.47
CA GLU D 128 -17.37 -22.14 -13.13
C GLU D 128 -18.03 -22.37 -11.77
N GLU D 129 -17.80 -21.46 -10.82
CA GLU D 129 -18.44 -21.57 -9.51
C GLU D 129 -19.96 -21.43 -9.61
N TYR D 130 -20.43 -20.46 -10.39
CA TYR D 130 -21.88 -20.31 -10.51
C TYR D 130 -22.50 -21.48 -11.26
N TRP D 131 -21.81 -21.99 -12.30
CA TRP D 131 -22.28 -23.17 -12.99
C TRP D 131 -22.43 -24.33 -12.03
N ASP D 132 -21.42 -24.54 -11.21
CA ASP D 132 -21.44 -25.61 -10.23
C ASP D 132 -22.61 -25.46 -9.27
N TRP D 133 -22.84 -24.24 -8.77
CA TRP D 133 -23.96 -24.01 -7.86
C TRP D 133 -25.28 -24.33 -8.54
N LEU D 134 -25.45 -23.90 -9.81
CA LEU D 134 -26.68 -24.18 -10.54
C LEU D 134 -26.91 -25.69 -10.71
N ASP D 135 -25.86 -26.41 -11.14
CA ASP D 135 -25.96 -27.86 -11.28
C ASP D 135 -26.40 -28.49 -9.97
N THR D 136 -25.82 -28.06 -8.86
CA THR D 136 -26.20 -28.58 -7.55
C THR D 136 -27.68 -28.33 -7.28
N GLN D 137 -28.20 -27.16 -7.64
CA GLN D 137 -29.60 -26.86 -7.39
C GLN D 137 -30.50 -27.81 -8.17
N ILE D 138 -30.14 -28.11 -9.42
CA ILE D 138 -30.92 -29.08 -10.18
C ILE D 138 -30.85 -30.44 -9.51
N ASP D 139 -29.65 -30.83 -9.08
CA ASP D 139 -29.52 -32.11 -8.40
C ASP D 139 -30.36 -32.16 -7.13
N LEU D 140 -30.35 -31.07 -6.35
CA LEU D 140 -31.17 -31.02 -5.14
C LEU D 140 -32.66 -31.09 -5.47
N ILE D 141 -33.08 -30.43 -6.54
CA ILE D 141 -34.47 -30.57 -6.96
C ILE D 141 -34.79 -32.05 -7.19
N GLY D 142 -33.84 -32.78 -7.76
CA GLY D 142 -34.04 -34.21 -7.95
C GLY D 142 -34.11 -34.99 -6.65
N SER D 143 -33.24 -34.66 -5.70
CA SER D 143 -33.13 -35.44 -4.46
C SER D 143 -34.29 -35.19 -3.52
N VAL D 144 -34.67 -33.92 -3.31
CA VAL D 144 -35.66 -33.60 -2.29
C VAL D 144 -37.04 -33.32 -2.86
N GLY D 145 -37.17 -33.16 -4.17
CA GLY D 145 -38.43 -32.77 -4.80
C GLY D 145 -38.60 -31.26 -4.86
N ILE D 146 -39.34 -30.80 -5.86
CA ILE D 146 -39.44 -29.35 -6.11
C ILE D 146 -40.11 -28.65 -4.92
N GLU D 147 -41.09 -29.28 -4.28
CA GLU D 147 -41.79 -28.62 -3.17
C GLU D 147 -40.87 -28.38 -2.00
N ASN D 148 -40.09 -29.39 -1.60
CA ASN D 148 -39.09 -29.21 -0.54
C ASN D 148 -38.00 -28.25 -0.98
N TYR D 149 -37.61 -28.32 -2.26
CA TYR D 149 -36.51 -27.46 -2.72
C TYR D 149 -36.90 -25.98 -2.59
N ILE D 150 -38.09 -25.62 -3.10
CA ILE D 150 -38.56 -24.25 -2.99
C ILE D 150 -38.72 -23.85 -1.54
N GLN D 151 -39.39 -24.70 -0.75
CA GLN D 151 -39.53 -24.43 0.68
C GLN D 151 -38.20 -24.05 1.30
N SER D 152 -37.12 -24.75 0.93
CA SER D 152 -35.82 -24.46 1.53
C SER D 152 -35.27 -23.11 1.08
N ARG D 153 -35.71 -22.62 -0.09
CA ARG D 153 -35.16 -21.41 -0.67
C ARG D 153 -36.03 -20.19 -0.38
N MET D 154 -37.02 -20.30 0.50
CA MET D 154 -37.84 -19.19 0.90
C MET D 154 -37.07 -18.12 1.67
N MET E 1 -19.04 -36.57 -18.90
CA MET E 1 -18.75 -35.71 -17.76
C MET E 1 -18.38 -34.31 -18.26
N LYS E 2 -18.41 -33.32 -17.37
CA LYS E 2 -18.11 -31.97 -17.85
C LYS E 2 -16.62 -31.83 -18.15
N GLY E 3 -15.73 -32.45 -17.36
CA GLY E 3 -14.30 -32.27 -17.57
C GLY E 3 -13.71 -33.18 -18.65
N ASN E 4 -12.44 -32.91 -18.98
CA ASN E 4 -11.71 -33.74 -19.94
C ASN E 4 -11.12 -34.95 -19.22
N ARG E 5 -11.29 -36.14 -19.82
CA ARG E 5 -10.89 -37.37 -19.14
C ARG E 5 -9.38 -37.42 -18.89
N ASP E 6 -8.57 -36.97 -19.86
CA ASP E 6 -7.13 -36.98 -19.68
C ASP E 6 -6.69 -36.01 -18.59
N VAL E 7 -7.33 -34.84 -18.50
CA VAL E 7 -7.04 -33.91 -17.40
C VAL E 7 -7.38 -34.56 -16.06
N ILE E 8 -8.54 -35.20 -16.00
CA ILE E 8 -8.98 -35.83 -14.75
C ILE E 8 -7.98 -36.91 -14.34
N ASN E 9 -7.56 -37.75 -15.29
CA ASN E 9 -6.63 -38.83 -14.94
C ASN E 9 -5.33 -38.25 -14.39
N GLN E 10 -4.84 -37.15 -14.97
CA GLN E 10 -3.60 -36.59 -14.46
C GLN E 10 -3.82 -35.89 -13.10
N LEU E 11 -4.99 -35.27 -12.89
CA LEU E 11 -5.30 -34.75 -11.55
C LEU E 11 -5.31 -35.87 -10.52
N ASN E 12 -5.83 -37.05 -10.90
CA ASN E 12 -5.77 -38.16 -9.96
C ASN E 12 -4.32 -38.56 -9.69
N GLN E 13 -3.42 -38.42 -10.68
CA GLN E 13 -2.01 -38.70 -10.40
C GLN E 13 -1.43 -37.72 -9.41
N VAL E 14 -1.72 -36.43 -9.59
CA VAL E 14 -1.24 -35.42 -8.66
C VAL E 14 -1.72 -35.77 -7.25
N LEU E 15 -3.00 -36.10 -7.12
CA LEU E 15 -3.56 -36.49 -5.82
C LEU E 15 -2.84 -37.68 -5.23
N TYR E 16 -2.56 -38.71 -6.04
CA TYR E 16 -1.79 -39.85 -5.57
C TYR E 16 -0.51 -39.41 -4.90
N HIS E 17 0.21 -38.49 -5.52
CA HIS E 17 1.48 -38.05 -4.95
C HIS E 17 1.28 -37.19 -3.71
N HIS E 18 0.25 -36.35 -3.68
CA HIS E 18 -0.03 -35.60 -2.46
C HIS E 18 -0.36 -36.54 -1.30
N LEU E 19 -1.23 -37.52 -1.54
CA LEU E 19 -1.61 -38.44 -0.46
C LEU E 19 -0.37 -39.16 0.06
N THR E 20 0.53 -39.54 -0.84
CA THR E 20 1.78 -40.18 -0.43
C THR E 20 2.64 -39.22 0.40
N ALA E 21 2.77 -37.97 -0.06
CA ALA E 21 3.57 -36.98 0.66
C ALA E 21 3.01 -36.67 2.04
N ILE E 22 1.68 -36.55 2.16
CA ILE E 22 1.07 -36.37 3.48
C ILE E 22 1.66 -37.35 4.48
N ASN E 23 1.58 -38.65 4.14
CA ASN E 23 1.96 -39.67 5.11
C ASN E 23 3.46 -39.67 5.38
N GLN E 24 4.26 -39.49 4.32
CA GLN E 24 5.70 -39.44 4.50
C GLN E 24 6.11 -38.28 5.41
N TYR E 25 5.65 -37.07 5.09
CA TYR E 25 6.07 -35.93 5.89
C TYR E 25 5.53 -36.07 7.31
N PHE E 26 4.32 -36.59 7.45
CA PHE E 26 3.73 -36.72 8.77
C PHE E 26 4.53 -37.70 9.63
N LEU E 27 4.87 -38.87 9.07
CA LEU E 27 5.68 -39.80 9.84
C LEU E 27 7.03 -39.19 10.16
N HIS E 28 7.64 -38.49 9.19
CA HIS E 28 8.93 -37.83 9.47
C HIS E 28 8.79 -36.82 10.61
N SER E 29 7.68 -36.07 10.63
CA SER E 29 7.45 -35.14 11.73
C SER E 29 7.51 -35.86 13.07
N ARG E 30 6.76 -36.96 13.19
CA ARG E 30 6.69 -37.64 14.47
C ARG E 30 8.00 -38.36 14.78
N MET E 31 8.73 -38.81 13.77
CA MET E 31 10.06 -39.37 14.03
C MET E 31 11.02 -38.29 14.53
N PHE E 32 11.01 -37.13 13.89
CA PHE E 32 11.84 -36.05 14.39
C PHE E 32 11.47 -35.73 15.82
N ASN E 33 10.17 -35.68 16.12
CA ASN E 33 9.76 -35.38 17.49
C ASN E 33 10.24 -36.47 18.43
N ASP E 34 10.10 -37.74 18.02
CA ASP E 34 10.59 -38.87 18.83
C ASP E 34 12.09 -38.79 19.07
N TRP E 35 12.83 -38.23 18.11
CA TRP E 35 14.27 -38.05 18.28
C TRP E 35 14.64 -36.80 19.07
N GLY E 36 13.67 -35.96 19.43
CA GLY E 36 13.97 -34.72 20.11
C GLY E 36 14.36 -33.56 19.23
N ILE E 37 14.14 -33.64 17.92
CA ILE E 37 14.53 -32.59 16.99
C ILE E 37 13.28 -31.83 16.56
N GLU E 38 12.77 -30.99 17.46
CA GLU E 38 11.38 -30.54 17.37
C GLU E 38 11.17 -29.51 16.25
N GLN E 39 12.19 -28.70 15.92
CA GLN E 39 11.98 -27.71 14.85
C GLN E 39 11.82 -28.37 13.48
N LEU E 40 12.51 -29.48 13.24
CA LEU E 40 12.28 -30.24 12.03
C LEU E 40 10.99 -31.05 12.13
N GLY E 41 10.64 -31.49 13.35
CA GLY E 41 9.32 -32.04 13.54
C GLY E 41 8.23 -31.08 13.12
N SER E 42 8.38 -29.80 13.51
CA SER E 42 7.39 -28.80 13.15
C SER E 42 7.39 -28.54 11.64
N ALA E 43 8.58 -28.44 11.05
CA ALA E 43 8.65 -28.15 9.62
C ALA E 43 7.96 -29.24 8.80
N GLU E 44 8.17 -30.51 9.17
CA GLU E 44 7.56 -31.62 8.44
C GLU E 44 6.06 -31.64 8.65
N TYR E 45 5.60 -31.31 9.87
CA TYR E 45 4.16 -31.25 10.15
C TYR E 45 3.48 -30.23 9.24
N LYS E 46 4.05 -29.02 9.16
CA LYS E 46 3.48 -27.98 8.32
C LYS E 46 3.41 -28.42 6.87
N GLU E 47 4.47 -29.06 6.36
CA GLU E 47 4.43 -29.46 4.97
C GLU E 47 3.44 -30.62 4.77
N SER E 48 3.27 -31.49 5.75
CA SER E 48 2.21 -32.49 5.68
C SER E 48 0.83 -31.83 5.59
N ILE E 49 0.57 -30.86 6.46
CA ILE E 49 -0.71 -30.14 6.42
C ILE E 49 -0.88 -29.45 5.09
N ARG E 50 0.20 -28.88 4.55
CA ARG E 50 0.11 -28.26 3.23
C ARG E 50 -0.29 -29.28 2.18
N GLN E 51 0.29 -30.48 2.23
CA GLN E 51 -0.09 -31.52 1.29
C GLN E 51 -1.55 -31.90 1.46
N MET E 52 -2.01 -31.90 2.72
CA MET E 52 -3.42 -32.21 2.97
C MET E 52 -4.32 -31.19 2.30
N LYS E 53 -3.98 -29.91 2.39
CA LYS E 53 -4.75 -28.88 1.72
C LYS E 53 -4.65 -29.04 0.19
N HIS E 54 -3.47 -29.37 -0.32
CA HIS E 54 -3.34 -29.63 -1.76
C HIS E 54 -4.30 -30.74 -2.17
N ALA E 55 -4.29 -31.84 -1.44
CA ALA E 55 -5.16 -32.98 -1.76
C ALA E 55 -6.62 -32.58 -1.74
N ASP E 56 -7.03 -31.79 -0.75
CA ASP E 56 -8.42 -31.29 -0.70
C ASP E 56 -8.78 -30.53 -1.97
N LYS E 57 -7.93 -29.59 -2.36
CA LYS E 57 -8.21 -28.79 -3.55
C LYS E 57 -8.31 -29.65 -4.80
N ILE E 58 -7.46 -30.68 -4.93
CA ILE E 58 -7.51 -31.55 -6.11
C ILE E 58 -8.80 -32.38 -6.09
N ILE E 59 -9.13 -32.98 -4.95
CA ILE E 59 -10.36 -33.75 -4.83
C ILE E 59 -11.56 -32.91 -5.24
N GLU E 60 -11.64 -31.70 -4.70
CA GLU E 60 -12.79 -30.86 -5.03
C GLU E 60 -12.82 -30.49 -6.50
N ARG E 61 -11.66 -30.26 -7.11
CA ARG E 61 -11.64 -29.96 -8.53
C ARG E 61 -12.09 -31.17 -9.35
N ILE E 62 -11.64 -32.37 -8.99
CA ILE E 62 -12.05 -33.57 -9.73
C ILE E 62 -13.55 -33.76 -9.64
N LEU E 63 -14.13 -33.57 -8.45
CA LEU E 63 -15.57 -33.74 -8.32
C LEU E 63 -16.33 -32.70 -9.14
N PHE E 64 -15.87 -31.45 -9.11
CA PHE E 64 -16.51 -30.44 -9.93
C PHE E 64 -16.50 -30.82 -11.41
N LEU E 65 -15.39 -31.40 -11.89
CA LEU E 65 -15.26 -31.90 -13.25
C LEU E 65 -16.00 -33.22 -13.45
N GLU E 66 -16.69 -33.73 -12.42
CA GLU E 66 -17.51 -34.94 -12.53
C GLU E 66 -16.67 -36.20 -12.75
N GLY E 67 -15.43 -36.18 -12.24
CA GLY E 67 -14.59 -37.35 -12.20
C GLY E 67 -14.64 -38.02 -10.83
N LEU E 68 -13.90 -39.12 -10.71
CA LEU E 68 -13.92 -39.90 -9.47
C LEU E 68 -12.58 -39.78 -8.74
N PRO E 69 -12.49 -38.98 -7.67
CA PRO E 69 -11.22 -38.90 -6.94
C PRO E 69 -10.84 -40.26 -6.37
N ASN E 70 -9.57 -40.61 -6.53
CA ASN E 70 -9.05 -41.93 -6.14
C ASN E 70 -8.15 -41.73 -4.92
N LEU E 71 -8.67 -42.11 -3.75
CA LEU E 71 -7.92 -42.05 -2.51
C LEU E 71 -7.57 -43.46 -2.01
N GLN E 72 -7.72 -44.46 -2.86
CA GLN E 72 -7.55 -45.83 -2.41
C GLN E 72 -6.11 -46.27 -2.39
N HIS E 73 -5.22 -45.58 -3.10
CA HIS E 73 -3.86 -46.06 -3.20
C HIS E 73 -2.85 -44.96 -2.91
N LEU E 74 -1.67 -45.42 -2.51
CA LEU E 74 -0.54 -44.60 -2.14
C LEU E 74 0.69 -45.04 -2.93
N GLY E 75 1.63 -44.12 -3.10
CA GLY E 75 2.95 -44.47 -3.57
C GLY E 75 3.92 -44.91 -2.46
N LYS E 76 5.14 -45.21 -2.89
CA LYS E 76 6.16 -45.63 -1.95
C LYS E 76 6.49 -44.50 -0.99
N LEU E 77 6.48 -44.79 0.31
CA LEU E 77 7.00 -43.86 1.31
C LEU E 77 8.51 -44.00 1.42
N TYR E 78 9.24 -42.90 1.31
CA TYR E 78 10.68 -42.90 1.51
C TYR E 78 10.91 -42.43 2.94
N ILE E 79 11.22 -43.36 3.85
CA ILE E 79 11.34 -43.04 5.27
C ILE E 79 12.82 -43.09 5.65
N GLY E 80 13.36 -41.97 6.12
CA GLY E 80 14.75 -41.94 6.50
C GLY E 80 15.01 -42.48 7.91
N GLN E 81 16.26 -42.83 8.20
CA GLN E 81 16.61 -43.37 9.51
C GLN E 81 17.49 -42.41 10.32
N HIS E 82 17.90 -41.29 9.75
CA HIS E 82 18.61 -40.22 10.46
C HIS E 82 18.36 -38.92 9.72
N THR E 83 18.68 -37.80 10.39
CA THR E 83 18.24 -36.48 9.92
C THR E 83 18.60 -36.25 8.45
N GLU E 84 19.86 -36.44 8.08
CA GLU E 84 20.24 -36.13 6.70
C GLU E 84 19.48 -37.01 5.71
N GLU E 85 19.32 -38.30 6.04
CA GLU E 85 18.62 -39.22 5.14
C GLU E 85 17.15 -38.87 5.01
N VAL E 86 16.52 -38.47 6.12
CA VAL E 86 15.13 -38.05 6.06
C VAL E 86 14.97 -36.91 5.07
N LEU E 87 15.84 -35.92 5.15
CA LEU E 87 15.75 -34.77 4.24
C LEU E 87 15.88 -35.21 2.79
N GLN E 88 16.81 -36.13 2.51
CA GLN E 88 17.00 -36.62 1.16
C GLN E 88 15.78 -37.41 0.68
N CYS E 89 15.11 -38.11 1.59
CA CYS E 89 13.87 -38.80 1.24
C CYS E 89 12.79 -37.82 0.87
N ASP E 90 12.69 -36.72 1.60
CA ASP E 90 11.72 -35.69 1.25
C ASP E 90 12.08 -35.07 -0.10
N ILE E 91 13.37 -34.84 -0.35
CA ILE E 91 13.76 -34.29 -1.64
C ILE E 91 13.32 -35.22 -2.77
N ARG E 92 13.50 -36.51 -2.56
CA ARG E 92 13.05 -37.48 -3.55
C ARG E 92 11.55 -37.34 -3.79
N LYS E 93 10.77 -37.16 -2.71
CA LYS E 93 9.32 -37.09 -2.85
C LYS E 93 8.87 -35.81 -3.54
N VAL E 94 9.43 -34.67 -3.13
CA VAL E 94 8.94 -33.43 -3.70
C VAL E 94 9.26 -33.35 -5.20
N LYS E 95 10.38 -33.93 -5.62
CA LYS E 95 10.68 -34.00 -7.04
C LYS E 95 9.63 -34.79 -7.81
N GLU E 96 9.12 -35.87 -7.19
CA GLU E 96 8.02 -36.63 -7.81
C GLU E 96 6.77 -35.77 -7.90
N ASN E 97 6.42 -35.07 -6.82
CA ASN E 97 5.26 -34.17 -6.85
C ASN E 97 5.39 -33.17 -7.98
N ILE E 98 6.54 -32.52 -8.09
CA ILE E 98 6.73 -31.45 -9.05
C ILE E 98 6.61 -31.97 -10.48
N GLU E 99 7.18 -33.15 -10.77
CA GLU E 99 7.08 -33.69 -12.12
C GLU E 99 5.63 -33.97 -12.49
N ALA E 100 4.86 -34.52 -11.55
CA ALA E 100 3.46 -34.80 -11.85
C ALA E 100 2.65 -33.52 -12.01
N ILE E 101 2.93 -32.52 -11.17
CA ILE E 101 2.21 -31.26 -11.26
C ILE E 101 2.56 -30.54 -12.55
N GLN E 102 3.85 -30.52 -12.93
CA GLN E 102 4.25 -29.85 -14.16
C GLN E 102 3.53 -30.44 -15.38
N LYS E 103 3.38 -31.77 -15.39
CA LYS E 103 2.70 -32.42 -16.49
C LYS E 103 1.21 -32.13 -16.43
N ALA E 104 0.65 -31.96 -15.22
CA ALA E 104 -0.74 -31.54 -15.13
C ALA E 104 -0.94 -30.14 -15.72
N VAL E 105 0.02 -29.24 -15.47
CA VAL E 105 -0.07 -27.89 -16.04
C VAL E 105 -0.07 -27.94 -17.56
N ALA E 106 0.91 -28.65 -18.12
CA ALA E 106 1.08 -28.70 -19.57
C ALA E 106 -0.17 -29.26 -20.25
N LEU E 107 -0.75 -30.29 -19.66
CA LEU E 107 -1.92 -30.94 -20.22
C LEU E 107 -3.18 -30.08 -20.07
N ALA E 108 -3.33 -29.42 -18.92
CA ALA E 108 -4.43 -28.48 -18.75
C ALA E 108 -4.37 -27.36 -19.78
N GLU E 109 -3.15 -26.89 -20.09
CA GLU E 109 -3.01 -25.83 -21.09
C GLU E 109 -3.43 -26.31 -22.47
N THR E 110 -2.94 -27.48 -22.86
CA THR E 110 -3.26 -28.05 -24.17
C THR E 110 -4.75 -28.30 -24.33
N GLU E 111 -5.42 -28.78 -23.28
CA GLU E 111 -6.85 -29.06 -23.33
C GLU E 111 -7.70 -27.86 -22.95
N GLN E 112 -7.09 -26.70 -22.72
CA GLN E 112 -7.83 -25.46 -22.42
C GLN E 112 -8.64 -25.59 -21.14
N ASP E 113 -8.08 -26.26 -20.14
CA ASP E 113 -8.67 -26.26 -18.80
C ASP E 113 -7.88 -25.27 -17.95
N TYR E 114 -8.15 -23.98 -18.19
CA TYR E 114 -7.32 -22.93 -17.64
C TYR E 114 -7.50 -22.77 -16.13
N VAL E 115 -8.68 -23.10 -15.59
CA VAL E 115 -8.85 -23.01 -14.15
C VAL E 115 -8.10 -24.14 -13.44
N THR E 116 -8.16 -25.36 -14.00
CA THR E 116 -7.33 -26.42 -13.44
C THR E 116 -5.87 -26.04 -13.52
N ARG E 117 -5.44 -25.49 -14.66
CA ARG E 117 -4.03 -25.08 -14.76
C ARG E 117 -3.65 -24.16 -13.60
N ASP E 118 -4.47 -23.14 -13.34
CA ASP E 118 -4.12 -22.20 -12.29
C ASP E 118 -4.11 -22.87 -10.92
N LEU E 119 -4.99 -23.84 -10.68
CA LEU E 119 -4.95 -24.59 -9.42
C LEU E 119 -3.62 -25.30 -9.23
N VAL E 120 -3.17 -26.06 -10.24
CA VAL E 120 -1.95 -26.84 -10.06
C VAL E 120 -0.71 -25.95 -10.11
N GLN E 121 -0.80 -24.80 -10.81
CA GLN E 121 0.30 -23.85 -10.77
C GLN E 121 0.50 -23.29 -9.37
N GLU E 122 -0.59 -23.00 -8.67
CA GLU E 122 -0.47 -22.51 -7.30
C GLU E 122 0.16 -23.58 -6.41
N ILE E 123 -0.23 -24.84 -6.60
CA ILE E 123 0.39 -25.92 -5.84
C ILE E 123 1.87 -26.03 -6.17
N LEU E 124 2.22 -25.91 -7.45
CA LEU E 124 3.62 -26.01 -7.86
C LEU E 124 4.50 -24.99 -7.12
N GLU E 125 4.03 -23.75 -6.99
CA GLU E 125 4.83 -22.74 -6.31
C GLU E 125 5.18 -23.19 -4.88
N LYS E 126 4.21 -23.78 -4.16
CA LYS E 126 4.50 -24.22 -2.79
C LYS E 126 5.45 -25.42 -2.77
N GLU E 127 5.32 -26.33 -3.73
CA GLU E 127 6.23 -27.48 -3.78
C GLU E 127 7.67 -27.03 -4.07
N GLU E 128 7.86 -26.02 -4.94
CA GLU E 128 9.21 -25.50 -5.17
C GLU E 128 9.77 -24.87 -3.89
N GLU E 129 8.90 -24.22 -3.10
CA GLU E 129 9.36 -23.61 -1.86
C GLU E 129 9.86 -24.67 -0.88
N TYR E 130 9.16 -25.81 -0.77
CA TYR E 130 9.63 -26.87 0.11
C TYR E 130 10.90 -27.51 -0.43
N TRP E 131 11.01 -27.70 -1.74
CA TRP E 131 12.25 -28.20 -2.32
C TRP E 131 13.41 -27.27 -1.98
N ASP E 132 13.19 -25.97 -2.11
CA ASP E 132 14.23 -25.00 -1.75
C ASP E 132 14.63 -25.14 -0.29
N TRP E 133 13.64 -25.23 0.61
CA TRP E 133 13.96 -25.38 2.03
C TRP E 133 14.79 -26.64 2.29
N LEU E 134 14.40 -27.77 1.69
CA LEU E 134 15.15 -29.00 1.87
C LEU E 134 16.58 -28.86 1.40
N ASP E 135 16.76 -28.33 0.19
CA ASP E 135 18.10 -28.11 -0.32
C ASP E 135 18.91 -27.27 0.65
N THR E 136 18.29 -26.20 1.19
CA THR E 136 19.01 -25.34 2.13
C THR E 136 19.46 -26.15 3.35
N GLN E 137 18.61 -27.04 3.87
CA GLN E 137 19.00 -27.82 5.04
C GLN E 137 20.21 -28.71 4.73
N ILE E 138 20.22 -29.34 3.56
CA ILE E 138 21.34 -30.20 3.21
C ILE E 138 22.62 -29.37 3.15
N ASP E 139 22.55 -28.22 2.49
CA ASP E 139 23.71 -27.35 2.41
C ASP E 139 24.19 -26.94 3.81
N LEU E 140 23.24 -26.61 4.69
CA LEU E 140 23.61 -26.18 6.04
C LEU E 140 24.28 -27.31 6.82
N ILE E 141 23.79 -28.54 6.65
CA ILE E 141 24.49 -29.68 7.23
C ILE E 141 25.93 -29.72 6.75
N GLY E 142 26.13 -29.37 5.48
CA GLY E 142 27.48 -29.27 4.95
C GLY E 142 28.28 -28.17 5.61
N SER E 143 27.65 -27.01 5.83
CA SER E 143 28.37 -25.84 6.33
C SER E 143 28.72 -25.97 7.80
N VAL E 144 27.78 -26.42 8.63
CA VAL E 144 27.96 -26.38 10.09
C VAL E 144 28.24 -27.74 10.71
N GLY E 145 28.10 -28.82 9.96
CA GLY E 145 28.24 -30.17 10.47
C GLY E 145 26.94 -30.69 11.04
N ILE E 146 26.78 -32.02 10.97
CA ILE E 146 25.49 -32.60 11.36
C ILE E 146 25.21 -32.38 12.85
N GLU E 147 26.25 -32.39 13.70
CA GLU E 147 26.00 -32.23 15.13
C GLU E 147 25.43 -30.85 15.45
N ASN E 148 26.09 -29.80 14.94
CA ASN E 148 25.57 -28.45 15.12
C ASN E 148 24.22 -28.29 14.43
N TYR E 149 24.05 -28.89 13.25
CA TYR E 149 22.79 -28.72 12.54
C TYR E 149 21.63 -29.29 13.36
N ILE E 150 21.77 -30.51 13.85
CA ILE E 150 20.72 -31.12 14.67
C ILE E 150 20.49 -30.31 15.93
N GLN E 151 21.58 -29.92 16.60
CA GLN E 151 21.47 -29.08 17.79
C GLN E 151 20.56 -27.89 17.55
N SER E 152 20.73 -27.24 16.39
CA SER E 152 19.97 -26.04 16.05
C SER E 152 18.50 -26.33 15.81
N ARG E 153 18.18 -27.53 15.36
CA ARG E 153 16.82 -27.89 15.01
C ARG E 153 16.10 -28.57 16.17
N MET E 154 16.72 -28.58 17.35
CA MET E 154 16.09 -29.12 18.56
C MET E 154 14.86 -28.29 18.93
N MET F 1 12.66 -54.26 21.94
CA MET F 1 12.05 -52.93 22.01
C MET F 1 11.48 -52.70 23.42
N LYS F 2 11.18 -51.45 23.76
CA LYS F 2 10.65 -51.16 25.10
C LYS F 2 9.20 -51.61 25.21
N GLY F 3 8.42 -51.49 24.14
CA GLY F 3 7.04 -51.95 24.19
C GLY F 3 6.88 -53.44 23.88
N ASN F 4 5.68 -53.94 24.12
CA ASN F 4 5.37 -55.32 23.77
C ASN F 4 5.07 -55.45 22.29
N ARG F 5 5.69 -56.45 21.65
CA ARG F 5 5.59 -56.57 20.19
C ARG F 5 4.15 -56.83 19.75
N ASP F 6 3.42 -57.69 20.47
CA ASP F 6 2.04 -57.96 20.09
C ASP F 6 1.15 -56.72 20.26
N VAL F 7 1.39 -55.93 21.30
CA VAL F 7 0.68 -54.67 21.47
C VAL F 7 0.99 -53.72 20.32
N ILE F 8 2.26 -53.59 19.97
CA ILE F 8 2.64 -52.72 18.86
C ILE F 8 1.95 -53.17 17.58
N ASN F 9 1.92 -54.48 17.31
CA ASN F 9 1.31 -54.96 16.07
C ASN F 9 -0.18 -54.60 16.04
N GLN F 10 -0.88 -54.72 17.17
CA GLN F 10 -2.29 -54.40 17.13
C GLN F 10 -2.51 -52.89 17.04
N LEU F 11 -1.62 -52.08 17.64
CA LEU F 11 -1.70 -50.63 17.41
C LEU F 11 -1.56 -50.31 15.92
N ASN F 12 -0.70 -51.03 15.20
CA ASN F 12 -0.60 -50.79 13.77
C ASN F 12 -1.87 -51.20 13.04
N GLN F 13 -2.58 -52.23 13.52
CA GLN F 13 -3.90 -52.55 12.96
C GLN F 13 -4.89 -51.42 13.20
N VAL F 14 -4.90 -50.88 14.41
CA VAL F 14 -5.78 -49.74 14.68
C VAL F 14 -5.44 -48.57 13.77
N LEU F 15 -4.15 -48.26 13.63
CA LEU F 15 -3.73 -47.18 12.76
C LEU F 15 -4.21 -47.39 11.33
N TYR F 16 -4.07 -48.61 10.82
CA TYR F 16 -4.55 -48.96 9.49
C TYR F 16 -6.02 -48.58 9.30
N HIS F 17 -6.85 -48.94 10.28
CA HIS F 17 -8.26 -48.62 10.17
C HIS F 17 -8.51 -47.13 10.29
N HIS F 18 -7.74 -46.40 11.13
CA HIS F 18 -7.90 -44.94 11.16
C HIS F 18 -7.49 -44.31 9.82
N LEU F 19 -6.34 -44.72 9.25
CA LEU F 19 -5.92 -44.16 7.97
C LEU F 19 -6.95 -44.40 6.89
N THR F 20 -7.52 -45.60 6.85
CA THR F 20 -8.57 -45.90 5.89
C THR F 20 -9.79 -45.04 6.14
N ALA F 21 -10.20 -44.89 7.40
CA ALA F 21 -11.39 -44.10 7.72
C ALA F 21 -11.20 -42.62 7.39
N ILE F 22 -9.99 -42.08 7.62
CA ILE F 22 -9.71 -40.71 7.18
C ILE F 22 -10.17 -40.54 5.74
N ASN F 23 -9.67 -41.39 4.85
CA ASN F 23 -9.90 -41.17 3.42
C ASN F 23 -11.35 -41.43 3.04
N GLN F 24 -11.98 -42.46 3.63
CA GLN F 24 -13.39 -42.69 3.34
C GLN F 24 -14.24 -41.49 3.78
N TYR F 25 -14.06 -41.05 5.03
CA TYR F 25 -14.90 -39.96 5.52
C TYR F 25 -14.61 -38.67 4.77
N PHE F 26 -13.33 -38.41 4.44
CA PHE F 26 -13.01 -37.17 3.75
C PHE F 26 -13.67 -37.13 2.39
N LEU F 27 -13.56 -38.23 1.63
CA LEU F 27 -14.21 -38.25 0.32
C LEU F 27 -15.72 -38.12 0.48
N HIS F 28 -16.31 -38.85 1.44
CA HIS F 28 -17.74 -38.68 1.64
C HIS F 28 -18.09 -37.24 1.95
N SER F 29 -17.25 -36.55 2.75
CA SER F 29 -17.48 -35.14 3.01
C SER F 29 -17.57 -34.35 1.71
N ARG F 30 -16.57 -34.52 0.86
CA ARG F 30 -16.53 -33.75 -0.37
C ARG F 30 -17.60 -34.19 -1.36
N MET F 31 -18.02 -35.46 -1.31
CA MET F 31 -19.13 -35.91 -2.14
C MET F 31 -20.43 -35.26 -1.69
N PHE F 32 -20.67 -35.23 -0.39
CA PHE F 32 -21.85 -34.52 0.09
C PHE F 32 -21.79 -33.05 -0.31
N ASN F 33 -20.62 -32.42 -0.20
CA ASN F 33 -20.56 -31.01 -0.60
C ASN F 33 -20.85 -30.86 -2.09
N ASP F 34 -20.28 -31.75 -2.90
CA ASP F 34 -20.55 -31.77 -4.34
C ASP F 34 -22.03 -31.93 -4.64
N TRP F 35 -22.75 -32.64 -3.77
CA TRP F 35 -24.18 -32.84 -3.96
C TRP F 35 -25.01 -31.71 -3.40
N GLY F 36 -24.41 -30.74 -2.70
CA GLY F 36 -25.17 -29.67 -2.08
C GLY F 36 -25.73 -29.99 -0.72
N ILE F 37 -25.29 -31.08 -0.09
CA ILE F 37 -25.81 -31.48 1.20
C ILE F 37 -24.78 -31.13 2.27
N GLU F 38 -24.68 -29.83 2.57
CA GLU F 38 -23.49 -29.33 3.24
C GLU F 38 -23.39 -29.74 4.70
N GLN F 39 -24.52 -29.95 5.39
CA GLN F 39 -24.41 -30.33 6.80
C GLN F 39 -23.87 -31.74 6.98
N LEU F 40 -24.15 -32.64 6.05
CA LEU F 40 -23.50 -33.96 6.09
C LEU F 40 -22.06 -33.86 5.57
N GLY F 41 -21.79 -32.96 4.62
CA GLY F 41 -20.41 -32.67 4.29
C GLY F 41 -19.62 -32.23 5.51
N SER F 42 -20.21 -31.35 6.32
CA SER F 42 -19.52 -30.88 7.52
C SER F 42 -19.35 -32.00 8.53
N ALA F 43 -20.39 -32.82 8.73
CA ALA F 43 -20.29 -33.89 9.72
C ALA F 43 -19.20 -34.88 9.34
N GLU F 44 -19.11 -35.23 8.06
CA GLU F 44 -18.09 -36.17 7.62
C GLU F 44 -16.70 -35.55 7.75
N TYR F 45 -16.58 -34.26 7.51
CA TYR F 45 -15.31 -33.56 7.66
C TYR F 45 -14.85 -33.63 9.10
N LYS F 46 -15.75 -33.33 10.04
CA LYS F 46 -15.42 -33.38 11.45
C LYS F 46 -14.92 -34.76 11.86
N GLU F 47 -15.56 -35.82 11.36
CA GLU F 47 -15.15 -37.16 11.74
C GLU F 47 -13.84 -37.56 11.08
N SER F 48 -13.60 -37.08 9.85
CA SER F 48 -12.30 -37.32 9.20
C SER F 48 -11.18 -36.72 10.04
N ILE F 49 -11.35 -35.48 10.49
CA ILE F 49 -10.34 -34.84 11.34
C ILE F 49 -10.16 -35.62 12.64
N ARG F 50 -11.26 -36.12 13.21
CA ARG F 50 -11.13 -36.96 14.40
C ARG F 50 -10.27 -38.19 14.12
N GLN F 51 -10.48 -38.82 12.96
CA GLN F 51 -9.64 -39.96 12.60
C GLN F 51 -8.18 -39.57 12.44
N MET F 52 -7.93 -38.38 11.90
CA MET F 52 -6.57 -37.88 11.77
C MET F 52 -5.90 -37.71 13.12
N LYS F 53 -6.61 -37.12 14.08
CA LYS F 53 -6.06 -36.98 15.42
C LYS F 53 -5.87 -38.33 16.08
N HIS F 54 -6.81 -39.26 15.89
CA HIS F 54 -6.61 -40.62 16.40
C HIS F 54 -5.33 -41.24 15.82
N ALA F 55 -5.18 -41.15 14.49
CA ALA F 55 -4.00 -41.73 13.87
C ALA F 55 -2.73 -41.12 14.43
N ASP F 56 -2.73 -39.79 14.63
CA ASP F 56 -1.59 -39.11 15.22
C ASP F 56 -1.24 -39.69 16.58
N LYS F 57 -2.23 -39.82 17.46
CA LYS F 57 -1.97 -40.34 18.80
C LYS F 57 -1.39 -41.75 18.73
N ILE F 58 -1.90 -42.59 17.81
CA ILE F 58 -1.41 -43.96 17.71
C ILE F 58 0.02 -43.98 17.17
N ILE F 59 0.28 -43.17 16.14
CA ILE F 59 1.65 -43.06 15.62
C ILE F 59 2.58 -42.68 16.74
N GLU F 60 2.19 -41.68 17.53
CA GLU F 60 3.08 -41.22 18.59
C GLU F 60 3.31 -42.30 19.62
N ARG F 61 2.27 -43.07 19.95
CA ARG F 61 2.43 -44.12 20.93
C ARG F 61 3.33 -45.24 20.40
N ILE F 62 3.14 -45.64 19.15
CA ILE F 62 3.98 -46.68 18.56
C ILE F 62 5.45 -46.26 18.60
N LEU F 63 5.74 -44.99 18.28
CA LEU F 63 7.13 -44.55 18.29
C LEU F 63 7.69 -44.59 19.71
N PHE F 64 6.90 -44.12 20.68
CA PHE F 64 7.36 -44.19 22.07
C PHE F 64 7.74 -45.60 22.46
N LEU F 65 6.92 -46.58 22.07
CA LEU F 65 7.18 -47.97 22.34
C LEU F 65 8.27 -48.56 21.46
N GLU F 66 8.89 -47.76 20.59
CA GLU F 66 10.00 -48.18 19.75
C GLU F 66 9.59 -49.14 18.65
N GLY F 67 8.34 -49.05 18.20
CA GLY F 67 7.88 -49.77 17.03
C GLY F 67 7.89 -48.89 15.79
N LEU F 68 7.50 -49.50 14.67
CA LEU F 68 7.51 -48.83 13.37
C LEU F 68 6.09 -48.55 12.90
N PRO F 69 5.59 -47.33 13.00
CA PRO F 69 4.26 -47.03 12.49
C PRO F 69 4.19 -47.30 10.99
N ASN F 70 3.13 -47.99 10.57
CA ASN F 70 2.96 -48.37 9.17
C ASN F 70 1.88 -47.49 8.54
N LEU F 71 2.29 -46.55 7.69
CA LEU F 71 1.35 -45.69 6.98
C LEU F 71 1.28 -46.03 5.50
N GLN F 72 1.80 -47.18 5.11
CA GLN F 72 1.98 -47.51 3.70
C GLN F 72 0.77 -48.15 3.06
N HIS F 73 -0.17 -48.65 3.86
CA HIS F 73 -1.24 -49.49 3.34
C HIS F 73 -2.59 -48.95 3.80
N LEU F 74 -3.63 -49.21 2.98
CA LEU F 74 -4.99 -48.76 3.22
C LEU F 74 -5.92 -49.94 2.97
N GLY F 75 -7.02 -49.98 3.71
CA GLY F 75 -8.06 -50.96 3.43
C GLY F 75 -9.05 -50.50 2.39
N LYS F 76 -10.03 -51.37 2.12
CA LYS F 76 -11.07 -51.00 1.17
C LYS F 76 -11.88 -49.80 1.66
N LEU F 77 -11.99 -48.79 0.81
CA LEU F 77 -12.90 -47.68 1.07
C LEU F 77 -14.31 -48.06 0.67
N TYR F 78 -15.26 -47.87 1.55
CA TYR F 78 -16.66 -48.13 1.23
C TYR F 78 -17.25 -46.78 0.84
N ILE F 79 -17.42 -46.57 -0.47
CA ILE F 79 -17.85 -45.27 -0.97
C ILE F 79 -19.27 -45.41 -1.49
N GLY F 80 -20.20 -44.66 -0.90
CA GLY F 80 -21.57 -44.75 -1.32
C GLY F 80 -21.88 -43.85 -2.51
N GLN F 81 -23.01 -44.14 -3.17
CA GLN F 81 -23.41 -43.38 -4.34
C GLN F 81 -24.65 -42.53 -4.11
N HIS F 82 -25.27 -42.64 -2.95
CA HIS F 82 -26.35 -41.73 -2.55
C HIS F 82 -26.36 -41.69 -1.04
N THR F 83 -27.08 -40.72 -0.50
CA THR F 83 -26.98 -40.36 0.93
C THR F 83 -27.14 -41.57 1.84
N GLU F 84 -28.20 -42.36 1.65
CA GLU F 84 -28.42 -43.48 2.56
C GLU F 84 -27.30 -44.50 2.46
N GLU F 85 -26.85 -44.79 1.23
CA GLU F 85 -25.79 -45.77 1.06
C GLU F 85 -24.48 -45.28 1.66
N VAL F 86 -24.19 -43.99 1.53
CA VAL F 86 -22.98 -43.44 2.13
C VAL F 86 -22.97 -43.73 3.62
N LEU F 87 -24.09 -43.44 4.29
CA LEU F 87 -24.18 -43.65 5.73
C LEU F 87 -23.98 -45.12 6.08
N GLN F 88 -24.55 -46.02 5.27
CA GLN F 88 -24.37 -47.45 5.51
C GLN F 88 -22.90 -47.83 5.33
N CYS F 89 -22.21 -47.16 4.40
CA CYS F 89 -20.79 -47.42 4.22
C CYS F 89 -19.99 -46.96 5.44
N ASP F 90 -20.33 -45.78 5.98
CA ASP F 90 -19.66 -45.32 7.19
C ASP F 90 -19.92 -46.26 8.35
N ILE F 91 -21.16 -46.76 8.47
CA ILE F 91 -21.44 -47.70 9.57
C ILE F 91 -20.57 -48.95 9.44
N ARG F 92 -20.44 -49.48 8.23
CA ARG F 92 -19.58 -50.63 8.03
C ARG F 92 -18.17 -50.33 8.48
N LYS F 93 -17.67 -49.13 8.15
CA LYS F 93 -16.29 -48.78 8.49
C LYS F 93 -16.13 -48.59 10.00
N VAL F 94 -17.04 -47.87 10.65
CA VAL F 94 -16.87 -47.61 12.07
C VAL F 94 -16.94 -48.92 12.85
N LYS F 95 -17.74 -49.89 12.39
CA LYS F 95 -17.74 -51.20 13.03
C LYS F 95 -16.38 -51.87 12.94
N GLU F 96 -15.68 -51.72 11.81
CA GLU F 96 -14.34 -52.31 11.71
C GLU F 96 -13.38 -51.65 12.69
N ASN F 97 -13.40 -50.30 12.76
CA ASN F 97 -12.57 -49.54 13.70
C ASN F 97 -12.79 -50.04 15.12
N ILE F 98 -14.05 -50.16 15.53
CA ILE F 98 -14.34 -50.49 16.92
C ILE F 98 -13.81 -51.89 17.23
N GLU F 99 -13.98 -52.83 16.31
CA GLU F 99 -13.50 -54.18 16.58
C GLU F 99 -11.98 -54.20 16.75
N ALA F 100 -11.25 -53.44 15.91
CA ALA F 100 -9.79 -53.40 16.06
C ALA F 100 -9.39 -52.76 17.37
N ILE F 101 -10.10 -51.70 17.77
CA ILE F 101 -9.81 -51.04 19.02
C ILE F 101 -10.14 -51.91 20.23
N GLN F 102 -11.29 -52.62 20.19
CA GLN F 102 -11.65 -53.46 21.32
C GLN F 102 -10.58 -54.53 21.57
N LYS F 103 -10.05 -55.10 20.50
CA LYS F 103 -9.01 -56.09 20.67
C LYS F 103 -7.70 -55.46 21.14
N ALA F 104 -7.44 -54.19 20.77
CA ALA F 104 -6.29 -53.48 21.32
C ALA F 104 -6.43 -53.25 22.82
N VAL F 105 -7.64 -52.91 23.27
CA VAL F 105 -7.85 -52.72 24.71
C VAL F 105 -7.55 -54.02 25.46
N ALA F 106 -8.16 -55.12 25.02
CA ALA F 106 -8.03 -56.39 25.70
C ALA F 106 -6.59 -56.87 25.71
N LEU F 107 -5.87 -56.64 24.61
CA LEU F 107 -4.49 -57.10 24.54
C LEU F 107 -3.56 -56.25 25.39
N ALA F 108 -3.75 -54.93 25.40
CA ALA F 108 -2.94 -54.07 26.24
C ALA F 108 -3.09 -54.43 27.72
N GLU F 109 -4.31 -54.76 28.14
CA GLU F 109 -4.53 -55.13 29.56
C GLU F 109 -3.77 -56.41 29.88
N THR F 110 -3.90 -57.42 29.02
CA THR F 110 -3.25 -58.70 29.27
C THR F 110 -1.73 -58.53 29.33
N GLU F 111 -1.16 -57.69 28.48
CA GLU F 111 0.28 -57.43 28.47
C GLU F 111 0.69 -56.32 29.43
N GLN F 112 -0.24 -55.82 30.23
CA GLN F 112 0.01 -54.81 31.26
C GLN F 112 0.63 -53.55 30.68
N ASP F 113 0.16 -53.14 29.49
CA ASP F 113 0.49 -51.84 28.90
C ASP F 113 -0.70 -50.93 29.15
N TYR F 114 -0.79 -50.46 30.39
CA TYR F 114 -2.00 -49.80 30.82
C TYR F 114 -2.18 -48.44 30.19
N VAL F 115 -1.08 -47.74 29.89
CA VAL F 115 -1.23 -46.44 29.24
C VAL F 115 -1.71 -46.61 27.81
N THR F 116 -1.22 -47.65 27.11
CA THR F 116 -1.77 -47.93 25.80
C THR F 116 -3.25 -48.21 25.89
N ARG F 117 -3.67 -49.04 26.87
CA ARG F 117 -5.10 -49.32 27.04
C ARG F 117 -5.93 -48.04 27.18
N ASP F 118 -5.48 -47.12 28.03
CA ASP F 118 -6.27 -45.90 28.25
C ASP F 118 -6.35 -45.03 27.00
N LEU F 119 -5.28 -45.02 26.17
CA LEU F 119 -5.33 -44.28 24.92
C LEU F 119 -6.40 -44.84 23.98
N VAL F 120 -6.42 -46.15 23.74
CA VAL F 120 -7.39 -46.67 22.78
C VAL F 120 -8.80 -46.70 23.39
N GLN F 121 -8.91 -46.80 24.72
CA GLN F 121 -10.22 -46.70 25.34
C GLN F 121 -10.86 -45.33 25.11
N GLU F 122 -10.05 -44.25 25.14
CA GLU F 122 -10.62 -42.94 24.83
C GLU F 122 -11.06 -42.86 23.38
N ILE F 123 -10.23 -43.38 22.47
CA ILE F 123 -10.60 -43.40 21.06
C ILE F 123 -11.90 -44.16 20.87
N LEU F 124 -12.03 -45.30 21.53
CA LEU F 124 -13.23 -46.12 21.39
C LEU F 124 -14.48 -45.31 21.71
N GLU F 125 -14.41 -44.49 22.76
CA GLU F 125 -15.56 -43.68 23.15
C GLU F 125 -16.03 -42.81 22.00
N LYS F 126 -15.09 -42.20 21.27
CA LYS F 126 -15.44 -41.35 20.14
C LYS F 126 -15.99 -42.14 18.95
N GLU F 127 -15.45 -43.34 18.71
CA GLU F 127 -15.96 -44.18 17.63
C GLU F 127 -17.39 -44.61 17.92
N GLU F 128 -17.70 -44.92 19.17
CA GLU F 128 -19.09 -45.24 19.52
C GLU F 128 -19.99 -44.03 19.26
N GLU F 129 -19.48 -42.82 19.52
CA GLU F 129 -20.30 -41.62 19.30
C GLU F 129 -20.64 -41.46 17.82
N TYR F 130 -19.65 -41.70 16.96
CA TYR F 130 -19.91 -41.61 15.53
C TYR F 130 -20.85 -42.71 15.07
N TRP F 131 -20.69 -43.91 15.64
CA TRP F 131 -21.61 -45.00 15.31
C TRP F 131 -23.04 -44.62 15.67
N ASP F 132 -23.25 -44.09 16.88
CA ASP F 132 -24.57 -43.67 17.32
C ASP F 132 -25.14 -42.62 16.38
N TRP F 133 -24.33 -41.64 15.99
CA TRP F 133 -24.83 -40.60 15.09
C TRP F 133 -25.28 -41.20 13.76
N LEU F 134 -24.48 -42.10 13.20
CA LEU F 134 -24.87 -42.73 11.95
C LEU F 134 -26.18 -43.48 12.10
N ASP F 135 -26.29 -44.30 13.13
CA ASP F 135 -27.55 -45.01 13.37
C ASP F 135 -28.72 -44.04 13.43
N THR F 136 -28.54 -42.92 14.14
CA THR F 136 -29.62 -41.97 14.26
C THR F 136 -30.03 -41.43 12.89
N GLN F 137 -29.04 -41.14 12.03
CA GLN F 137 -29.39 -40.63 10.70
C GLN F 137 -30.21 -41.65 9.91
N ILE F 138 -29.86 -42.93 10.01
CA ILE F 138 -30.64 -43.94 9.31
C ILE F 138 -32.06 -43.97 9.87
N ASP F 139 -32.20 -43.95 11.19
CA ASP F 139 -33.54 -43.97 11.77
C ASP F 139 -34.33 -42.75 11.33
N LEU F 140 -33.70 -41.57 11.30
CA LEU F 140 -34.45 -40.38 10.90
C LEU F 140 -34.89 -40.47 9.45
N ILE F 141 -34.05 -41.05 8.60
CA ILE F 141 -34.47 -41.28 7.22
C ILE F 141 -35.73 -42.11 7.19
N GLY F 142 -35.82 -43.11 8.07
CA GLY F 142 -37.04 -43.90 8.16
C GLY F 142 -38.22 -43.08 8.63
N SER F 143 -38.03 -42.24 9.65
CA SER F 143 -39.13 -41.50 10.25
C SER F 143 -39.61 -40.36 9.37
N VAL F 144 -38.70 -39.61 8.73
CA VAL F 144 -39.10 -38.41 7.98
C VAL F 144 -39.08 -38.60 6.47
N GLY F 145 -38.52 -39.70 5.97
CA GLY F 145 -38.37 -39.92 4.54
C GLY F 145 -37.10 -39.29 3.99
N ILE F 146 -36.55 -39.90 2.92
CA ILE F 146 -35.27 -39.45 2.40
C ILE F 146 -35.33 -38.01 1.89
N GLU F 147 -36.47 -37.62 1.29
CA GLU F 147 -36.58 -36.27 0.74
C GLU F 147 -36.51 -35.20 1.83
N ASN F 148 -37.26 -35.39 2.92
CA ASN F 148 -37.17 -34.46 4.05
C ASN F 148 -35.79 -34.54 4.71
N TYR F 149 -35.23 -35.75 4.80
CA TYR F 149 -33.94 -35.90 5.47
C TYR F 149 -32.85 -35.09 4.76
N ILE F 150 -32.74 -35.25 3.43
CA ILE F 150 -31.73 -34.50 2.68
C ILE F 150 -31.97 -33.01 2.81
N GLN F 151 -33.23 -32.58 2.63
CA GLN F 151 -33.56 -31.16 2.80
C GLN F 151 -32.99 -30.61 4.10
N SER F 152 -33.11 -31.38 5.18
CA SER F 152 -32.64 -30.88 6.47
C SER F 152 -31.13 -30.77 6.50
N ARG F 153 -30.44 -31.57 5.68
CA ARG F 153 -28.99 -31.65 5.72
C ARG F 153 -28.34 -30.78 4.64
N MET F 154 -29.11 -29.94 3.98
CA MET F 154 -28.55 -29.02 3.00
C MET F 154 -27.65 -27.98 3.67
N MET G 1 37.17 38.88 29.00
CA MET G 1 35.93 38.08 28.95
C MET G 1 36.29 36.62 28.66
N LYS G 2 35.35 35.69 28.92
CA LYS G 2 35.72 34.29 28.75
C LYS G 2 35.80 33.91 27.27
N GLY G 3 34.95 34.48 26.39
CA GLY G 3 35.00 34.18 24.97
C GLY G 3 36.04 35.01 24.20
N ASN G 4 36.22 34.67 22.93
CA ASN G 4 37.13 35.43 22.05
C ASN G 4 36.43 36.68 21.51
N ARG G 5 37.13 37.82 21.59
CA ARG G 5 36.50 39.09 21.25
C ARG G 5 36.06 39.15 19.79
N ASP G 6 36.91 38.67 18.86
CA ASP G 6 36.53 38.66 17.45
C ASP G 6 35.35 37.72 17.20
N VAL G 7 35.34 36.55 17.85
CA VAL G 7 34.19 35.64 17.74
C VAL G 7 32.95 36.31 18.30
N ILE G 8 33.09 36.96 19.46
CA ILE G 8 31.96 37.67 20.05
C ILE G 8 31.43 38.70 19.06
N ASN G 9 32.33 39.50 18.46
CA ASN G 9 31.89 40.54 17.53
C ASN G 9 31.19 39.98 16.30
N GLN G 10 31.68 38.85 15.77
CA GLN G 10 31.03 38.29 14.58
C GLN G 10 29.68 37.66 14.94
N LEU G 11 29.54 37.13 16.16
CA LEU G 11 28.23 36.66 16.59
C LEU G 11 27.21 37.79 16.61
N ASN G 12 27.61 38.98 17.05
CA ASN G 12 26.72 40.14 16.98
C ASN G 12 26.40 40.51 15.54
N GLN G 13 27.33 40.30 14.60
CA GLN G 13 26.99 40.49 13.19
C GLN G 13 25.91 39.51 12.75
N VAL G 14 26.04 38.23 13.11
CA VAL G 14 25.00 37.27 12.77
C VAL G 14 23.66 37.67 13.39
N LEU G 15 23.68 38.09 14.65
CA LEU G 15 22.44 38.51 15.33
C LEU G 15 21.78 39.67 14.60
N TYR G 16 22.57 40.67 14.20
CA TYR G 16 22.07 41.78 13.40
C TYR G 16 21.30 41.29 12.18
N HIS G 17 21.84 40.30 11.48
CA HIS G 17 21.17 39.84 10.27
C HIS G 17 19.89 39.08 10.58
N HIS G 18 19.89 38.30 11.66
CA HIS G 18 18.68 37.62 12.08
C HIS G 18 17.59 38.61 12.50
N LEU G 19 17.95 39.62 13.29
CA LEU G 19 16.95 40.60 13.71
C LEU G 19 16.36 41.30 12.51
N THR G 20 17.21 41.64 11.54
CA THR G 20 16.73 42.27 10.32
C THR G 20 15.82 41.32 9.53
N ALA G 21 16.22 40.05 9.44
CA ALA G 21 15.42 39.05 8.73
C ALA G 21 14.08 38.84 9.41
N ILE G 22 14.05 38.81 10.76
CA ILE G 22 12.78 38.71 11.47
C ILE G 22 11.79 39.72 10.92
N ASN G 23 12.19 41.00 10.87
CA ASN G 23 11.25 42.05 10.53
C ASN G 23 10.85 41.98 9.06
N GLN G 24 11.82 41.74 8.16
CA GLN G 24 11.48 41.62 6.75
C GLN G 24 10.50 40.50 6.53
N TYR G 25 10.81 39.31 7.05
CA TYR G 25 9.95 38.17 6.78
C TYR G 25 8.58 38.35 7.43
N PHE G 26 8.55 38.90 8.64
CA PHE G 26 7.26 39.06 9.30
C PHE G 26 6.37 40.03 8.51
N LEU G 27 6.94 41.14 8.06
CA LEU G 27 6.13 42.06 7.26
C LEU G 27 5.69 41.39 5.97
N HIS G 28 6.58 40.65 5.31
CA HIS G 28 6.17 39.96 4.09
C HIS G 28 5.02 39.01 4.37
N SER G 29 5.04 38.33 5.51
CA SER G 29 3.94 37.45 5.85
C SER G 29 2.61 38.20 5.87
N ARG G 30 2.57 39.32 6.59
CA ARG G 30 1.32 40.05 6.75
C ARG G 30 0.89 40.73 5.47
N MET G 31 1.85 41.12 4.62
CA MET G 31 1.50 41.64 3.30
C MET G 31 0.90 40.56 2.42
N PHE G 32 1.49 39.36 2.39
CA PHE G 32 0.87 38.28 1.64
C PHE G 32 -0.53 38.01 2.17
N ASN G 33 -0.69 38.03 3.49
CA ASN G 33 -2.02 37.80 4.04
C ASN G 33 -2.97 38.91 3.60
N ASP G 34 -2.51 40.17 3.65
CA ASP G 34 -3.28 41.31 3.20
C ASP G 34 -3.68 41.19 1.73
N TRP G 35 -2.86 40.52 0.91
CA TRP G 35 -3.16 40.30 -0.51
C TRP G 35 -4.03 39.08 -0.77
N GLY G 36 -4.34 38.29 0.25
CA GLY G 36 -5.08 37.06 0.03
C GLY G 36 -4.24 35.86 -0.36
N ILE G 37 -2.92 35.97 -0.26
CA ILE G 37 -2.05 34.86 -0.69
C ILE G 37 -1.57 34.13 0.57
N GLU G 38 -2.46 33.34 1.19
CA GLU G 38 -2.27 32.94 2.58
C GLU G 38 -1.18 31.88 2.75
N GLN G 39 -0.95 30.99 1.76
CA GLN G 39 0.12 30.00 1.95
C GLN G 39 1.50 30.65 1.93
N LEU G 40 1.67 31.73 1.18
CA LEU G 40 2.92 32.47 1.28
C LEU G 40 2.99 33.30 2.56
N GLY G 41 1.86 33.81 3.02
CA GLY G 41 1.84 34.40 4.34
C GLY G 41 2.33 33.44 5.40
N SER G 42 1.85 32.19 5.35
CA SER G 42 2.23 31.21 6.34
C SER G 42 3.70 30.83 6.23
N ALA G 43 4.20 30.64 5.00
CA ALA G 43 5.60 30.27 4.83
C ALA G 43 6.53 31.36 5.39
N GLU G 44 6.21 32.63 5.11
CA GLU G 44 7.02 33.74 5.59
C GLU G 44 6.98 33.85 7.10
N TYR G 45 5.81 33.62 7.71
CA TYR G 45 5.71 33.61 9.16
C TYR G 45 6.62 32.55 9.75
N LYS G 46 6.57 31.33 9.20
CA LYS G 46 7.40 30.26 9.71
C LYS G 46 8.88 30.64 9.67
N GLU G 47 9.33 31.29 8.59
CA GLU G 47 10.74 31.64 8.51
C GLU G 47 11.10 32.78 9.44
N SER G 48 10.18 33.72 9.67
CA SER G 48 10.41 34.75 10.68
C SER G 48 10.60 34.13 12.07
N ILE G 49 9.74 33.20 12.45
CA ILE G 49 9.86 32.53 13.75
C ILE G 49 11.19 31.78 13.85
N ARG G 50 11.61 31.13 12.78
CA ARG G 50 12.91 30.47 12.78
C ARG G 50 14.02 31.47 13.02
N GLN G 51 13.93 32.65 12.36
CA GLN G 51 14.90 33.70 12.61
C GLN G 51 14.84 34.19 14.05
N MET G 52 13.64 34.24 14.63
CA MET G 52 13.52 34.61 16.03
C MET G 52 14.23 33.60 16.93
N LYS G 53 14.04 32.31 16.64
CA LYS G 53 14.75 31.27 17.38
C LYS G 53 16.26 31.33 17.15
N HIS G 54 16.70 31.62 15.92
CA HIS G 54 18.13 31.80 15.67
C HIS G 54 18.67 32.94 16.54
N ALA G 55 18.00 34.09 16.50
CA ALA G 55 18.46 35.23 17.28
C ALA G 55 18.56 34.87 18.76
N ASP G 56 17.56 34.16 19.29
CA ASP G 56 17.58 33.70 20.68
C ASP G 56 18.83 32.87 20.96
N LYS G 57 19.11 31.89 20.12
CA LYS G 57 20.27 31.04 20.36
C LYS G 57 21.57 31.85 20.35
N ILE G 58 21.67 32.85 19.47
CA ILE G 58 22.89 33.66 19.40
C ILE G 58 23.01 34.56 20.61
N ILE G 59 21.91 35.21 20.99
CA ILE G 59 21.91 36.03 22.21
C ILE G 59 22.39 35.20 23.41
N GLU G 60 21.84 34.00 23.56
CA GLU G 60 22.24 33.17 24.69
C GLU G 60 23.71 32.78 24.61
N ARG G 61 24.22 32.52 23.39
CA ARG G 61 25.62 32.19 23.23
C ARG G 61 26.51 33.40 23.53
N ILE G 62 26.13 34.60 23.05
CA ILE G 62 26.93 35.78 23.37
C ILE G 62 26.99 35.99 24.88
N LEU G 63 25.86 35.83 25.57
CA LEU G 63 25.86 36.06 27.02
C LEU G 63 26.72 35.05 27.77
N PHE G 64 26.63 33.76 27.43
CA PHE G 64 27.51 32.78 28.05
C PHE G 64 28.98 33.16 27.87
N LEU G 65 29.35 33.64 26.67
CA LEU G 65 30.72 34.08 26.43
C LEU G 65 31.02 35.45 27.05
N GLU G 66 30.05 36.01 27.79
CA GLU G 66 30.25 37.25 28.55
C GLU G 66 30.42 38.47 27.65
N GLY G 67 29.83 38.44 26.46
CA GLY G 67 29.74 39.61 25.61
C GLY G 67 28.38 40.28 25.75
N LEU G 68 28.22 41.38 25.02
CA LEU G 68 27.00 42.16 25.10
C LEU G 68 26.19 42.03 23.82
N PRO G 69 25.08 41.29 23.81
CA PRO G 69 24.25 41.24 22.60
C PRO G 69 23.72 42.62 22.26
N ASN G 70 23.77 42.95 20.97
CA ASN G 70 23.36 44.26 20.45
C ASN G 70 22.04 44.08 19.69
N LEU G 71 20.95 44.56 20.28
CA LEU G 71 19.65 44.51 19.62
C LEU G 71 19.15 45.87 19.19
N GLN G 72 20.02 46.87 19.21
CA GLN G 72 19.63 48.24 19.01
C GLN G 72 19.57 48.62 17.54
N HIS G 73 20.19 47.84 16.68
CA HIS G 73 20.39 48.27 15.30
C HIS G 73 19.82 47.24 14.33
N LEU G 74 19.43 47.73 13.15
CA LEU G 74 18.78 46.95 12.12
C LEU G 74 19.36 47.32 10.77
N GLY G 75 19.41 46.34 9.89
CA GLY G 75 19.80 46.59 8.52
C GLY G 75 18.65 47.00 7.62
N LYS G 76 19.00 47.20 6.35
CA LYS G 76 18.00 47.53 5.35
C LYS G 76 17.04 46.37 5.18
N LEU G 77 15.74 46.66 5.32
CA LEU G 77 14.69 45.72 4.95
C LEU G 77 14.46 45.82 3.47
N TYR G 78 14.44 44.68 2.79
CA TYR G 78 14.12 44.64 1.36
C TYR G 78 12.66 44.26 1.23
N ILE G 79 11.81 45.23 0.94
CA ILE G 79 10.38 45.01 0.94
C ILE G 79 9.87 45.01 -0.49
N GLY G 80 9.28 43.90 -0.92
CA GLY G 80 8.75 43.82 -2.27
C GLY G 80 7.36 44.43 -2.38
N GLN G 81 6.96 44.71 -3.62
CA GLN G 81 5.66 45.30 -3.92
C GLN G 81 4.71 44.34 -4.60
N HIS G 82 5.18 43.15 -4.97
CA HIS G 82 4.35 42.11 -5.55
C HIS G 82 5.05 40.78 -5.30
N THR G 83 4.30 39.68 -5.50
CA THR G 83 4.75 38.37 -5.06
C THR G 83 6.18 38.06 -5.53
N GLU G 84 6.44 38.22 -6.83
CA GLU G 84 7.76 37.85 -7.34
C GLU G 84 8.86 38.72 -6.73
N GLU G 85 8.61 40.02 -6.56
CA GLU G 85 9.62 40.91 -6.01
C GLU G 85 9.90 40.59 -4.54
N VAL G 86 8.86 40.25 -3.79
CA VAL G 86 9.04 39.84 -2.39
C VAL G 86 10.00 38.65 -2.33
N LEU G 87 9.75 37.63 -3.15
CA LEU G 87 10.62 36.46 -3.12
C LEU G 87 12.07 36.87 -3.40
N GLN G 88 12.27 37.76 -4.36
CA GLN G 88 13.62 38.20 -4.68
C GLN G 88 14.24 39.00 -3.54
N CYS G 89 13.41 39.78 -2.82
CA CYS G 89 13.92 40.51 -1.66
C CYS G 89 14.36 39.54 -0.57
N ASP G 90 13.59 38.47 -0.36
CA ASP G 90 13.99 37.46 0.62
C ASP G 90 15.28 36.77 0.21
N ILE G 91 15.46 36.50 -1.10
CA ILE G 91 16.68 35.85 -1.56
C ILE G 91 17.89 36.73 -1.24
N ARG G 92 17.76 38.03 -1.47
CA ARG G 92 18.83 38.96 -1.14
C ARG G 92 19.15 38.91 0.35
N LYS G 93 18.13 38.85 1.20
CA LYS G 93 18.36 38.84 2.64
C LYS G 93 19.03 37.54 3.11
N VAL G 94 18.53 36.40 2.65
CA VAL G 94 19.12 35.14 3.13
C VAL G 94 20.55 35.01 2.65
N LYS G 95 20.88 35.54 1.47
CA LYS G 95 22.26 35.55 1.03
C LYS G 95 23.15 36.35 1.97
N GLU G 96 22.66 37.48 2.49
CA GLU G 96 23.44 38.22 3.48
C GLU G 96 23.59 37.40 4.75
N ASN G 97 22.50 36.78 5.22
CA ASN G 97 22.56 35.92 6.41
C ASN G 97 23.60 34.83 6.25
N ILE G 98 23.57 34.13 5.13
CA ILE G 98 24.45 32.99 4.94
C ILE G 98 25.90 33.47 4.94
N GLU G 99 26.18 34.63 4.34
CA GLU G 99 27.55 35.14 4.31
C GLU G 99 28.07 35.46 5.70
N ALA G 100 27.23 36.05 6.54
CA ALA G 100 27.67 36.35 7.90
C ALA G 100 27.87 35.07 8.70
N ILE G 101 27.01 34.09 8.49
CA ILE G 101 27.13 32.82 9.20
C ILE G 101 28.39 32.07 8.76
N GLN G 102 28.66 32.05 7.45
CA GLN G 102 29.87 31.39 6.97
C GLN G 102 31.13 32.00 7.59
N LYS G 103 31.19 33.34 7.71
CA LYS G 103 32.36 33.93 8.34
C LYS G 103 32.44 33.60 9.82
N ALA G 104 31.29 33.47 10.48
CA ALA G 104 31.29 33.03 11.87
C ALA G 104 31.82 31.60 12.01
N VAL G 105 31.42 30.69 11.11
CA VAL G 105 31.97 29.33 11.17
C VAL G 105 33.47 29.34 11.00
N ALA G 106 33.95 30.03 9.97
CA ALA G 106 35.38 30.05 9.66
C ALA G 106 36.17 30.64 10.81
N LEU G 107 35.66 31.74 11.39
CA LEU G 107 36.36 32.41 12.48
C LEU G 107 36.30 31.60 13.77
N ALA G 108 35.13 31.02 14.09
CA ALA G 108 35.04 30.17 15.27
C ALA G 108 36.01 29.02 15.18
N GLU G 109 36.16 28.42 13.98
CA GLU G 109 37.10 27.32 13.84
C GLU G 109 38.52 27.79 14.14
N THR G 110 38.89 28.96 13.60
CA THR G 110 40.26 29.44 13.75
C THR G 110 40.60 29.68 15.21
N GLU G 111 39.67 30.27 15.96
CA GLU G 111 39.83 30.57 17.37
C GLU G 111 39.46 29.38 18.26
N GLN G 112 39.23 28.22 17.69
CA GLN G 112 38.97 26.99 18.45
C GLN G 112 37.81 27.18 19.40
N ASP G 113 36.78 27.88 18.92
CA ASP G 113 35.51 27.98 19.61
C ASP G 113 34.56 27.00 18.94
N TYR G 114 34.77 25.71 19.25
CA TYR G 114 34.11 24.68 18.48
C TYR G 114 32.63 24.60 18.79
N VAL G 115 32.21 25.00 19.99
CA VAL G 115 30.80 24.96 20.32
C VAL G 115 30.07 26.08 19.58
N THR G 116 30.63 27.27 19.53
CA THR G 116 30.00 28.31 18.72
C THR G 116 29.93 27.87 17.26
N ARG G 117 31.01 27.30 16.72
CA ARG G 117 30.97 26.86 15.34
C ARG G 117 29.76 25.97 15.06
N ASP G 118 29.54 24.98 15.91
CA ASP G 118 28.45 24.04 15.70
C ASP G 118 27.09 24.72 15.80
N LEU G 119 26.95 25.70 16.70
CA LEU G 119 25.72 26.45 16.76
C LEU G 119 25.45 27.14 15.43
N VAL G 120 26.45 27.86 14.90
CA VAL G 120 26.19 28.62 13.67
C VAL G 120 26.11 27.68 12.47
N GLN G 121 26.76 26.51 12.54
CA GLN G 121 26.62 25.53 11.45
C GLN G 121 25.21 25.01 11.34
N GLU G 122 24.52 24.81 12.48
CA GLU G 122 23.12 24.38 12.45
C GLU G 122 22.24 25.44 11.83
N ILE G 123 22.44 26.71 12.21
CA ILE G 123 21.65 27.79 11.65
C ILE G 123 21.84 27.85 10.15
N LEU G 124 23.08 27.70 9.70
CA LEU G 124 23.37 27.73 8.27
C LEU G 124 22.56 26.69 7.53
N GLU G 125 22.46 25.48 8.08
CA GLU G 125 21.71 24.44 7.39
C GLU G 125 20.28 24.90 7.13
N LYS G 126 19.67 25.57 8.11
CA LYS G 126 18.30 26.04 7.96
C LYS G 126 18.23 27.21 6.97
N GLU G 127 19.24 28.08 6.98
CA GLU G 127 19.23 29.20 6.03
C GLU G 127 19.32 28.68 4.60
N GLU G 128 20.13 27.64 4.38
CA GLU G 128 20.19 27.04 3.03
C GLU G 128 18.83 26.47 2.64
N GLU G 129 18.08 25.93 3.60
CA GLU G 129 16.76 25.40 3.28
C GLU G 129 15.83 26.52 2.81
N TYR G 130 15.85 27.66 3.48
CA TYR G 130 14.98 28.75 3.07
C TYR G 130 15.41 29.29 1.71
N TRP G 131 16.72 29.36 1.47
CA TRP G 131 17.23 29.77 0.16
C TRP G 131 16.73 28.84 -0.93
N ASP G 132 16.81 27.53 -0.69
CA ASP G 132 16.34 26.54 -1.66
C ASP G 132 14.85 26.72 -1.93
N TRP G 133 14.06 26.89 -0.87
CA TRP G 133 12.63 27.06 -1.04
C TRP G 133 12.32 28.28 -1.90
N LEU G 134 13.00 29.40 -1.65
CA LEU G 134 12.81 30.61 -2.44
C LEU G 134 13.17 30.38 -3.90
N ASP G 135 14.31 29.74 -4.15
CA ASP G 135 14.68 29.44 -5.52
C ASP G 135 13.58 28.65 -6.21
N THR G 136 13.02 27.67 -5.51
CA THR G 136 11.97 26.84 -6.09
C THR G 136 10.75 27.67 -6.44
N GLN G 137 10.37 28.62 -5.58
CA GLN G 137 9.20 29.45 -5.85
C GLN G 137 9.40 30.28 -7.11
N ILE G 138 10.60 30.84 -7.29
CA ILE G 138 10.90 31.62 -8.49
C ILE G 138 10.82 30.73 -9.73
N ASP G 139 11.41 29.54 -9.67
CA ASP G 139 11.33 28.64 -10.81
C ASP G 139 9.88 28.27 -11.09
N LEU G 140 9.09 28.03 -10.04
CA LEU G 140 7.69 27.67 -10.25
C LEU G 140 6.92 28.81 -10.88
N ILE G 141 7.22 30.06 -10.51
CA ILE G 141 6.60 31.17 -11.21
C ILE G 141 6.91 31.09 -12.70
N GLY G 142 8.14 30.70 -13.05
CA GLY G 142 8.49 30.56 -14.46
C GLY G 142 7.76 29.43 -15.14
N SER G 143 7.64 28.28 -14.45
CA SER G 143 7.06 27.09 -15.07
C SER G 143 5.55 27.22 -15.22
N VAL G 144 4.85 27.74 -14.21
CA VAL G 144 3.39 27.78 -14.23
C VAL G 144 2.82 29.17 -14.54
N GLY G 145 3.64 30.21 -14.51
CA GLY G 145 3.15 31.59 -14.68
C GLY G 145 2.68 32.20 -13.37
N ILE G 146 2.82 33.53 -13.26
CA ILE G 146 2.53 34.17 -11.98
C ILE G 146 1.05 34.00 -11.59
N GLU G 147 0.14 34.00 -12.58
CA GLU G 147 -1.28 33.89 -12.22
C GLU G 147 -1.59 32.51 -11.59
N ASN G 148 -1.09 31.44 -12.21
CA ASN G 148 -1.24 30.11 -11.60
C ASN G 148 -0.46 30.01 -10.29
N TYR G 149 0.74 30.59 -10.25
CA TYR G 149 1.54 30.48 -9.03
C TYR G 149 0.81 31.11 -7.84
N ILE G 150 0.34 32.34 -8.02
CA ILE G 150 -0.38 33.01 -6.93
C ILE G 150 -1.66 32.25 -6.58
N GLN G 151 -2.42 31.84 -7.60
CA GLN G 151 -3.60 31.03 -7.34
C GLN G 151 -3.27 29.86 -6.41
N SER G 152 -2.14 29.19 -6.65
CA SER G 152 -1.78 28.00 -5.86
C SER G 152 -1.43 28.35 -4.42
N ARG G 153 -0.99 29.57 -4.17
CA ARG G 153 -0.52 30.00 -2.86
C ARG G 153 -1.58 30.73 -2.06
N MET G 154 -2.82 30.74 -2.54
CA MET G 154 -3.92 31.34 -1.80
C MET G 154 -4.19 30.60 -0.49
N MET H 1 -5.73 56.45 0.85
CA MET H 1 -5.97 55.17 1.58
C MET H 1 -7.35 55.14 2.24
N LYS H 2 -7.80 53.95 2.63
CA LYS H 2 -9.11 53.86 3.25
C LYS H 2 -9.07 54.41 4.68
N GLY H 3 -7.92 54.29 5.37
CA GLY H 3 -7.82 54.79 6.71
C GLY H 3 -7.49 56.28 6.77
N ASN H 4 -7.58 56.83 7.96
CA ASN H 4 -7.19 58.21 8.19
C ASN H 4 -5.67 58.33 8.32
N ARG H 5 -5.07 59.26 7.59
CA ARG H 5 -3.61 59.31 7.54
C ARG H 5 -3.00 59.58 8.90
N ASP H 6 -3.61 60.49 9.68
CA ASP H 6 -3.06 60.82 10.99
C ASP H 6 -3.18 59.64 11.94
N VAL H 7 -4.30 58.91 11.88
CA VAL H 7 -4.42 57.69 12.68
C VAL H 7 -3.34 56.69 12.29
N ILE H 8 -3.10 56.52 10.98
CA ILE H 8 -2.08 55.58 10.54
C ILE H 8 -0.72 55.97 11.09
N ASN H 9 -0.39 57.27 11.04
CA ASN H 9 0.90 57.71 11.55
C ASN H 9 1.05 57.40 13.04
N GLN H 10 -0.02 57.58 13.82
CA GLN H 10 0.13 57.31 15.26
C GLN H 10 0.20 55.81 15.53
N LEU H 11 -0.53 55.01 14.75
CA LEU H 11 -0.36 53.57 14.87
C LEU H 11 1.08 53.17 14.59
N ASN H 12 1.72 53.83 13.62
CA ASN H 12 3.13 53.48 13.40
C ASN H 12 3.99 53.86 14.61
N GLN H 13 3.62 54.92 15.34
CA GLN H 13 4.34 55.25 16.57
C GLN H 13 4.17 54.17 17.62
N VAL H 14 2.94 53.71 17.81
CA VAL H 14 2.72 52.63 18.77
C VAL H 14 3.54 51.41 18.38
N LEU H 15 3.56 51.07 17.09
CA LEU H 15 4.34 49.92 16.64
C LEU H 15 5.82 50.11 16.96
N TYR H 16 6.34 51.31 16.69
CA TYR H 16 7.71 51.67 17.03
C TYR H 16 8.00 51.33 18.49
N HIS H 17 7.07 51.70 19.37
CA HIS H 17 7.30 51.43 20.79
C HIS H 17 7.17 49.95 21.10
N HIS H 18 6.22 49.25 20.46
CA HIS H 18 6.18 47.80 20.67
C HIS H 18 7.43 47.10 20.16
N LEU H 19 7.93 47.51 18.98
CA LEU H 19 9.14 46.88 18.46
C LEU H 19 10.31 47.06 19.42
N THR H 20 10.41 48.25 20.00
CA THR H 20 11.46 48.56 20.97
C THR H 20 11.31 47.72 22.22
N ALA H 21 10.07 47.59 22.72
CA ALA H 21 9.82 46.82 23.94
C ALA H 21 10.12 45.33 23.75
N ILE H 22 9.74 44.77 22.59
CA ILE H 22 10.09 43.38 22.29
C ILE H 22 11.56 43.13 22.61
N ASN H 23 12.41 43.97 22.02
CA ASN H 23 13.86 43.74 22.13
C ASN H 23 14.36 44.01 23.54
N GLN H 24 13.89 45.09 24.19
CA GLN H 24 14.34 45.34 25.55
C GLN H 24 13.97 44.18 26.47
N TYR H 25 12.68 43.78 26.48
CA TYR H 25 12.28 42.74 27.40
C TYR H 25 12.95 41.42 27.06
N PHE H 26 13.13 41.14 25.77
CA PHE H 26 13.75 39.88 25.39
C PHE H 26 15.18 39.80 25.90
N LEU H 27 15.96 40.87 25.68
CA LEU H 27 17.33 40.85 26.18
C LEU H 27 17.32 40.76 27.70
N HIS H 28 16.42 41.50 28.36
CA HIS H 28 16.34 41.41 29.82
C HIS H 28 16.03 40.00 30.27
N SER H 29 15.14 39.30 29.56
CA SER H 29 14.87 37.91 29.90
C SER H 29 16.15 37.11 29.88
N ARG H 30 16.90 37.19 28.77
CA ARG H 30 18.09 36.36 28.63
C ARG H 30 19.21 36.80 29.56
N MET H 31 19.26 38.08 29.93
CA MET H 31 20.21 38.52 30.96
C MET H 31 19.86 37.94 32.32
N PHE H 32 18.59 37.99 32.72
CA PHE H 32 18.17 37.36 33.97
C PHE H 32 18.49 35.87 33.96
N ASN H 33 18.24 35.18 32.83
CA ASN H 33 18.58 33.75 32.80
C ASN H 33 20.08 33.54 32.93
N ASP H 34 20.88 34.33 32.23
CA ASP H 34 22.33 34.23 32.35
C ASP H 34 22.79 34.43 33.79
N TRP H 35 22.06 35.25 34.55
CA TRP H 35 22.36 35.46 35.95
C TRP H 35 21.80 34.40 36.89
N GLY H 36 20.98 33.48 36.38
CA GLY H 36 20.36 32.52 37.25
C GLY H 36 19.09 32.96 37.94
N ILE H 37 18.49 34.09 37.52
CA ILE H 37 17.27 34.61 38.13
C ILE H 37 16.12 34.22 37.22
N GLU H 38 15.76 32.93 37.26
CA GLU H 38 15.00 32.35 36.17
C GLU H 38 13.54 32.81 36.18
N GLN H 39 12.95 33.09 37.35
CA GLN H 39 11.54 33.49 37.34
C GLN H 39 11.35 34.88 36.73
N LEU H 40 12.32 35.78 36.90
CA LEU H 40 12.24 37.06 36.22
C LEU H 40 12.63 36.93 34.75
N GLY H 41 13.53 35.98 34.44
CA GLY H 41 13.72 35.64 33.04
C GLY H 41 12.41 35.26 32.37
N SER H 42 11.60 34.43 33.04
CA SER H 42 10.33 34.02 32.45
C SER H 42 9.36 35.18 32.32
N ALA H 43 9.24 36.01 33.36
CA ALA H 43 8.29 37.13 33.27
C ALA H 43 8.65 38.06 32.12
N GLU H 44 9.95 38.32 31.92
CA GLU H 44 10.36 39.20 30.83
C GLU H 44 10.10 38.57 29.48
N TYR H 45 10.31 37.25 29.38
CA TYR H 45 10.03 36.55 28.14
C TYR H 45 8.54 36.65 27.79
N LYS H 46 7.67 36.33 28.76
CA LYS H 46 6.23 36.39 28.50
C LYS H 46 5.83 37.77 28.02
N GLU H 47 6.38 38.81 28.64
CA GLU H 47 6.01 40.16 28.23
C GLU H 47 6.60 40.50 26.87
N SER H 48 7.78 39.96 26.55
CA SER H 48 8.31 40.13 25.20
C SER H 48 7.37 39.53 24.17
N ILE H 49 6.88 38.31 24.43
CA ILE H 49 5.93 37.69 23.51
C ILE H 49 4.64 38.50 23.44
N ARG H 50 4.17 39.02 24.57
CA ARG H 50 2.99 39.87 24.56
C ARG H 50 3.22 41.07 23.67
N GLN H 51 4.42 41.69 23.74
CA GLN H 51 4.71 42.83 22.89
C GLN H 51 4.75 42.44 21.42
N MET H 52 5.25 41.24 21.13
CA MET H 52 5.25 40.73 19.77
C MET H 52 3.84 40.58 19.24
N LYS H 53 2.92 40.08 20.09
CA LYS H 53 1.53 39.97 19.69
C LYS H 53 0.91 41.34 19.46
N HIS H 54 1.21 42.30 20.33
CA HIS H 54 0.73 43.67 20.12
C HIS H 54 1.18 44.19 18.77
N ALA H 55 2.48 44.02 18.48
CA ALA H 55 3.01 44.51 17.21
C ALA H 55 2.30 43.87 16.03
N ASP H 56 2.05 42.56 16.11
CA ASP H 56 1.35 41.86 15.05
C ASP H 56 -0.01 42.50 14.77
N LYS H 57 -0.81 42.72 15.82
CA LYS H 57 -2.13 43.30 15.63
C LYS H 57 -2.03 44.70 15.03
N ILE H 58 -1.03 45.50 15.43
CA ILE H 58 -0.94 46.86 14.88
C ILE H 58 -0.57 46.80 13.41
N ILE H 59 0.41 45.96 13.05
CA ILE H 59 0.79 45.79 11.66
C ILE H 59 -0.42 45.41 10.82
N GLU H 60 -1.18 44.42 11.28
CA GLU H 60 -2.32 43.98 10.48
C GLU H 60 -3.37 45.07 10.38
N ARG H 61 -3.55 45.84 11.44
CA ARG H 61 -4.50 46.95 11.38
C ARG H 61 -4.01 48.03 10.40
N ILE H 62 -2.72 48.36 10.43
CA ILE H 62 -2.21 49.34 9.48
C ILE H 62 -2.39 48.87 8.04
N LEU H 63 -2.15 47.59 7.78
CA LEU H 63 -2.32 47.11 6.42
C LEU H 63 -3.79 47.13 5.99
N PHE H 64 -4.70 46.74 6.89
CA PHE H 64 -6.11 46.85 6.57
C PHE H 64 -6.47 48.29 6.17
N LEU H 65 -5.93 49.27 6.89
CA LEU H 65 -6.20 50.68 6.58
C LEU H 65 -5.43 51.18 5.37
N GLU H 66 -4.68 50.32 4.69
CA GLU H 66 -3.97 50.64 3.46
C GLU H 66 -2.80 51.59 3.71
N GLY H 67 -2.21 51.49 4.91
CA GLY H 67 -0.99 52.20 5.23
C GLY H 67 0.21 51.28 5.14
N LEU H 68 1.38 51.86 5.39
CA LEU H 68 2.65 51.12 5.31
C LEU H 68 3.23 50.91 6.70
N PRO H 69 3.16 49.70 7.26
CA PRO H 69 3.78 49.48 8.57
C PRO H 69 5.27 49.71 8.50
N ASN H 70 5.79 50.40 9.52
CA ASN H 70 7.20 50.77 9.56
C ASN H 70 7.88 49.87 10.59
N LEU H 71 8.61 48.87 10.10
CA LEU H 71 9.40 47.99 10.96
C LEU H 71 10.88 48.24 10.80
N GLN H 72 11.25 49.33 10.15
CA GLN H 72 12.65 49.55 9.85
C GLN H 72 13.42 50.20 10.99
N HIS H 73 12.73 50.82 11.95
CA HIS H 73 13.43 51.58 12.96
C HIS H 73 12.94 51.24 14.35
N LEU H 74 13.82 51.49 15.32
CA LEU H 74 13.63 51.16 16.72
C LEU H 74 13.90 52.39 17.58
N GLY H 75 13.27 52.44 18.75
CA GLY H 75 13.64 53.43 19.75
C GLY H 75 14.84 53.00 20.62
N LYS H 76 15.20 53.86 21.59
CA LYS H 76 16.30 53.56 22.50
C LYS H 76 15.92 52.41 23.45
N LEU H 77 16.80 51.40 23.52
CA LEU H 77 16.67 50.31 24.49
C LEU H 77 17.21 50.74 25.84
N TYR H 78 16.42 50.53 26.90
CA TYR H 78 16.90 50.82 28.26
C TYR H 78 17.32 49.50 28.90
N ILE H 79 18.64 49.25 28.97
CA ILE H 79 19.15 47.96 29.41
C ILE H 79 19.79 48.14 30.78
N GLY H 80 19.29 47.44 31.79
CA GLY H 80 19.87 47.54 33.11
C GLY H 80 21.04 46.61 33.34
N GLN H 81 21.83 46.93 34.36
CA GLN H 81 23.01 46.14 34.72
C GLN H 81 22.83 45.34 36.00
N HIS H 82 21.73 45.50 36.69
CA HIS H 82 21.44 44.66 37.86
C HIS H 82 19.93 44.67 38.02
N THR H 83 19.43 43.74 38.85
CA THR H 83 18.00 43.46 38.89
C THR H 83 17.17 44.73 39.07
N GLU H 84 17.46 45.52 40.09
CA GLU H 84 16.59 46.66 40.35
C GLU H 84 16.63 47.64 39.17
N GLU H 85 17.81 47.83 38.58
CA GLU H 85 17.93 48.76 37.47
C GLU H 85 17.18 48.25 36.24
N VAL H 86 17.21 46.93 36.00
CA VAL H 86 16.44 46.37 34.89
C VAL H 86 14.97 46.74 35.05
N LEU H 87 14.43 46.56 36.26
CA LEU H 87 13.01 46.83 36.49
C LEU H 87 12.70 48.29 36.22
N GLN H 88 13.57 49.19 36.66
CA GLN H 88 13.38 50.62 36.42
C GLN H 88 13.48 50.95 34.94
N CYS H 89 14.35 50.24 34.20
CA CYS H 89 14.41 50.42 32.76
C CYS H 89 13.13 49.96 32.08
N ASP H 90 12.56 48.84 32.54
CA ASP H 90 11.28 48.41 31.98
C ASP H 90 10.19 49.43 32.31
N ILE H 91 10.20 49.98 33.54
CA ILE H 91 9.19 50.96 33.90
C ILE H 91 9.27 52.16 32.96
N ARG H 92 10.48 52.63 32.67
CA ARG H 92 10.62 53.73 31.74
C ARG H 92 10.01 53.37 30.39
N LYS H 93 10.25 52.14 29.93
CA LYS H 93 9.75 51.75 28.61
C LYS H 93 8.22 51.64 28.59
N VAL H 94 7.63 51.00 29.60
CA VAL H 94 6.18 50.81 29.55
C VAL H 94 5.47 52.16 29.63
N LYS H 95 6.03 53.13 30.36
CA LYS H 95 5.41 54.47 30.37
C LYS H 95 5.40 55.12 28.98
N GLU H 96 6.48 54.92 28.21
CA GLU H 96 6.50 55.41 26.84
C GLU H 96 5.42 54.72 26.01
N ASN H 97 5.28 53.39 26.16
CA ASN H 97 4.24 52.67 25.44
C ASN H 97 2.87 53.25 25.73
N ILE H 98 2.56 53.44 27.02
CA ILE H 98 1.23 53.86 27.44
C ILE H 98 0.91 55.25 26.93
N GLU H 99 1.88 56.16 26.96
CA GLU H 99 1.63 57.52 26.46
C GLU H 99 1.29 57.50 24.97
N ALA H 100 2.01 56.69 24.21
CA ALA H 100 1.75 56.58 22.78
C ALA H 100 0.40 55.94 22.52
N ILE H 101 0.06 54.90 23.31
CA ILE H 101 -1.22 54.22 23.16
C ILE H 101 -2.36 55.15 23.55
N GLN H 102 -2.22 55.89 24.66
CA GLN H 102 -3.28 56.83 25.05
C GLN H 102 -3.54 57.87 23.96
N LYS H 103 -2.47 58.40 23.34
CA LYS H 103 -2.72 59.37 22.28
C LYS H 103 -3.35 58.71 21.05
N ALA H 104 -3.03 57.43 20.79
CA ALA H 104 -3.71 56.72 19.71
C ALA H 104 -5.19 56.53 20.03
N VAL H 105 -5.53 56.22 21.29
CA VAL H 105 -6.95 56.12 21.63
C VAL H 105 -7.67 57.44 21.37
N ALA H 106 -7.08 58.53 21.88
CA ALA H 106 -7.71 59.85 21.77
C ALA H 106 -7.88 60.26 20.30
N LEU H 107 -6.89 59.95 19.46
CA LEU H 107 -6.95 60.34 18.06
C LEU H 107 -7.94 59.49 17.29
N ALA H 108 -7.94 58.18 17.53
CA ALA H 108 -8.88 57.31 16.86
C ALA H 108 -10.32 57.75 17.15
N GLU H 109 -10.56 58.17 18.39
CA GLU H 109 -11.90 58.63 18.77
C GLU H 109 -12.29 59.86 17.97
N THR H 110 -11.39 60.84 17.90
CA THR H 110 -11.68 62.09 17.22
C THR H 110 -11.97 61.87 15.74
N GLU H 111 -11.20 60.99 15.11
CA GLU H 111 -11.39 60.68 13.70
C GLU H 111 -12.42 59.58 13.45
N GLN H 112 -13.10 59.13 14.49
CA GLN H 112 -14.17 58.14 14.36
C GLN H 112 -13.66 56.84 13.73
N ASP H 113 -12.46 56.42 14.13
CA ASP H 113 -11.96 55.09 13.79
C ASP H 113 -12.12 54.22 15.04
N TYR H 114 -13.36 53.79 15.26
CA TYR H 114 -13.72 53.18 16.52
C TYR H 114 -13.16 51.77 16.67
N VAL H 115 -12.95 51.04 15.57
CA VAL H 115 -12.34 49.72 15.69
C VAL H 115 -10.87 49.85 16.06
N THR H 116 -10.17 50.81 15.46
CA THR H 116 -8.79 51.04 15.86
C THR H 116 -8.73 51.40 17.35
N ARG H 117 -9.65 52.27 17.78
CA ARG H 117 -9.66 52.65 19.19
C ARG H 117 -9.74 51.41 20.08
N ASP H 118 -10.64 50.48 19.76
CA ASP H 118 -10.83 49.32 20.62
C ASP H 118 -9.60 48.41 20.62
N LEU H 119 -8.92 48.31 19.47
CA LEU H 119 -7.68 47.55 19.41
C LEU H 119 -6.64 48.13 20.37
N VAL H 120 -6.40 49.44 20.32
CA VAL H 120 -5.34 49.99 21.18
C VAL H 120 -5.82 50.06 22.63
N GLN H 121 -7.14 50.16 22.85
CA GLN H 121 -7.65 50.06 24.21
C GLN H 121 -7.33 48.70 24.82
N GLU H 122 -7.45 47.63 24.03
CA GLU H 122 -7.12 46.30 24.54
C GLU H 122 -5.65 46.20 24.90
N ILE H 123 -4.77 46.73 24.06
CA ILE H 123 -3.33 46.70 24.35
C ILE H 123 -3.05 47.48 25.62
N LEU H 124 -3.67 48.65 25.76
CA LEU H 124 -3.41 49.51 26.90
C LEU H 124 -3.66 48.79 28.21
N GLU H 125 -4.78 48.05 28.29
CA GLU H 125 -5.08 47.31 29.51
C GLU H 125 -3.93 46.38 29.89
N LYS H 126 -3.31 45.73 28.91
CA LYS H 126 -2.20 44.84 29.21
C LYS H 126 -0.94 45.62 29.61
N GLU H 127 -0.72 46.79 29.01
CA GLU H 127 0.45 47.58 29.37
C GLU H 127 0.32 48.10 30.81
N GLU H 128 -0.89 48.46 31.21
CA GLU H 128 -1.10 48.84 32.61
C GLU H 128 -0.81 47.66 33.54
N GLU H 129 -1.13 46.44 33.09
CA GLU H 129 -0.86 45.28 33.92
C GLU H 129 0.63 45.08 34.12
N TYR H 130 1.42 45.23 33.06
CA TYR H 130 2.86 45.06 33.23
C TYR H 130 3.46 46.17 34.07
N TRP H 131 3.00 47.41 33.88
CA TRP H 131 3.44 48.51 34.73
C TRP H 131 3.18 48.18 36.19
N ASP H 132 1.98 47.68 36.49
CA ASP H 132 1.62 47.33 37.86
C ASP H 132 2.55 46.25 38.41
N TRP H 133 2.80 45.22 37.62
CA TRP H 133 3.69 44.15 38.07
C TRP H 133 5.09 44.70 38.38
N LEU H 134 5.61 45.59 37.53
CA LEU H 134 6.92 46.18 37.78
C LEU H 134 6.94 47.02 39.05
N ASP H 135 5.93 47.89 39.23
CA ASP H 135 5.84 48.67 40.46
C ASP H 135 5.89 47.75 41.67
N THR H 136 5.17 46.63 41.59
CA THR H 136 5.14 45.70 42.71
C THR H 136 6.53 45.15 43.00
N GLN H 137 7.28 44.81 41.96
CA GLN H 137 8.60 44.25 42.22
C GLN H 137 9.48 45.27 42.93
N ILE H 138 9.40 46.54 42.54
CA ILE H 138 10.20 47.57 43.19
C ILE H 138 9.87 47.65 44.67
N ASP H 139 8.57 47.68 45.00
CA ASP H 139 8.16 47.75 46.38
C ASP H 139 8.66 46.54 47.17
N LEU H 140 8.56 45.35 46.57
CA LEU H 140 9.03 44.14 47.24
C LEU H 140 10.53 44.18 47.49
N ILE H 141 11.31 44.72 46.55
CA ILE H 141 12.72 44.93 46.85
C ILE H 141 12.87 45.82 48.08
N GLY H 142 12.00 46.82 48.20
CA GLY H 142 12.01 47.64 49.40
C GLY H 142 11.64 46.85 50.65
N SER H 143 10.61 46.00 50.55
CA SER H 143 10.09 45.31 51.74
C SER H 143 11.03 44.21 52.21
N VAL H 144 11.53 43.36 51.29
CA VAL H 144 12.28 42.18 51.69
C VAL H 144 13.78 42.33 51.51
N GLY H 145 14.24 43.39 50.85
CA GLY H 145 15.66 43.54 50.54
C GLY H 145 16.05 42.86 49.25
N ILE H 146 17.06 43.43 48.58
CA ILE H 146 17.40 42.92 47.25
C ILE H 146 17.93 41.49 47.33
N GLU H 147 18.61 41.12 48.42
CA GLU H 147 19.14 39.76 48.51
C GLU H 147 18.01 38.73 48.59
N ASN H 148 17.04 38.96 49.47
CA ASN H 148 15.87 38.10 49.53
C ASN H 148 15.07 38.16 48.22
N TYR H 149 14.95 39.36 47.63
CA TYR H 149 14.12 39.46 46.42
C TYR H 149 14.70 38.61 45.29
N ILE H 150 16.00 38.73 45.03
CA ILE H 150 16.61 37.93 43.97
C ILE H 150 16.48 36.45 44.28
N GLN H 151 16.81 36.06 45.51
CA GLN H 151 16.69 34.66 45.93
C GLN H 151 15.32 34.11 45.57
N SER H 152 14.26 34.91 45.79
CA SER H 152 12.90 34.48 45.51
C SER H 152 12.65 34.34 44.01
N ARG H 153 13.39 35.07 43.19
CA ARG H 153 13.16 35.10 41.75
C ARG H 153 14.10 34.17 41.01
N MET H 154 14.86 33.33 41.73
CA MET H 154 15.70 32.33 41.10
C MET H 154 14.87 31.28 40.35
N MET I 1 22.27 -28.11 -13.19
CA MET I 1 21.68 -26.90 -12.65
C MET I 1 20.18 -27.11 -12.45
N ARG I 2 19.59 -26.41 -11.49
CA ARG I 2 18.18 -26.61 -11.23
C ARG I 2 17.31 -25.96 -12.32
N GLY I 3 17.67 -24.74 -12.77
CA GLY I 3 16.87 -24.06 -13.79
C GLY I 3 17.34 -24.32 -15.22
N ASN I 4 16.46 -24.00 -16.19
CA ASN I 4 16.79 -24.14 -17.62
C ASN I 4 17.75 -23.03 -18.04
N PRO I 5 18.82 -23.33 -18.79
CA PRO I 5 19.80 -22.27 -19.10
C PRO I 5 19.24 -21.11 -19.89
N GLU I 6 18.30 -21.35 -20.81
CA GLU I 6 17.73 -20.24 -21.57
C GLU I 6 16.91 -19.32 -20.66
N VAL I 7 16.15 -19.89 -19.72
CA VAL I 7 15.37 -19.06 -18.78
C VAL I 7 16.31 -18.23 -17.92
N ILE I 8 17.34 -18.87 -17.36
CA ILE I 8 18.27 -18.15 -16.48
C ILE I 8 18.92 -16.99 -17.22
N ASP I 9 19.36 -17.24 -18.47
CA ASP I 9 19.96 -16.16 -19.25
C ASP I 9 19.00 -15.01 -19.48
N TYR I 10 17.75 -15.33 -19.81
CA TYR I 10 16.75 -14.28 -20.02
C TYR I 10 16.50 -13.52 -18.72
N LEU I 11 16.33 -14.24 -17.61
CA LEU I 11 16.11 -13.56 -16.33
C LEU I 11 17.30 -12.67 -15.98
N ASN I 12 18.52 -13.15 -16.18
CA ASN I 12 19.68 -12.31 -15.89
C ASN I 12 19.68 -11.06 -16.77
N MET I 13 19.24 -11.18 -18.03
CA MET I 13 19.08 -9.98 -18.85
C MET I 13 18.07 -9.03 -18.23
N LEU I 14 16.97 -9.57 -17.71
CA LEU I 14 15.95 -8.70 -17.14
C LEU I 14 16.45 -7.95 -15.91
N ILE I 15 17.27 -8.60 -15.08
CA ILE I 15 17.75 -7.94 -13.86
C ILE I 15 18.42 -6.61 -14.20
N GLY I 16 19.37 -6.65 -15.13
CA GLY I 16 20.06 -5.43 -15.52
C GLY I 16 19.12 -4.34 -16.00
N GLY I 17 18.02 -4.74 -16.65
CA GLY I 17 17.06 -3.74 -17.11
C GLY I 17 16.24 -3.15 -15.97
N GLU I 18 15.91 -3.96 -14.97
CA GLU I 18 15.11 -3.47 -13.84
C GLU I 18 15.96 -2.69 -12.84
N LEU I 19 17.25 -3.03 -12.70
CA LEU I 19 18.15 -2.19 -11.91
C LEU I 19 18.25 -0.79 -12.49
N ALA I 20 18.30 -0.69 -13.82
CA ALA I 20 18.38 0.60 -14.50
C ALA I 20 17.11 1.42 -14.31
N ALA I 21 15.94 0.79 -14.48
CA ALA I 21 14.67 1.50 -14.30
C ALA I 21 14.53 2.03 -12.88
N ARG I 22 14.88 1.21 -11.88
CA ARG I 22 14.87 1.70 -10.51
C ARG I 22 15.65 3.00 -10.42
N ASP I 23 16.83 3.03 -11.02
CA ASP I 23 17.70 4.19 -10.87
C ASP I 23 17.25 5.37 -11.72
N GLN I 24 16.66 5.11 -12.90
CA GLN I 24 16.10 6.21 -13.67
C GLN I 24 14.94 6.87 -12.94
N TYR I 25 14.10 6.07 -12.29
CA TYR I 25 13.01 6.65 -11.50
C TYR I 25 13.52 7.23 -10.19
N LEU I 26 14.66 6.74 -9.70
CA LEU I 26 15.28 7.38 -8.53
C LEU I 26 15.68 8.81 -8.86
N ILE I 27 16.42 8.99 -9.93
CA ILE I 27 16.91 10.33 -10.26
C ILE I 27 15.76 11.23 -10.68
N HIS I 28 14.80 10.70 -11.46
CA HIS I 28 13.70 11.56 -11.89
C HIS I 28 12.84 12.01 -10.71
N SER I 29 12.53 11.10 -9.79
CA SER I 29 11.71 11.48 -8.65
C SER I 29 12.37 12.57 -7.82
N ARG I 30 13.70 12.47 -7.63
CA ARG I 30 14.41 13.49 -6.86
C ARG I 30 14.50 14.78 -7.64
N MET I 31 14.56 14.71 -8.98
CA MET I 31 14.53 15.94 -9.76
C MET I 31 13.20 16.67 -9.59
N TYR I 32 12.09 15.94 -9.61
CA TYR I 32 10.81 16.61 -9.44
C TYR I 32 10.71 17.29 -8.08
N GLU I 33 11.22 16.66 -7.01
CA GLU I 33 11.17 17.34 -5.72
C GLU I 33 11.99 18.62 -5.74
N ASP I 34 13.15 18.60 -6.41
CA ASP I 34 13.97 19.82 -6.50
C ASP I 34 13.19 20.93 -7.20
N TRP I 35 12.40 20.59 -8.22
CA TRP I 35 11.56 21.52 -8.94
C TRP I 35 10.28 21.88 -8.19
N GLY I 36 10.06 21.29 -7.02
CA GLY I 36 8.88 21.56 -6.23
C GLY I 36 7.62 20.83 -6.62
N LEU I 37 7.73 19.77 -7.45
CA LEU I 37 6.55 19.04 -7.94
C LEU I 37 6.40 17.76 -7.14
N ASN I 38 5.92 17.95 -5.92
CA ASN I 38 5.93 16.90 -4.91
C ASN I 38 4.99 15.76 -5.25
N LYS I 39 3.91 16.04 -5.97
CA LYS I 39 2.99 14.97 -6.29
C LYS I 39 3.62 13.99 -7.29
N ILE I 40 4.30 14.50 -8.33
CA ILE I 40 5.00 13.58 -9.22
C ILE I 40 6.13 12.90 -8.49
N TYR I 41 6.83 13.64 -7.62
CA TYR I 41 7.88 13.04 -6.81
C TYR I 41 7.36 11.82 -6.06
N GLU I 42 6.24 11.96 -5.37
CA GLU I 42 5.73 10.82 -4.61
C GLU I 42 5.36 9.65 -5.51
N ARG I 43 4.72 9.95 -6.65
CA ARG I 43 4.31 8.86 -7.54
C ARG I 43 5.52 8.13 -8.10
N ILE I 44 6.51 8.87 -8.61
CA ILE I 44 7.64 8.20 -9.25
C ILE I 44 8.56 7.55 -8.22
N ASP I 45 8.68 8.14 -7.03
CA ASP I 45 9.39 7.44 -5.96
C ASP I 45 8.72 6.12 -5.64
N HIS I 46 7.39 6.10 -5.65
CA HIS I 46 6.69 4.84 -5.41
C HIS I 46 7.04 3.84 -6.50
N GLU I 47 7.10 4.28 -7.74
CA GLU I 47 7.42 3.35 -8.81
C GLU I 47 8.87 2.86 -8.71
N MET I 48 9.78 3.74 -8.32
CA MET I 48 11.15 3.31 -8.07
C MET I 48 11.20 2.17 -7.05
N GLN I 49 10.42 2.28 -5.98
CA GLN I 49 10.33 1.22 -4.99
C GLN I 49 9.82 -0.08 -5.63
N GLU I 50 8.79 0.03 -6.48
CA GLU I 50 8.26 -1.16 -7.15
C GLU I 50 9.30 -1.78 -8.07
N GLU I 51 10.06 -0.96 -8.80
CA GLU I 51 11.08 -1.48 -9.68
C GLU I 51 12.19 -2.18 -8.90
N ALA I 52 12.59 -1.60 -7.76
CA ALA I 52 13.57 -2.25 -6.92
C ALA I 52 13.05 -3.62 -6.48
N SER I 53 11.77 -3.69 -6.13
CA SER I 53 11.18 -4.97 -5.73
C SER I 53 11.15 -5.98 -6.87
N HIS I 54 10.88 -5.53 -8.10
CA HIS I 54 10.92 -6.44 -9.26
C HIS I 54 12.32 -7.05 -9.41
N ALA I 55 13.36 -6.22 -9.37
CA ALA I 55 14.71 -6.73 -9.50
C ALA I 55 15.03 -7.73 -8.39
N ASP I 56 14.61 -7.40 -7.16
CA ASP I 56 14.77 -8.30 -6.03
C ASP I 56 14.13 -9.66 -6.33
N ALA I 57 12.91 -9.64 -6.89
CA ALA I 57 12.24 -10.90 -7.19
C ALA I 57 13.05 -11.74 -8.17
N ILE I 58 13.58 -11.12 -9.23
CA ILE I 58 14.31 -11.90 -10.23
C ILE I 58 15.66 -12.36 -9.68
N ILE I 59 16.30 -11.53 -8.84
CA ILE I 59 17.52 -11.95 -8.18
C ILE I 59 17.27 -13.20 -7.33
N ARG I 60 16.20 -13.19 -6.52
CA ARG I 60 15.90 -14.37 -5.69
C ARG I 60 15.62 -15.60 -6.56
N ARG I 61 14.87 -15.43 -7.65
CA ARG I 61 14.52 -16.57 -8.50
C ARG I 61 15.76 -17.16 -9.15
N VAL I 62 16.67 -16.31 -9.63
CA VAL I 62 17.90 -16.82 -10.25
C VAL I 62 18.69 -17.66 -9.25
N LEU I 63 18.76 -17.18 -8.00
CA LEU I 63 19.42 -17.97 -6.96
C LEU I 63 18.70 -19.28 -6.71
N PHE I 64 17.36 -19.25 -6.65
CA PHE I 64 16.62 -20.50 -6.51
C PHE I 64 16.90 -21.44 -7.66
N LEU I 65 16.99 -20.91 -8.88
CA LEU I 65 17.21 -21.74 -10.06
C LEU I 65 18.65 -22.26 -10.16
N GLY I 66 19.53 -21.86 -9.26
CA GLY I 66 20.87 -22.41 -9.16
C GLY I 66 21.97 -21.60 -9.81
N ALA I 67 21.72 -20.35 -10.19
CA ALA I 67 22.68 -19.56 -10.96
C ALA I 67 23.11 -18.32 -10.21
N LYS I 68 24.07 -17.61 -10.79
CA LYS I 68 24.57 -16.36 -10.22
C LYS I 68 23.85 -15.19 -10.85
N PRO I 69 23.20 -14.33 -10.06
CA PRO I 69 22.54 -13.16 -10.66
C PRO I 69 23.53 -12.24 -11.37
N ASN I 70 23.10 -11.75 -12.52
CA ASN I 70 23.83 -10.77 -13.31
C ASN I 70 23.50 -9.40 -12.72
N MET I 71 24.47 -8.78 -12.03
CA MET I 71 24.24 -7.51 -11.38
C MET I 71 24.81 -6.34 -12.18
N HIS I 72 25.22 -6.57 -13.42
CA HIS I 72 25.58 -5.47 -14.30
C HIS I 72 24.34 -4.66 -14.55
N ARG I 73 24.48 -3.32 -14.52
CA ARG I 73 23.40 -2.37 -14.80
C ARG I 73 23.84 -1.47 -15.95
N GLU I 74 22.89 -0.87 -16.64
CA GLU I 74 23.29 0.16 -17.60
C GLU I 74 22.04 0.81 -18.19
N ASP I 75 22.28 1.77 -19.10
CA ASP I 75 21.16 2.32 -19.86
C ASP I 75 20.18 3.07 -18.98
N ILE I 76 20.53 4.27 -18.51
CA ILE I 76 19.56 5.21 -17.98
C ILE I 76 19.39 6.35 -18.97
N ASN I 77 18.15 6.83 -19.15
CA ASN I 77 17.85 8.04 -19.93
C ASN I 77 17.17 9.06 -19.04
N VAL I 78 17.90 10.13 -18.71
CA VAL I 78 17.44 11.16 -17.79
C VAL I 78 16.95 12.35 -18.60
N GLY I 79 15.76 12.84 -18.29
CA GLY I 79 15.22 14.00 -18.96
C GLY I 79 15.82 15.26 -18.40
N THR I 80 15.33 16.39 -18.90
CA THR I 80 15.76 17.70 -18.43
C THR I 80 14.62 18.60 -17.98
N ASP I 81 13.37 18.22 -18.22
CA ASP I 81 12.21 18.96 -17.74
C ASP I 81 11.07 17.96 -17.58
N VAL I 82 9.91 18.47 -17.13
CA VAL I 82 8.78 17.60 -16.81
C VAL I 82 8.41 16.72 -17.99
N VAL I 83 8.25 17.32 -19.17
CA VAL I 83 7.72 16.54 -20.30
C VAL I 83 8.78 15.52 -20.73
N SER I 84 10.04 15.94 -20.77
CA SER I 84 11.11 15.04 -21.16
C SER I 84 11.26 13.88 -20.18
N CYS I 85 11.09 14.15 -18.88
CA CYS I 85 11.23 13.08 -17.91
C CYS I 85 10.11 12.06 -18.03
N LEU I 86 8.88 12.54 -18.21
CA LEU I 86 7.76 11.61 -18.37
C LEU I 86 7.95 10.77 -19.63
N LYS I 87 8.39 11.40 -20.73
CA LYS I 87 8.54 10.66 -21.98
C LYS I 87 9.65 9.61 -21.84
N ALA I 88 10.72 9.95 -21.13
CA ALA I 88 11.80 8.99 -20.95
C ALA I 88 11.32 7.77 -20.18
N ASP I 89 10.54 7.98 -19.11
CA ASP I 89 10.07 6.85 -18.32
C ASP I 89 9.07 6.00 -19.10
N LEU I 90 8.23 6.63 -19.94
CA LEU I 90 7.26 5.89 -20.74
C LEU I 90 7.97 5.03 -21.78
N ALA I 91 8.97 5.58 -22.47
CA ALA I 91 9.70 4.76 -23.42
C ALA I 91 10.32 3.56 -22.74
N LEU I 92 10.88 3.75 -21.54
CA LEU I 92 11.50 2.64 -20.83
C LEU I 92 10.48 1.59 -20.45
N GLU I 93 9.33 2.02 -19.94
CA GLU I 93 8.31 1.05 -19.54
C GLU I 93 7.79 0.27 -20.74
N TYR I 94 7.66 0.92 -21.90
CA TYR I 94 7.30 0.19 -23.10
C TYR I 94 8.34 -0.90 -23.42
N HIS I 95 9.64 -0.57 -23.26
CA HIS I 95 10.70 -1.57 -23.43
C HIS I 95 10.50 -2.74 -22.48
N VAL I 96 10.31 -2.43 -21.19
CA VAL I 96 10.18 -3.46 -20.17
C VAL I 96 8.98 -4.32 -20.45
N ARG I 97 7.89 -3.72 -20.92
CA ARG I 97 6.69 -4.46 -21.28
C ARG I 97 7.00 -5.52 -22.33
N GLU I 98 7.63 -5.12 -23.43
CA GLU I 98 7.98 -6.05 -24.49
C GLU I 98 8.94 -7.12 -23.97
N LYS I 99 9.92 -6.73 -23.17
CA LYS I 99 10.87 -7.69 -22.63
C LYS I 99 10.17 -8.72 -21.76
N LEU I 100 9.22 -8.27 -20.94
CA LEU I 100 8.54 -9.22 -20.02
C LEU I 100 7.69 -10.22 -20.79
N ALA I 101 6.98 -9.76 -21.81
CA ALA I 101 6.13 -10.67 -22.58
C ALA I 101 6.97 -11.72 -23.29
N THR I 102 8.09 -11.32 -23.87
CA THR I 102 8.95 -12.32 -24.51
C THR I 102 9.50 -13.30 -23.47
N GLY I 103 9.76 -12.82 -22.25
CA GLY I 103 10.19 -13.73 -21.20
C GLY I 103 9.12 -14.74 -20.82
N ILE I 104 7.87 -14.27 -20.72
CA ILE I 104 6.77 -15.20 -20.39
C ILE I 104 6.66 -16.28 -21.46
N LYS I 105 6.74 -15.87 -22.72
CA LYS I 105 6.67 -16.84 -23.82
C LYS I 105 7.77 -17.89 -23.68
N LEU I 106 8.98 -17.45 -23.36
CA LEU I 106 10.10 -18.38 -23.19
C LEU I 106 9.86 -19.35 -22.03
N CYS I 107 9.43 -18.82 -20.87
CA CYS I 107 9.14 -19.65 -19.71
C CYS I 107 8.05 -20.68 -20.02
N GLU I 108 7.00 -20.27 -20.72
CA GLU I 108 5.97 -21.22 -21.12
C GLU I 108 6.56 -22.30 -22.01
N GLU I 109 7.39 -21.90 -22.97
CA GLU I 109 8.00 -22.86 -23.89
C GLU I 109 8.79 -23.92 -23.15
N LYS I 110 9.50 -23.53 -22.09
CA LYS I 110 10.40 -24.44 -21.37
C LYS I 110 9.76 -25.08 -20.14
N GLY I 111 8.49 -24.81 -19.89
CA GLY I 111 7.81 -25.46 -18.78
C GLY I 111 8.12 -24.88 -17.42
N ASP I 112 8.74 -23.71 -17.33
CA ASP I 112 9.03 -23.09 -16.03
C ASP I 112 7.86 -22.16 -15.70
N TYR I 113 6.83 -22.76 -15.12
CA TYR I 113 5.56 -22.08 -14.92
C TYR I 113 5.58 -21.11 -13.76
N ILE I 114 6.46 -21.31 -12.78
CA ILE I 114 6.55 -20.34 -11.68
C ILE I 114 7.33 -19.10 -12.11
N SER I 115 8.38 -19.26 -12.92
CA SER I 115 9.05 -18.09 -13.51
C SER I 115 8.09 -17.32 -14.41
N ARG I 116 7.20 -18.03 -15.13
CA ARG I 116 6.16 -17.33 -15.88
C ARG I 116 5.30 -16.48 -14.95
N ASP I 117 4.84 -17.06 -13.85
CA ASP I 117 3.97 -16.33 -12.94
C ASP I 117 4.65 -15.07 -12.43
N MET I 118 5.93 -15.17 -12.06
CA MET I 118 6.66 -14.01 -11.57
C MET I 118 6.64 -12.87 -12.58
N LEU I 119 6.96 -13.18 -13.84
CA LEU I 119 7.03 -12.14 -14.86
C LEU I 119 5.64 -11.58 -15.18
N ARG I 120 4.59 -12.40 -15.09
CA ARG I 120 3.24 -11.90 -15.30
C ARG I 120 2.85 -10.88 -14.23
N GLN I 121 3.20 -11.15 -12.96
CA GLN I 121 2.94 -10.18 -11.90
C GLN I 121 3.62 -8.85 -12.20
N GLN I 122 4.85 -8.90 -12.69
CA GLN I 122 5.56 -7.67 -13.03
C GLN I 122 4.96 -7.02 -14.27
N LEU I 123 4.49 -7.84 -15.22
CA LEU I 123 3.87 -7.32 -16.43
C LEU I 123 2.61 -6.54 -16.11
N SER I 124 1.80 -7.04 -15.18
CA SER I 124 0.62 -6.29 -14.78
C SER I 124 1.01 -4.94 -14.19
N ASP I 125 2.02 -4.92 -13.31
CA ASP I 125 2.49 -3.66 -12.72
C ASP I 125 2.99 -2.70 -13.80
N THR I 126 3.81 -3.18 -14.72
CA THR I 126 4.31 -2.31 -15.76
C THR I 126 3.14 -1.72 -16.56
N GLU I 127 2.17 -2.57 -16.94
CA GLU I 127 1.09 -2.14 -17.84
C GLU I 127 0.08 -1.24 -17.12
N GLU I 128 -0.64 -1.79 -16.14
CA GLU I 128 -1.82 -1.13 -15.63
C GLU I 128 -1.51 -0.12 -14.52
N ASP I 129 -0.29 -0.14 -13.97
CA ASP I 129 0.04 0.89 -13.01
C ASP I 129 0.90 1.95 -13.70
N HIS I 130 2.16 1.62 -14.00
CA HIS I 130 3.07 2.69 -14.38
C HIS I 130 2.80 3.19 -15.79
N THR I 131 2.76 2.30 -16.79
CA THR I 131 2.53 2.77 -18.14
C THR I 131 1.22 3.53 -18.25
N TYR I 132 0.15 3.00 -17.65
CA TYR I 132 -1.13 3.69 -17.73
C TYR I 132 -1.05 5.07 -17.09
N TRP I 133 -0.39 5.16 -15.93
CA TRP I 133 -0.25 6.47 -15.28
C TRP I 133 0.48 7.47 -16.17
N LEU I 134 1.59 7.04 -16.79
CA LEU I 134 2.36 7.95 -17.65
C LEU I 134 1.54 8.39 -18.86
N GLU I 135 0.81 7.46 -19.48
CA GLU I 135 -0.05 7.80 -20.59
C GLU I 135 -1.12 8.81 -20.17
N LYS I 136 -1.65 8.67 -18.95
CA LYS I 136 -2.60 9.66 -18.46
C LYS I 136 -1.95 11.04 -18.32
N GLN I 137 -0.70 11.10 -17.88
CA GLN I 137 -0.06 12.39 -17.67
C GLN I 137 0.15 13.13 -18.99
N LEU I 138 0.69 12.46 -20.00
CA LEU I 138 0.90 13.11 -21.28
C LEU I 138 -0.44 13.47 -21.92
N ARG I 139 -1.49 12.68 -21.64
CA ARG I 139 -2.81 13.04 -22.13
C ARG I 139 -3.34 14.29 -21.42
N LEU I 140 -3.09 14.39 -20.12
CA LEU I 140 -3.58 15.56 -19.38
C LEU I 140 -2.90 16.85 -19.86
N ILE I 141 -1.61 16.80 -20.19
CA ILE I 141 -0.94 17.99 -20.69
C ILE I 141 -1.64 18.52 -21.94
N GLU I 142 -2.08 17.63 -22.83
CA GLU I 142 -2.79 18.08 -24.02
C GLU I 142 -4.18 18.61 -23.69
N LEU I 143 -4.77 18.16 -22.58
CA LEU I 143 -6.13 18.55 -22.21
C LEU I 143 -6.22 19.83 -21.41
N ILE I 144 -5.20 20.17 -20.60
CA ILE I 144 -5.24 21.36 -19.77
C ILE I 144 -4.08 22.31 -20.03
N GLY I 145 -3.13 21.91 -20.86
CA GLY I 145 -1.96 22.77 -21.09
C GLY I 145 -0.89 22.52 -20.04
N LEU I 146 0.35 22.80 -20.43
CA LEU I 146 1.47 22.43 -19.55
C LEU I 146 1.50 23.22 -18.25
N GLN I 147 1.19 24.51 -18.30
CA GLN I 147 1.27 25.31 -17.07
C GLN I 147 0.29 24.82 -16.01
N ASN I 148 -0.97 24.58 -16.39
CA ASN I 148 -1.92 24.02 -15.44
C ASN I 148 -1.48 22.63 -14.97
N TYR I 149 -0.95 21.81 -15.87
CA TYR I 149 -0.54 20.47 -15.46
C TYR I 149 0.57 20.54 -14.40
N ILE I 150 1.61 21.34 -14.64
CA ILE I 150 2.68 21.44 -13.67
C ILE I 150 2.13 21.98 -12.35
N GLN I 151 1.17 22.89 -12.43
CA GLN I 151 0.52 23.38 -11.21
C GLN I 151 -0.22 22.24 -10.51
N SER I 152 -0.90 21.38 -11.25
CA SER I 152 -1.72 20.34 -10.63
C SER I 152 -0.90 19.27 -9.94
N GLN I 153 0.43 19.35 -10.02
CA GLN I 153 1.31 18.37 -9.40
C GLN I 153 2.18 19.00 -8.33
N ILE I 154 1.94 20.27 -7.98
CA ILE I 154 2.61 20.87 -6.84
C ILE I 154 2.14 20.16 -5.57
N MET J 1 27.02 28.74 -10.73
CA MET J 1 26.42 27.57 -10.01
C MET J 1 26.38 27.88 -8.52
N ARG J 2 25.44 27.27 -7.80
CA ARG J 2 25.36 27.56 -6.38
C ARG J 2 26.52 26.92 -5.63
N GLY J 3 26.85 25.66 -5.96
CA GLY J 3 27.90 24.96 -5.27
C GLY J 3 29.28 25.10 -5.91
N ASN J 4 30.29 24.75 -5.14
CA ASN J 4 31.68 24.80 -5.62
C ASN J 4 31.91 23.65 -6.60
N PRO J 5 32.52 23.92 -7.77
CA PRO J 5 32.65 22.82 -8.74
C PRO J 5 33.46 21.63 -8.23
N GLU J 6 34.52 21.86 -7.44
CA GLU J 6 35.29 20.72 -6.95
C GLU J 6 34.46 19.90 -5.97
N VAL J 7 33.67 20.56 -5.11
CA VAL J 7 32.80 19.82 -4.20
C VAL J 7 31.76 19.05 -5.00
N ILE J 8 31.11 19.71 -5.96
CA ILE J 8 30.09 19.01 -6.74
C ILE J 8 30.68 17.81 -7.44
N ASP J 9 31.86 17.97 -8.05
CA ASP J 9 32.50 16.86 -8.74
C ASP J 9 32.76 15.71 -7.79
N TYR J 10 33.24 16.02 -6.58
CA TYR J 10 33.53 14.96 -5.63
C TYR J 10 32.26 14.27 -5.16
N LEU J 11 31.21 15.05 -4.88
CA LEU J 11 29.96 14.43 -4.48
C LEU J 11 29.44 13.53 -5.59
N ASN J 12 29.55 13.98 -6.85
CA ASN J 12 29.09 13.14 -7.95
C ASN J 12 29.91 11.86 -8.02
N MET J 13 31.22 11.94 -7.73
CA MET J 13 32.05 10.75 -7.62
C MET J 13 31.50 9.81 -6.55
N LEU J 14 31.12 10.35 -5.40
CA LEU J 14 30.63 9.51 -4.30
C LEU J 14 29.33 8.81 -4.65
N ILE J 15 28.45 9.47 -5.41
CA ILE J 15 27.16 8.87 -5.74
C ILE J 15 27.37 7.51 -6.40
N GLY J 16 28.23 7.48 -7.42
CA GLY J 16 28.49 6.22 -8.10
C GLY J 16 28.98 5.12 -7.17
N GLY J 17 29.78 5.50 -6.16
CA GLY J 17 30.28 4.52 -5.21
C GLY J 17 29.22 4.00 -4.25
N GLU J 18 28.28 4.85 -3.87
CA GLU J 18 27.24 4.41 -2.95
C GLU J 18 26.14 3.62 -3.67
N LEU J 19 25.85 3.94 -4.92
CA LEU J 19 24.94 3.07 -5.66
C LEU J 19 25.54 1.68 -5.80
N ALA J 20 26.86 1.61 -6.00
CA ALA J 20 27.53 0.32 -6.12
C ALA J 20 27.49 -0.45 -4.81
N ALA J 21 27.79 0.22 -3.71
CA ALA J 21 27.75 -0.45 -2.42
C ALA J 21 26.34 -0.97 -2.12
N ARG J 22 25.32 -0.15 -2.37
CA ARG J 22 23.94 -0.59 -2.20
C ARG J 22 23.69 -1.90 -2.94
N ASP J 23 24.12 -1.99 -4.20
CA ASP J 23 23.81 -3.20 -4.95
C ASP J 23 24.68 -4.39 -4.53
N GLN J 24 25.91 -4.15 -4.07
CA GLN J 24 26.73 -5.24 -3.56
C GLN J 24 26.10 -5.87 -2.32
N TYR J 25 25.55 -5.05 -1.44
CA TYR J 25 24.88 -5.57 -0.25
C TYR J 25 23.51 -6.14 -0.62
N LEU J 26 22.93 -5.71 -1.72
CA LEU J 26 21.71 -6.35 -2.20
C LEU J 26 21.99 -7.80 -2.58
N ILE J 27 22.98 -8.02 -3.45
CA ILE J 27 23.22 -9.39 -3.90
C ILE J 27 23.75 -10.24 -2.76
N HIS J 28 24.65 -9.70 -1.93
CA HIS J 28 25.17 -10.50 -0.82
C HIS J 28 24.08 -10.88 0.18
N SER J 29 23.21 -9.92 0.53
CA SER J 29 22.13 -10.24 1.48
C SER J 29 21.22 -11.34 0.93
N ARG J 30 20.93 -11.31 -0.37
CA ARG J 30 20.05 -12.32 -0.95
C ARG J 30 20.73 -13.69 -1.02
N MET J 31 22.05 -13.71 -1.15
CA MET J 31 22.77 -14.99 -1.11
C MET J 31 22.67 -15.61 0.27
N TYR J 32 22.79 -14.79 1.32
CA TYR J 32 22.68 -15.32 2.67
C TYR J 32 21.29 -15.92 2.92
N GLU J 33 20.23 -15.27 2.42
CA GLU J 33 18.90 -15.87 2.59
C GLU J 33 18.81 -17.19 1.84
N ASP J 34 19.42 -17.26 0.65
CA ASP J 34 19.46 -18.51 -0.12
C ASP J 34 20.18 -19.60 0.66
N TRP J 35 21.26 -19.25 1.35
CA TRP J 35 22.00 -20.21 2.16
C TRP J 35 21.33 -20.49 3.50
N GLY J 36 20.18 -19.88 3.77
CA GLY J 36 19.46 -20.14 5.01
C GLY J 36 19.98 -19.39 6.22
N LEU J 37 20.81 -18.36 6.02
CA LEU J 37 21.47 -17.63 7.10
C LEU J 37 20.70 -16.33 7.31
N ASN J 38 19.54 -16.45 7.96
CA ASN J 38 18.61 -15.34 8.00
C ASN J 38 19.13 -14.16 8.82
N LYS J 39 20.00 -14.39 9.82
CA LYS J 39 20.46 -13.27 10.60
C LYS J 39 21.35 -12.32 9.79
N ILE J 40 22.32 -12.85 9.05
CA ILE J 40 23.16 -11.98 8.22
C ILE J 40 22.32 -11.38 7.09
N TYR J 41 21.38 -12.16 6.53
CA TYR J 41 20.51 -11.59 5.51
C TYR J 41 19.85 -10.31 6.01
N GLU J 42 19.27 -10.38 7.20
CA GLU J 42 18.58 -9.24 7.77
C GLU J 42 19.53 -8.09 8.05
N ARG J 43 20.71 -8.38 8.59
CA ARG J 43 21.64 -7.31 8.88
C ARG J 43 22.13 -6.65 7.58
N ILE J 44 22.53 -7.45 6.60
CA ILE J 44 23.08 -6.85 5.39
C ILE J 44 21.97 -6.18 4.59
N ASP J 45 20.76 -6.73 4.63
CA ASP J 45 19.63 -6.01 4.03
C ASP J 45 19.45 -4.64 4.68
N HIS J 46 19.62 -4.57 6.00
CA HIS J 46 19.52 -3.28 6.68
C HIS J 46 20.61 -2.34 6.18
N GLU J 47 21.82 -2.84 5.99
CA GLU J 47 22.91 -1.98 5.51
C GLU J 47 22.68 -1.59 4.06
N MET J 48 22.14 -2.50 3.25
CA MET J 48 21.77 -2.15 1.89
C MET J 48 20.85 -0.94 1.88
N GLN J 49 19.84 -0.94 2.75
CA GLN J 49 18.93 0.19 2.85
C GLN J 49 19.65 1.44 3.32
N GLU J 50 20.58 1.31 4.27
CA GLU J 50 21.33 2.48 4.70
C GLU J 50 22.14 3.08 3.55
N GLU J 51 22.74 2.22 2.72
CA GLU J 51 23.51 2.69 1.58
C GLU J 51 22.63 3.40 0.54
N ALA J 52 21.43 2.89 0.31
CA ALA J 52 20.50 3.57 -0.59
C ALA J 52 20.20 4.98 -0.10
N SER J 53 19.95 5.14 1.20
CA SER J 53 19.68 6.46 1.75
C SER J 53 20.89 7.38 1.61
N HIS J 54 22.10 6.86 1.83
CA HIS J 54 23.29 7.68 1.66
C HIS J 54 23.37 8.24 0.25
N ALA J 55 23.20 7.38 -0.76
CA ALA J 55 23.24 7.83 -2.14
C ALA J 55 22.12 8.83 -2.39
N ASP J 56 20.93 8.56 -1.85
CA ASP J 56 19.82 9.51 -1.99
C ASP J 56 20.22 10.89 -1.46
N ALA J 57 20.83 10.94 -0.28
CA ALA J 57 21.21 12.23 0.30
C ALA J 57 22.16 13.00 -0.62
N ILE J 58 23.15 12.33 -1.20
CA ILE J 58 24.11 13.08 -2.02
C ILE J 58 23.48 13.50 -3.34
N ILE J 59 22.58 12.68 -3.89
CA ILE J 59 21.84 13.08 -5.09
C ILE J 59 21.08 14.37 -4.83
N ARG J 60 20.35 14.43 -3.70
CA ARG J 60 19.59 15.64 -3.38
C ARG J 60 20.52 16.85 -3.23
N ARG J 61 21.66 16.65 -2.58
CA ARG J 61 22.58 17.76 -2.34
C ARG J 61 23.14 18.32 -3.64
N VAL J 62 23.52 17.42 -4.57
CA VAL J 62 24.05 17.88 -5.85
C VAL J 62 23.01 18.69 -6.61
N LEU J 63 21.74 18.25 -6.57
CA LEU J 63 20.69 19.06 -7.17
C LEU J 63 20.54 20.39 -6.46
N PHE J 64 20.58 20.38 -5.12
CA PHE J 64 20.55 21.65 -4.41
C PHE J 64 21.73 22.53 -4.82
N LEU J 65 22.91 21.93 -4.97
CA LEU J 65 24.06 22.73 -5.35
C LEU J 65 24.02 23.14 -6.83
N GLY J 66 23.02 22.68 -7.58
CA GLY J 66 22.76 23.19 -8.91
C GLY J 66 23.28 22.37 -10.06
N ALA J 67 23.71 21.13 -9.85
CA ALA J 67 24.36 20.34 -10.89
C ALA J 67 23.54 19.09 -11.20
N LYS J 68 24.01 18.31 -12.17
CA LYS J 68 23.35 17.05 -12.52
C LYS J 68 23.98 15.91 -11.75
N PRO J 69 23.20 15.15 -10.98
CA PRO J 69 23.79 14.00 -10.29
C PRO J 69 24.34 12.98 -11.27
N ASN J 70 25.46 12.38 -10.90
CA ASN J 70 26.04 11.28 -11.65
C ASN J 70 25.31 10.01 -11.24
N MET J 71 24.51 9.44 -12.15
CA MET J 71 23.77 8.24 -11.83
C MET J 71 24.44 6.99 -12.38
N HIS J 72 25.67 7.11 -12.88
CA HIS J 72 26.46 5.93 -13.20
C HIS J 72 26.86 5.22 -11.92
N ARG J 73 26.72 3.90 -11.92
CA ARG J 73 27.17 3.02 -10.86
C ARG J 73 28.10 2.00 -11.48
N GLU J 74 28.99 1.43 -10.70
CA GLU J 74 29.75 0.31 -11.24
C GLU J 74 30.58 -0.31 -10.12
N ASP J 75 31.34 -1.34 -10.48
CA ASP J 75 32.33 -1.89 -9.58
C ASP J 75 31.63 -2.53 -8.40
N ILE J 76 30.97 -3.67 -8.62
CA ILE J 76 30.56 -4.55 -7.52
C ILE J 76 31.52 -5.73 -7.49
N ASN J 77 31.88 -6.17 -6.28
CA ASN J 77 32.65 -7.39 -6.10
C ASN J 77 31.82 -8.35 -5.27
N VAL J 78 31.37 -9.43 -5.89
CA VAL J 78 30.51 -10.42 -5.24
C VAL J 78 31.35 -11.62 -4.83
N GLY J 79 31.21 -12.04 -3.57
CA GLY J 79 31.90 -13.21 -3.08
C GLY J 79 31.24 -14.51 -3.48
N THR J 80 31.82 -15.61 -2.99
CA THR J 80 31.33 -16.96 -3.27
C THR J 80 30.97 -17.78 -2.05
N ASP J 81 31.30 -17.34 -0.83
CA ASP J 81 30.94 -18.05 0.40
C ASP J 81 30.86 -17.02 1.52
N VAL J 82 30.51 -17.48 2.73
CA VAL J 82 30.33 -16.54 3.84
C VAL J 82 31.57 -15.69 4.03
N VAL J 83 32.74 -16.31 4.10
CA VAL J 83 33.92 -15.52 4.43
C VAL J 83 34.25 -14.58 3.28
N SER J 84 34.13 -15.06 2.04
CA SER J 84 34.46 -14.22 0.88
C SER J 84 33.54 -13.01 0.79
N CYS J 85 32.25 -13.19 1.08
CA CYS J 85 31.31 -12.07 1.02
C CYS J 85 31.57 -11.05 2.11
N LEU J 86 31.82 -11.52 3.34
CA LEU J 86 32.14 -10.59 4.43
C LEU J 86 33.39 -9.79 4.13
N LYS J 87 34.42 -10.45 3.60
CA LYS J 87 35.67 -9.76 3.30
C LYS J 87 35.49 -8.76 2.17
N ALA J 88 34.70 -9.09 1.14
CA ALA J 88 34.45 -8.11 0.08
C ALA J 88 33.73 -6.88 0.62
N ASP J 89 32.71 -7.09 1.46
CA ASP J 89 31.99 -5.95 2.03
C ASP J 89 32.89 -5.12 2.94
N LEU J 90 33.84 -5.76 3.64
CA LEU J 90 34.76 -5.00 4.49
C LEU J 90 35.66 -4.09 3.65
N ALA J 91 36.26 -4.65 2.59
CA ALA J 91 37.10 -3.84 1.71
C ALA J 91 36.31 -2.69 1.08
N LEU J 92 35.06 -2.96 0.71
CA LEU J 92 34.24 -1.88 0.17
C LEU J 92 34.03 -0.79 1.21
N GLU J 93 33.72 -1.18 2.45
CA GLU J 93 33.49 -0.18 3.48
C GLU J 93 34.77 0.60 3.80
N TYR J 94 35.92 -0.07 3.81
CA TYR J 94 37.18 0.66 4.01
C TYR J 94 37.42 1.67 2.90
N HIS J 95 37.17 1.28 1.64
CA HIS J 95 37.33 2.21 0.52
C HIS J 95 36.37 3.40 0.65
N VAL J 96 35.11 3.15 0.96
CA VAL J 96 34.14 4.24 1.11
C VAL J 96 34.56 5.17 2.24
N ARG J 97 35.07 4.61 3.34
CA ARG J 97 35.49 5.44 4.46
C ARG J 97 36.54 6.44 4.02
N GLU J 98 37.58 5.95 3.35
CA GLU J 98 38.63 6.86 2.89
C GLU J 98 38.04 7.95 2.00
N LYS J 99 37.12 7.58 1.10
CA LYS J 99 36.54 8.58 0.19
C LYS J 99 35.75 9.63 0.95
N LEU J 100 35.00 9.23 1.96
CA LEU J 100 34.23 10.21 2.72
C LEU J 100 35.14 11.16 3.48
N ALA J 101 36.21 10.64 4.09
CA ALA J 101 37.12 11.49 4.83
C ALA J 101 37.82 12.47 3.90
N THR J 102 38.24 12.02 2.72
CA THR J 102 38.84 12.95 1.78
C THR J 102 37.82 13.98 1.29
N GLY J 103 36.55 13.57 1.16
CA GLY J 103 35.51 14.52 0.77
C GLY J 103 35.26 15.58 1.83
N ILE J 104 35.19 15.18 3.11
CA ILE J 104 35.00 16.13 4.20
C ILE J 104 36.11 17.18 4.18
N LYS J 105 37.34 16.74 3.96
CA LYS J 105 38.47 17.67 3.92
C LYS J 105 38.28 18.71 2.82
N LEU J 106 37.82 18.27 1.64
CA LEU J 106 37.58 19.20 0.54
C LEU J 106 36.47 20.17 0.87
N CYS J 107 35.34 19.67 1.38
CA CYS J 107 34.22 20.54 1.72
C CYS J 107 34.63 21.61 2.73
N GLU J 108 35.43 21.23 3.74
CA GLU J 108 35.97 22.24 4.65
C GLU J 108 36.83 23.23 3.90
N GLU J 109 37.72 22.71 3.04
CA GLU J 109 38.64 23.59 2.32
C GLU J 109 37.88 24.59 1.46
N LYS J 110 36.74 24.18 0.90
CA LYS J 110 35.95 25.05 0.03
C LYS J 110 34.85 25.78 0.76
N GLY J 111 34.74 25.61 2.07
CA GLY J 111 33.77 26.40 2.81
C GLY J 111 32.36 25.91 2.69
N ASP J 112 32.15 24.70 2.15
CA ASP J 112 30.81 24.10 2.04
C ASP J 112 30.63 23.21 3.27
N TYR J 113 30.24 23.84 4.36
CA TYR J 113 30.17 23.16 5.65
C TYR J 113 28.95 22.25 5.76
N ILE J 114 27.88 22.50 5.00
CA ILE J 114 26.72 21.61 5.08
C ILE J 114 27.01 20.33 4.31
N SER J 115 27.72 20.42 3.18
CA SER J 115 28.18 19.21 2.52
C SER J 115 29.13 18.44 3.43
N ARG J 116 29.95 19.15 4.20
CA ARG J 116 30.81 18.47 5.18
C ARG J 116 29.97 17.67 6.17
N ASP J 117 28.96 18.31 6.77
CA ASP J 117 28.14 17.63 7.78
C ASP J 117 27.47 16.40 7.19
N MET J 118 26.95 16.50 5.97
CA MET J 118 26.33 15.35 5.33
C MET J 118 27.31 14.17 5.27
N LEU J 119 28.52 14.44 4.77
CA LEU J 119 29.50 13.35 4.62
C LEU J 119 29.96 12.84 5.99
N ARG J 120 30.08 13.73 6.98
CA ARG J 120 30.43 13.27 8.33
C ARG J 120 29.37 12.32 8.88
N GLN J 121 28.08 12.63 8.68
CA GLN J 121 27.03 11.72 9.13
C GLN J 121 27.19 10.35 8.49
N GLN J 122 27.51 10.31 7.19
CA GLN J 122 27.69 9.02 6.51
C GLN J 122 28.97 8.31 6.96
N LEU J 123 30.02 9.07 7.26
CA LEU J 123 31.25 8.45 7.74
C LEU J 123 31.03 7.75 9.07
N SER J 124 30.21 8.34 9.95
CA SER J 124 29.89 7.71 11.23
C SER J 124 29.18 6.37 11.02
N ASP J 125 28.18 6.33 10.12
CA ASP J 125 27.50 5.07 9.83
C ASP J 125 28.47 4.04 9.27
N THR J 126 29.33 4.44 8.33
CA THR J 126 30.26 3.51 7.73
C THR J 126 31.16 2.92 8.82
N GLU J 127 31.72 3.79 9.67
CA GLU J 127 32.70 3.35 10.65
C GLU J 127 32.05 2.55 11.77
N GLU J 128 31.18 3.19 12.54
CA GLU J 128 30.78 2.64 13.83
C GLU J 128 29.63 1.65 13.72
N ASP J 129 28.95 1.59 12.57
CA ASP J 129 27.91 0.59 12.37
C ASP J 129 28.45 -0.52 11.48
N HIS J 130 28.67 -0.23 10.20
CA HIS J 130 28.91 -1.33 9.27
C HIS J 130 30.33 -1.88 9.37
N THR J 131 31.35 -1.01 9.30
CA THR J 131 32.71 -1.54 9.40
C THR J 131 32.90 -2.28 10.72
N TYR J 132 32.36 -1.74 11.80
CA TYR J 132 32.53 -2.39 13.11
C TYR J 132 31.87 -3.76 13.11
N TRP J 133 30.65 -3.85 12.57
CA TRP J 133 29.95 -5.14 12.57
C TRP J 133 30.73 -6.17 11.79
N LEU J 134 31.21 -5.78 10.59
CA LEU J 134 31.98 -6.72 9.78
C LEU J 134 33.25 -7.16 10.49
N GLU J 135 33.97 -6.22 11.10
CA GLU J 135 35.16 -6.58 11.86
C GLU J 135 34.80 -7.50 13.01
N LYS J 136 33.65 -7.26 13.65
CA LYS J 136 33.23 -8.15 14.73
C LYS J 136 32.95 -9.55 14.22
N GLN J 137 32.33 -9.67 13.04
CA GLN J 137 31.99 -11.01 12.56
C GLN J 137 33.25 -11.81 12.28
N LEU J 138 34.22 -11.21 11.57
CA LEU J 138 35.45 -11.92 11.27
C LEU J 138 36.24 -12.24 12.54
N ARG J 139 36.12 -11.41 13.57
CA ARG J 139 36.76 -11.73 14.85
C ARG J 139 36.06 -12.89 15.54
N LEU J 140 34.73 -13.01 15.40
CA LEU J 140 34.03 -14.12 16.02
C LEU J 140 34.38 -15.45 15.35
N ILE J 141 34.53 -15.45 14.02
CA ILE J 141 34.90 -16.68 13.32
C ILE J 141 36.20 -17.25 13.89
N GLU J 142 37.15 -16.37 14.21
CA GLU J 142 38.41 -16.82 14.79
C GLU J 142 38.24 -17.34 16.22
N LEU J 143 37.21 -16.88 16.94
CA LEU J 143 36.95 -17.21 18.34
C LEU J 143 36.11 -18.47 18.55
N ILE J 144 35.19 -18.76 17.63
CA ILE J 144 34.29 -19.91 17.79
C ILE J 144 34.36 -20.89 16.63
N GLY J 145 35.12 -20.58 15.58
CA GLY J 145 35.18 -21.41 14.39
C GLY J 145 34.07 -21.11 13.42
N LEU J 146 34.33 -21.41 12.14
CA LEU J 146 33.36 -21.05 11.11
C LEU J 146 32.06 -21.81 11.27
N GLN J 147 32.14 -23.09 11.66
CA GLN J 147 30.94 -23.92 11.74
C GLN J 147 29.97 -23.37 12.79
N ASN J 148 30.46 -23.09 14.00
CA ASN J 148 29.63 -22.47 15.02
C ASN J 148 29.16 -21.09 14.59
N TYR J 149 30.01 -20.31 13.94
CA TYR J 149 29.61 -18.96 13.54
C TYR J 149 28.43 -19.01 12.58
N ILE J 150 28.53 -19.85 11.56
CA ILE J 150 27.43 -19.98 10.62
C ILE J 150 26.17 -20.46 11.34
N GLN J 151 26.35 -21.35 12.32
CA GLN J 151 25.22 -21.76 13.14
C GLN J 151 24.64 -20.57 13.91
N SER J 152 25.50 -19.72 14.49
CA SER J 152 24.98 -18.63 15.30
C SER J 152 24.29 -17.55 14.47
N GLN J 153 24.29 -17.68 13.14
CA GLN J 153 23.63 -16.73 12.24
C GLN J 153 22.48 -17.34 11.44
N ILE J 154 22.09 -18.57 11.74
CA ILE J 154 20.91 -19.14 11.14
C ILE J 154 19.66 -18.42 11.62
N MET K 1 -55.60 -8.61 -14.31
CA MET K 1 -54.27 -8.18 -13.90
C MET K 1 -54.38 -7.15 -12.79
N ARG K 2 -53.37 -7.07 -11.93
CA ARG K 2 -53.47 -6.13 -10.82
C ARG K 2 -53.29 -4.68 -11.28
N GLY K 3 -52.35 -4.42 -12.21
CA GLY K 3 -52.11 -3.07 -12.68
C GLY K 3 -52.92 -2.68 -13.90
N ASN K 4 -53.00 -1.37 -14.15
CA ASN K 4 -53.71 -0.84 -15.33
C ASN K 4 -52.87 -1.04 -16.59
N PRO K 5 -53.46 -1.51 -17.71
CA PRO K 5 -52.61 -1.82 -18.89
C PRO K 5 -51.81 -0.67 -19.46
N GLU K 6 -52.33 0.56 -19.47
CA GLU K 6 -51.56 1.67 -20.01
C GLU K 6 -50.37 2.00 -19.13
N VAL K 7 -50.55 1.92 -17.80
CA VAL K 7 -49.45 2.17 -16.89
C VAL K 7 -48.33 1.16 -17.11
N ILE K 8 -48.70 -0.13 -17.18
CA ILE K 8 -47.70 -1.18 -17.34
C ILE K 8 -46.90 -0.97 -18.62
N ASP K 9 -47.59 -0.67 -19.73
CA ASP K 9 -46.88 -0.44 -20.98
C ASP K 9 -45.92 0.72 -20.86
N TYR K 10 -46.34 1.80 -20.20
CA TYR K 10 -45.47 2.96 -20.03
C TYR K 10 -44.29 2.64 -19.11
N LEU K 11 -44.52 1.94 -18.01
CA LEU K 11 -43.40 1.56 -17.15
C LEU K 11 -42.43 0.68 -17.91
N ASN K 12 -42.94 -0.22 -18.74
CA ASN K 12 -42.09 -1.08 -19.55
C ASN K 12 -41.30 -0.25 -20.56
N MET K 13 -41.91 0.80 -21.12
CA MET K 13 -41.15 1.73 -21.95
C MET K 13 -40.03 2.38 -21.13
N LEU K 14 -40.33 2.77 -19.88
CA LEU K 14 -39.29 3.44 -19.09
C LEU K 14 -38.12 2.51 -18.78
N ILE K 15 -38.38 1.23 -18.50
CA ILE K 15 -37.29 0.35 -18.08
C ILE K 15 -36.17 0.35 -19.11
N GLY K 16 -36.53 0.13 -20.37
CA GLY K 16 -35.52 0.11 -21.42
C GLY K 16 -34.72 1.39 -21.49
N GLY K 17 -35.36 2.53 -21.21
CA GLY K 17 -34.65 3.79 -21.24
C GLY K 17 -33.69 3.96 -20.08
N GLU K 18 -34.07 3.45 -18.91
CA GLU K 18 -33.21 3.59 -17.75
C GLU K 18 -32.08 2.56 -17.75
N LEU K 19 -32.33 1.36 -18.26
CA LEU K 19 -31.23 0.40 -18.41
C LEU K 19 -30.18 0.98 -19.35
N ALA K 20 -30.63 1.69 -20.39
CA ALA K 20 -29.71 2.33 -21.32
C ALA K 20 -28.94 3.47 -20.67
N ALA K 21 -29.64 4.34 -19.95
CA ALA K 21 -28.95 5.45 -19.31
C ALA K 21 -27.89 4.94 -18.35
N ARG K 22 -28.20 3.91 -17.57
CA ARG K 22 -27.19 3.27 -16.71
C ARG K 22 -25.94 2.90 -17.49
N ASP K 23 -26.12 2.30 -18.67
CA ASP K 23 -24.98 1.85 -19.45
C ASP K 23 -24.26 2.99 -20.16
N GLN K 24 -24.98 4.05 -20.54
CA GLN K 24 -24.29 5.24 -21.04
C GLN K 24 -23.41 5.85 -19.95
N TYR K 25 -23.89 5.88 -18.70
CA TYR K 25 -23.11 6.44 -17.61
C TYR K 25 -22.00 5.50 -17.18
N LEU K 26 -22.18 4.19 -17.40
CA LEU K 26 -21.10 3.23 -17.16
C LEU K 26 -19.91 3.51 -18.08
N ILE K 27 -20.16 3.60 -19.38
CA ILE K 27 -19.04 3.78 -20.29
C ILE K 27 -18.42 5.17 -20.12
N HIS K 28 -19.24 6.21 -19.91
CA HIS K 28 -18.66 7.55 -19.74
C HIS K 28 -17.82 7.63 -18.47
N SER K 29 -18.33 7.12 -17.33
CA SER K 29 -17.54 7.19 -16.11
C SER K 29 -16.19 6.51 -16.27
N ARG K 30 -16.16 5.38 -16.98
CA ARG K 30 -14.91 4.65 -17.17
C ARG K 30 -13.97 5.38 -18.12
N MET K 31 -14.52 6.15 -19.06
CA MET K 31 -13.68 7.00 -19.91
C MET K 31 -12.98 8.08 -19.12
N TYR K 32 -13.69 8.70 -18.17
CA TYR K 32 -13.08 9.75 -17.37
C TYR K 32 -11.94 9.22 -16.52
N GLU K 33 -12.09 8.01 -15.95
CA GLU K 33 -10.96 7.43 -15.21
C GLU K 33 -9.80 7.18 -16.15
N ASP K 34 -10.08 6.73 -17.38
CA ASP K 34 -9.02 6.51 -18.37
C ASP K 34 -8.30 7.82 -18.69
N TRP K 35 -9.03 8.91 -18.79
CA TRP K 35 -8.47 10.22 -19.05
C TRP K 35 -7.81 10.86 -17.83
N GLY K 36 -7.84 10.20 -16.67
CA GLY K 36 -7.25 10.77 -15.47
C GLY K 36 -8.11 11.76 -14.71
N LEU K 37 -9.41 11.81 -15.00
CA LEU K 37 -10.31 12.81 -14.40
C LEU K 37 -11.15 12.14 -13.32
N ASN K 38 -10.53 11.94 -12.16
CA ASN K 38 -11.14 11.09 -11.14
C ASN K 38 -12.40 11.70 -10.55
N LYS K 39 -12.51 13.03 -10.48
CA LYS K 39 -13.72 13.60 -9.89
C LYS K 39 -14.95 13.34 -10.76
N ILE K 40 -14.84 13.54 -12.07
CA ILE K 40 -15.97 13.24 -12.93
C ILE K 40 -16.24 11.75 -12.91
N TYR K 41 -15.18 10.94 -12.92
CA TYR K 41 -15.38 9.50 -12.83
C TYR K 41 -16.23 9.15 -11.61
N GLU K 42 -15.85 9.67 -10.44
CA GLU K 42 -16.59 9.34 -9.22
C GLU K 42 -18.02 9.84 -9.30
N ARG K 43 -18.21 11.06 -9.79
CA ARG K 43 -19.55 11.62 -9.84
C ARG K 43 -20.45 10.82 -10.78
N ILE K 44 -19.98 10.55 -12.00
CA ILE K 44 -20.82 9.86 -12.98
C ILE K 44 -20.98 8.40 -12.59
N ASP K 45 -19.96 7.81 -11.97
CA ASP K 45 -20.15 6.47 -11.43
C ASP K 45 -21.29 6.46 -10.42
N HIS K 46 -21.37 7.50 -9.59
CA HIS K 46 -22.49 7.58 -8.65
C HIS K 46 -23.83 7.66 -9.39
N GLU K 47 -23.90 8.44 -10.47
CA GLU K 47 -25.18 8.53 -11.16
C GLU K 47 -25.55 7.22 -11.84
N MET K 48 -24.56 6.51 -12.38
CA MET K 48 -24.79 5.20 -12.96
C MET K 48 -25.48 4.27 -11.97
N GLN K 49 -24.97 4.25 -10.73
CA GLN K 49 -25.62 3.45 -9.69
C GLN K 49 -27.04 3.94 -9.42
N GLU K 50 -27.25 5.25 -9.40
CA GLU K 50 -28.61 5.74 -9.17
C GLU K 50 -29.55 5.29 -10.28
N GLU K 51 -29.07 5.29 -11.54
CA GLU K 51 -29.89 4.85 -12.65
C GLU K 51 -30.23 3.37 -12.57
N ALA K 52 -29.23 2.54 -12.22
CA ALA K 52 -29.50 1.12 -12.02
C ALA K 52 -30.59 0.92 -10.97
N SER K 53 -30.55 1.72 -9.90
CA SER K 53 -31.58 1.64 -8.87
C SER K 53 -32.95 2.04 -9.43
N HIS K 54 -32.99 3.08 -10.26
CA HIS K 54 -34.26 3.50 -10.88
C HIS K 54 -34.85 2.36 -11.70
N ALA K 55 -34.04 1.73 -12.53
CA ALA K 55 -34.54 0.64 -13.35
C ALA K 55 -35.05 -0.50 -12.49
N ASP K 56 -34.28 -0.86 -11.46
CA ASP K 56 -34.70 -1.88 -10.52
C ASP K 56 -36.06 -1.56 -9.92
N ALA K 57 -36.27 -0.30 -9.51
CA ALA K 57 -37.55 0.07 -8.92
C ALA K 57 -38.69 -0.20 -9.88
N ILE K 58 -38.53 0.16 -11.15
CA ILE K 58 -39.65 0.01 -12.08
C ILE K 58 -39.85 -1.46 -12.43
N ILE K 59 -38.76 -2.23 -12.53
CA ILE K 59 -38.89 -3.68 -12.73
C ILE K 59 -39.66 -4.30 -11.59
N ARG K 60 -39.36 -3.91 -10.35
CA ARG K 60 -40.12 -4.45 -9.23
C ARG K 60 -41.59 -4.05 -9.34
N ARG K 61 -41.87 -2.80 -9.72
CA ARG K 61 -43.25 -2.35 -9.78
C ARG K 61 -44.05 -3.12 -10.84
N VAL K 62 -43.46 -3.36 -12.01
CA VAL K 62 -44.14 -4.11 -13.07
C VAL K 62 -44.45 -5.53 -12.62
N LEU K 63 -43.52 -6.17 -11.90
CA LEU K 63 -43.84 -7.48 -11.34
C LEU K 63 -44.99 -7.38 -10.34
N PHE K 64 -44.95 -6.39 -9.45
CA PHE K 64 -46.06 -6.16 -8.53
C PHE K 64 -47.37 -5.94 -9.27
N LEU K 65 -47.32 -5.19 -10.37
CA LEU K 65 -48.52 -4.92 -11.16
C LEU K 65 -48.99 -6.14 -11.94
N GLY K 66 -48.23 -7.23 -11.92
CA GLY K 66 -48.65 -8.49 -12.47
C GLY K 66 -48.17 -8.80 -13.87
N ALA K 67 -47.24 -8.04 -14.42
CA ALA K 67 -46.84 -8.17 -15.81
C ALA K 67 -45.36 -8.56 -15.90
N LYS K 68 -44.92 -8.82 -17.14
CA LYS K 68 -43.53 -9.18 -17.41
C LYS K 68 -42.69 -7.93 -17.64
N PRO K 69 -41.64 -7.69 -16.87
CA PRO K 69 -40.76 -6.54 -17.15
C PRO K 69 -40.11 -6.68 -18.53
N ASN K 70 -40.04 -5.58 -19.26
CA ASN K 70 -39.37 -5.57 -20.56
C ASN K 70 -37.89 -5.24 -20.34
N MET K 71 -37.02 -6.22 -20.53
CA MET K 71 -35.60 -6.05 -20.25
C MET K 71 -34.81 -5.68 -21.50
N HIS K 72 -35.51 -5.37 -22.59
CA HIS K 72 -34.82 -4.86 -23.77
C HIS K 72 -34.22 -3.50 -23.45
N ARG K 73 -32.96 -3.31 -23.87
CA ARG K 73 -32.22 -2.05 -23.76
C ARG K 73 -31.80 -1.62 -25.16
N GLU K 74 -31.55 -0.33 -25.32
CA GLU K 74 -30.93 0.13 -26.54
C GLU K 74 -30.67 1.61 -26.44
N ASP K 75 -30.10 2.19 -27.49
CA ASP K 75 -30.02 3.63 -27.61
C ASP K 75 -29.10 4.18 -26.52
N ILE K 76 -27.78 3.97 -26.67
CA ILE K 76 -26.77 4.73 -25.93
C ILE K 76 -26.09 5.67 -26.91
N ASN K 77 -25.76 6.87 -26.44
CA ASN K 77 -24.98 7.85 -27.20
C ASN K 77 -23.70 8.15 -26.44
N VAL K 78 -22.57 7.63 -26.93
CA VAL K 78 -21.29 7.79 -26.24
C VAL K 78 -20.53 8.91 -26.91
N GLY K 79 -20.05 9.87 -26.11
CA GLY K 79 -19.25 10.96 -26.61
C GLY K 79 -17.83 10.54 -26.86
N THR K 80 -17.01 11.50 -27.29
CA THR K 80 -15.62 11.23 -27.58
C THR K 80 -14.62 12.11 -26.84
N ASP K 81 -15.06 13.16 -26.15
CA ASP K 81 -14.16 13.97 -25.35
C ASP K 81 -14.99 14.51 -24.19
N VAL K 82 -14.35 15.28 -23.31
CA VAL K 82 -15.04 15.70 -22.09
C VAL K 82 -16.34 16.44 -22.44
N VAL K 83 -16.26 17.41 -23.35
CA VAL K 83 -17.46 18.21 -23.58
C VAL K 83 -18.52 17.36 -24.25
N SER K 84 -18.12 16.51 -25.20
CA SER K 84 -19.10 15.69 -25.92
C SER K 84 -19.82 14.72 -24.98
N CYS K 85 -19.11 14.14 -24.01
CA CYS K 85 -19.74 13.22 -23.07
C CYS K 85 -20.71 13.95 -22.14
N LEU K 86 -20.33 15.14 -21.66
CA LEU K 86 -21.22 15.90 -20.79
C LEU K 86 -22.50 16.28 -21.51
N LYS K 87 -22.40 16.76 -22.75
CA LYS K 87 -23.60 17.17 -23.47
C LYS K 87 -24.49 15.97 -23.78
N ALA K 88 -23.88 14.82 -24.11
CA ALA K 88 -24.67 13.61 -24.37
C ALA K 88 -25.49 13.23 -23.15
N ASP K 89 -24.87 13.26 -21.98
CA ASP K 89 -25.60 12.92 -20.77
C ASP K 89 -26.67 13.96 -20.45
N LEU K 90 -26.40 15.25 -20.73
CA LEU K 90 -27.42 16.28 -20.46
C LEU K 90 -28.65 16.07 -21.32
N ALA K 91 -28.43 15.82 -22.63
CA ALA K 91 -29.55 15.58 -23.54
C ALA K 91 -30.37 14.36 -23.10
N LEU K 92 -29.68 13.30 -22.66
CA LEU K 92 -30.43 12.13 -22.21
C LEU K 92 -31.26 12.48 -20.98
N GLU K 93 -30.66 13.18 -20.02
CA GLU K 93 -31.39 13.50 -18.79
C GLU K 93 -32.59 14.41 -19.08
N TYR K 94 -32.45 15.34 -20.03
CA TYR K 94 -33.60 16.14 -20.43
C TYR K 94 -34.73 15.25 -20.99
N HIS K 95 -34.35 14.30 -21.87
CA HIS K 95 -35.31 13.34 -22.41
C HIS K 95 -36.00 12.53 -21.31
N VAL K 96 -35.21 12.02 -20.36
CA VAL K 96 -35.77 11.25 -19.26
C VAL K 96 -36.71 12.12 -18.41
N ARG K 97 -36.36 13.38 -18.18
CA ARG K 97 -37.26 14.24 -17.41
C ARG K 97 -38.65 14.29 -18.05
N GLU K 98 -38.69 14.59 -19.35
CA GLU K 98 -39.97 14.66 -20.05
C GLU K 98 -40.71 13.33 -19.98
N LYS K 99 -39.99 12.22 -20.17
CA LYS K 99 -40.66 10.92 -20.11
C LYS K 99 -41.24 10.67 -18.74
N LEU K 100 -40.51 11.03 -17.68
CA LEU K 100 -41.02 10.82 -16.34
C LEU K 100 -42.24 11.70 -16.08
N ALA K 101 -42.20 12.96 -16.52
CA ALA K 101 -43.35 13.84 -16.30
C ALA K 101 -44.58 13.33 -17.04
N THR K 102 -44.42 12.89 -18.28
CA THR K 102 -45.56 12.33 -19.00
C THR K 102 -46.09 11.10 -18.28
N GLY K 103 -45.20 10.29 -17.69
CA GLY K 103 -45.64 9.12 -16.95
C GLY K 103 -46.44 9.45 -15.70
N ILE K 104 -46.01 10.46 -14.94
CA ILE K 104 -46.77 10.85 -13.75
C ILE K 104 -48.20 11.21 -14.12
N LYS K 105 -48.37 11.96 -15.21
CA LYS K 105 -49.71 12.35 -15.63
C LYS K 105 -50.58 11.13 -15.90
N LEU K 106 -50.02 10.14 -16.60
CA LEU K 106 -50.79 8.94 -16.92
C LEU K 106 -51.17 8.18 -15.66
N CYS K 107 -50.20 7.95 -14.77
CA CYS K 107 -50.48 7.25 -13.53
C CYS K 107 -51.57 7.98 -12.72
N GLU K 108 -51.50 9.30 -12.65
CA GLU K 108 -52.55 10.06 -11.97
C GLU K 108 -53.89 9.85 -12.66
N GLU K 109 -53.90 9.90 -13.99
CA GLU K 109 -55.11 9.69 -14.75
C GLU K 109 -55.74 8.34 -14.47
N LYS K 110 -54.92 7.31 -14.28
CA LYS K 110 -55.40 5.95 -14.07
C LYS K 110 -55.52 5.57 -12.60
N GLY K 111 -55.27 6.48 -11.67
CA GLY K 111 -55.47 6.18 -10.27
C GLY K 111 -54.38 5.36 -9.61
N ASP K 112 -53.24 5.17 -10.26
CA ASP K 112 -52.13 4.41 -9.68
C ASP K 112 -51.19 5.41 -9.00
N TYR K 113 -51.52 5.74 -7.77
CA TYR K 113 -50.82 6.82 -7.09
C TYR K 113 -49.43 6.42 -6.60
N ILE K 114 -49.20 5.14 -6.34
CA ILE K 114 -47.87 4.72 -5.88
C ILE K 114 -46.89 4.64 -7.06
N SER K 115 -47.36 4.17 -8.23
CA SER K 115 -46.50 4.26 -9.41
C SER K 115 -46.14 5.71 -9.71
N ARG K 116 -47.10 6.63 -9.51
CA ARG K 116 -46.79 8.05 -9.65
C ARG K 116 -45.69 8.45 -8.69
N ASP K 117 -45.83 8.08 -7.42
CA ASP K 117 -44.84 8.46 -6.41
C ASP K 117 -43.48 7.93 -6.79
N MET K 118 -43.41 6.70 -7.27
CA MET K 118 -42.14 6.15 -7.73
C MET K 118 -41.52 7.05 -8.80
N LEU K 119 -42.32 7.43 -9.79
CA LEU K 119 -41.79 8.25 -10.87
C LEU K 119 -41.43 9.65 -10.37
N ARG K 120 -42.20 10.19 -9.44
CA ARG K 120 -41.84 11.47 -8.86
C ARG K 120 -40.52 11.39 -8.13
N GLN K 121 -40.29 10.31 -7.38
CA GLN K 121 -39.00 10.15 -6.72
C GLN K 121 -37.87 10.20 -7.74
N GLN K 122 -38.06 9.55 -8.87
CA GLN K 122 -37.03 9.57 -9.90
C GLN K 122 -36.94 10.92 -10.58
N LEU K 123 -38.08 11.62 -10.70
CA LEU K 123 -38.06 12.95 -11.31
C LEU K 123 -37.25 13.93 -10.46
N SER K 124 -37.35 13.81 -9.13
CA SER K 124 -36.51 14.65 -8.27
C SER K 124 -35.04 14.36 -8.52
N ASP K 125 -34.67 13.09 -8.55
CA ASP K 125 -33.28 12.71 -8.79
C ASP K 125 -32.80 13.23 -10.14
N THR K 126 -33.59 13.04 -11.20
CA THR K 126 -33.17 13.48 -12.53
C THR K 126 -32.95 14.99 -12.57
N GLU K 127 -33.90 15.75 -12.05
CA GLU K 127 -33.86 17.20 -12.16
C GLU K 127 -32.78 17.80 -11.26
N GLU K 128 -32.95 17.66 -9.96
CA GLU K 128 -32.18 18.46 -9.02
C GLU K 128 -30.83 17.86 -8.68
N ASP K 129 -30.59 16.59 -9.02
CA ASP K 129 -29.27 16.01 -8.80
C ASP K 129 -28.52 15.95 -10.13
N HIS K 130 -28.95 15.07 -11.05
CA HIS K 130 -28.07 14.85 -12.19
C HIS K 130 -28.14 16.00 -13.20
N THR K 131 -29.34 16.39 -13.64
CA THR K 131 -29.41 17.46 -14.63
C THR K 131 -28.74 18.73 -14.11
N TYR K 132 -28.98 19.08 -12.84
CA TYR K 132 -28.38 20.31 -12.29
C TYR K 132 -26.86 20.25 -12.29
N TRP K 133 -26.28 19.11 -11.88
CA TRP K 133 -24.83 19.01 -11.88
C TRP K 133 -24.28 19.18 -13.30
N LEU K 134 -24.92 18.55 -14.28
CA LEU K 134 -24.45 18.65 -15.66
C LEU K 134 -24.53 20.09 -16.18
N GLU K 135 -25.63 20.78 -15.88
CA GLU K 135 -25.78 22.18 -16.26
C GLU K 135 -24.70 23.04 -15.61
N LYS K 136 -24.37 22.73 -14.35
CA LYS K 136 -23.30 23.47 -13.68
C LYS K 136 -21.95 23.22 -14.34
N GLN K 137 -21.68 21.97 -14.77
CA GLN K 137 -20.39 21.71 -15.40
C GLN K 137 -20.24 22.50 -16.69
N LEU K 138 -21.27 22.51 -17.52
CA LEU K 138 -21.21 23.29 -18.75
C LEU K 138 -21.18 24.78 -18.46
N ARG K 139 -21.82 25.23 -17.38
CA ARG K 139 -21.73 26.64 -17.00
C ARG K 139 -20.32 26.98 -16.52
N LEU K 140 -19.67 26.08 -15.80
CA LEU K 140 -18.32 26.36 -15.31
C LEU K 140 -17.32 26.45 -16.47
N ILE K 141 -17.45 25.59 -17.47
CA ILE K 141 -16.54 25.63 -18.62
C ILE K 141 -16.57 27.01 -19.27
N GLU K 142 -17.75 27.63 -19.33
CA GLU K 142 -17.84 28.98 -19.87
C GLU K 142 -17.24 29.99 -18.91
N LEU K 143 -17.23 29.68 -17.61
CA LEU K 143 -16.78 30.64 -16.59
C LEU K 143 -15.27 30.60 -16.35
N ILE K 144 -14.62 29.45 -16.54
CA ILE K 144 -13.18 29.32 -16.26
C ILE K 144 -12.40 28.79 -17.45
N GLY K 145 -13.05 28.39 -18.55
CA GLY K 145 -12.36 27.83 -19.69
C GLY K 145 -12.15 26.32 -19.56
N LEU K 146 -12.00 25.67 -20.73
CA LEU K 146 -11.95 24.21 -20.73
C LEU K 146 -10.71 23.69 -20.02
N GLN K 147 -9.56 24.34 -20.19
CA GLN K 147 -8.34 23.80 -19.59
C GLN K 147 -8.42 23.84 -18.06
N ASN K 148 -8.80 24.98 -17.48
CA ASN K 148 -8.96 25.03 -16.03
C ASN K 148 -10.04 24.05 -15.57
N TYR K 149 -11.13 23.93 -16.34
CA TYR K 149 -12.20 23.02 -15.95
C TYR K 149 -11.70 21.58 -15.87
N ILE K 150 -10.99 21.13 -16.91
CA ILE K 150 -10.47 19.77 -16.91
C ILE K 150 -9.47 19.57 -15.77
N GLN K 151 -8.69 20.60 -15.47
CA GLN K 151 -7.80 20.52 -14.32
C GLN K 151 -8.59 20.38 -13.02
N SER K 152 -9.70 21.12 -12.88
CA SER K 152 -10.45 21.11 -11.64
C SER K 152 -11.16 19.79 -11.39
N GLN K 153 -11.04 18.83 -12.32
CA GLN K 153 -11.65 17.51 -12.15
C GLN K 153 -10.61 16.40 -12.11
N ILE K 154 -9.33 16.73 -12.06
CA ILE K 154 -8.29 15.74 -11.82
C ILE K 154 -8.44 15.26 -10.38
N MET L 1 -3.19 1.48 -31.97
CA MET L 1 -3.63 1.17 -30.57
C MET L 1 -2.59 0.31 -29.85
N ARG L 2 -2.64 0.35 -28.54
CA ARG L 2 -1.67 -0.38 -27.73
C ARG L 2 -1.89 -1.88 -27.83
N GLY L 3 -3.16 -2.33 -27.84
CA GLY L 3 -3.45 -3.75 -27.85
C GLY L 3 -3.60 -4.33 -29.24
N ASN L 4 -3.60 -5.66 -29.31
CA ASN L 4 -3.73 -6.38 -30.57
C ASN L 4 -5.17 -6.28 -31.11
N PRO L 5 -5.33 -6.02 -32.42
CA PRO L 5 -6.71 -5.86 -32.92
C PRO L 5 -7.60 -7.08 -32.70
N GLU L 6 -7.06 -8.29 -32.80
CA GLU L 6 -7.87 -9.49 -32.62
C GLU L 6 -8.31 -9.64 -31.17
N VAL L 7 -7.42 -9.36 -30.22
CA VAL L 7 -7.80 -9.44 -28.81
C VAL L 7 -8.87 -8.41 -28.49
N ILE L 8 -8.65 -7.16 -28.89
CA ILE L 8 -9.64 -6.13 -28.60
C ILE L 8 -10.99 -6.51 -29.19
N ASP L 9 -11.00 -7.02 -30.42
CA ASP L 9 -12.28 -7.41 -30.99
C ASP L 9 -12.94 -8.49 -30.15
N TYR L 10 -12.17 -9.48 -29.71
CA TYR L 10 -12.73 -10.56 -28.91
C TYR L 10 -13.22 -10.05 -27.56
N LEU L 11 -12.44 -9.18 -26.91
CA LEU L 11 -12.88 -8.60 -25.65
C LEU L 11 -14.17 -7.81 -25.83
N ASN L 12 -14.32 -7.08 -26.93
CA ASN L 12 -15.55 -6.34 -27.17
C ASN L 12 -16.75 -7.27 -27.37
N MET L 13 -16.53 -8.43 -28.02
CA MET L 13 -17.57 -9.45 -28.07
C MET L 13 -17.96 -9.91 -26.67
N LEU L 14 -16.97 -10.11 -25.80
CA LEU L 14 -17.27 -10.57 -24.44
C LEU L 14 -18.06 -9.53 -23.67
N ILE L 15 -17.74 -8.25 -23.86
CA ILE L 15 -18.42 -7.22 -23.09
C ILE L 15 -19.93 -7.34 -23.27
N GLY L 16 -20.38 -7.41 -24.51
CA GLY L 16 -21.81 -7.53 -24.77
C GLY L 16 -22.42 -8.74 -24.09
N GLY L 17 -21.68 -9.85 -24.05
CA GLY L 17 -22.19 -11.06 -23.44
C GLY L 17 -22.27 -10.99 -21.94
N GLU L 18 -21.34 -10.28 -21.31
CA GLU L 18 -21.39 -10.14 -19.85
C GLU L 18 -22.41 -9.08 -19.43
N LEU L 19 -22.60 -8.02 -20.22
CA LEU L 19 -23.69 -7.10 -19.93
C LEU L 19 -25.03 -7.81 -19.98
N ALA L 20 -25.17 -8.75 -20.91
CA ALA L 20 -26.40 -9.52 -21.04
C ALA L 20 -26.61 -10.41 -19.85
N ALA L 21 -25.59 -11.17 -19.45
CA ALA L 21 -25.76 -12.04 -18.30
C ALA L 21 -26.11 -11.23 -17.05
N ARG L 22 -25.44 -10.09 -16.83
CA ARG L 22 -25.79 -9.23 -15.70
C ARG L 22 -27.28 -8.92 -15.71
N ASP L 23 -27.81 -8.54 -16.88
CA ASP L 23 -29.21 -8.14 -16.92
C ASP L 23 -30.14 -9.34 -16.78
N GLN L 24 -29.70 -10.51 -17.27
CA GLN L 24 -30.50 -11.71 -17.06
C GLN L 24 -30.59 -12.07 -15.58
N TYR L 25 -29.48 -11.93 -14.85
CA TYR L 25 -29.53 -12.22 -13.42
C TYR L 25 -30.27 -11.12 -12.68
N LEU L 26 -30.33 -9.91 -13.23
CA LEU L 26 -31.16 -8.87 -12.64
C LEU L 26 -32.64 -9.25 -12.65
N ILE L 27 -33.16 -9.62 -13.82
CA ILE L 27 -34.60 -9.92 -13.90
C ILE L 27 -34.93 -11.21 -13.15
N HIS L 28 -34.07 -12.23 -13.24
CA HIS L 28 -34.35 -13.46 -12.52
C HIS L 28 -34.33 -13.26 -11.01
N SER L 29 -33.33 -12.54 -10.49
CA SER L 29 -33.31 -12.33 -9.04
C SER L 29 -34.55 -11.58 -8.56
N ARG L 30 -34.98 -10.57 -9.33
CA ARG L 30 -36.15 -9.81 -8.89
C ARG L 30 -37.42 -10.64 -9.00
N MET L 31 -37.49 -11.57 -9.94
CA MET L 31 -38.64 -12.46 -9.99
C MET L 31 -38.65 -13.38 -8.77
N TYR L 32 -37.48 -13.89 -8.38
CA TYR L 32 -37.42 -14.74 -7.20
C TYR L 32 -37.87 -13.99 -5.95
N GLU L 33 -37.47 -12.73 -5.83
CA GLU L 33 -37.93 -11.95 -4.68
C GLU L 33 -39.46 -11.80 -4.72
N ASP L 34 -40.01 -11.54 -5.90
CA ASP L 34 -41.46 -11.40 -6.03
C ASP L 34 -42.17 -12.67 -5.62
N TRP L 35 -41.58 -13.83 -5.95
CA TRP L 35 -42.13 -15.12 -5.57
C TRP L 35 -41.85 -15.46 -4.11
N GLY L 36 -41.19 -14.59 -3.38
CA GLY L 36 -40.95 -14.83 -1.97
C GLY L 36 -39.79 -15.75 -1.68
N LEU L 37 -38.92 -16.02 -2.66
CA LEU L 37 -37.83 -16.96 -2.47
C LEU L 37 -36.54 -16.16 -2.24
N ASN L 38 -36.42 -15.63 -1.03
CA ASN L 38 -35.38 -14.65 -0.75
C ASN L 38 -33.99 -15.25 -0.77
N LYS L 39 -33.85 -16.55 -0.50
CA LYS L 39 -32.50 -17.12 -0.51
C LYS L 39 -31.92 -17.14 -1.93
N ILE L 40 -32.70 -17.57 -2.93
CA ILE L 40 -32.22 -17.52 -4.31
C ILE L 40 -32.07 -16.07 -4.77
N TYR L 41 -33.00 -15.20 -4.37
CA TYR L 41 -32.87 -13.79 -4.71
C TYR L 41 -31.51 -13.24 -4.29
N GLU L 42 -31.11 -13.49 -3.05
CA GLU L 42 -29.84 -12.96 -2.57
C GLU L 42 -28.68 -13.53 -3.37
N ARG L 43 -28.69 -14.84 -3.62
CA ARG L 43 -27.57 -15.44 -4.34
C ARG L 43 -27.48 -14.89 -5.76
N ILE L 44 -28.61 -14.87 -6.46
CA ILE L 44 -28.56 -14.44 -7.87
C ILE L 44 -28.33 -12.93 -7.95
N ASP L 45 -28.85 -12.17 -7.00
CA ASP L 45 -28.48 -10.77 -6.94
C ASP L 45 -26.97 -10.63 -6.75
N HIS L 46 -26.38 -11.51 -5.93
CA HIS L 46 -24.92 -11.49 -5.79
C HIS L 46 -24.24 -11.79 -7.11
N GLU L 47 -24.75 -12.77 -7.86
CA GLU L 47 -24.09 -13.08 -9.13
C GLU L 47 -24.27 -11.94 -10.13
N MET L 48 -25.45 -11.30 -10.13
CA MET L 48 -25.64 -10.13 -10.98
C MET L 48 -24.57 -9.08 -10.73
N GLN L 49 -24.26 -8.82 -9.45
CA GLN L 49 -23.19 -7.89 -9.11
C GLN L 49 -21.85 -8.38 -9.65
N GLU L 50 -21.56 -9.67 -9.53
CA GLU L 50 -20.32 -10.19 -10.09
C GLU L 50 -20.26 -10.04 -11.60
N GLU L 51 -21.39 -10.26 -12.28
CA GLU L 51 -21.39 -10.11 -13.73
C GLU L 51 -21.13 -8.66 -14.14
N ALA L 52 -21.71 -7.70 -13.43
CA ALA L 52 -21.43 -6.31 -13.71
C ALA L 52 -19.93 -6.01 -13.55
N SER L 53 -19.31 -6.57 -12.50
CA SER L 53 -17.89 -6.34 -12.27
C SER L 53 -17.03 -6.94 -13.40
N HIS L 54 -17.40 -8.11 -13.90
CA HIS L 54 -16.66 -8.71 -15.03
C HIS L 54 -16.68 -7.78 -16.24
N ALA L 55 -17.86 -7.28 -16.61
CA ALA L 55 -17.96 -6.42 -17.77
C ALA L 55 -17.13 -5.15 -17.59
N ASP L 56 -17.23 -4.55 -16.40
CA ASP L 56 -16.41 -3.39 -16.07
C ASP L 56 -14.94 -3.68 -16.30
N ALA L 57 -14.47 -4.86 -15.86
CA ALA L 57 -13.07 -5.20 -16.04
C ALA L 57 -12.69 -5.22 -17.53
N ILE L 58 -13.54 -5.78 -18.39
CA ILE L 58 -13.19 -5.86 -19.79
C ILE L 58 -13.29 -4.49 -20.46
N ILE L 59 -14.29 -3.69 -20.08
CA ILE L 59 -14.41 -2.32 -20.58
C ILE L 59 -13.15 -1.53 -20.24
N ARG L 60 -12.69 -1.62 -18.99
CA ARG L 60 -11.47 -0.91 -18.62
C ARG L 60 -10.28 -1.39 -19.43
N ARG L 61 -10.18 -2.70 -19.67
CA ARG L 61 -9.05 -3.24 -20.42
C ARG L 61 -9.08 -2.73 -21.84
N VAL L 62 -10.25 -2.72 -22.47
CA VAL L 62 -10.33 -2.24 -23.84
C VAL L 62 -9.87 -0.77 -23.91
N LEU L 63 -10.27 0.03 -22.91
CA LEU L 63 -9.77 1.41 -22.85
C LEU L 63 -8.26 1.44 -22.69
N PHE L 64 -7.73 0.57 -21.82
CA PHE L 64 -6.29 0.48 -21.67
C PHE L 64 -5.61 0.11 -22.99
N LEU L 65 -6.19 -0.83 -23.73
CA LEU L 65 -5.61 -1.28 -24.99
C LEU L 65 -5.77 -0.27 -26.12
N GLY L 66 -6.45 0.84 -25.86
CA GLY L 66 -6.50 1.96 -26.79
C GLY L 66 -7.72 2.06 -27.67
N ALA L 67 -8.77 1.28 -27.40
CA ALA L 67 -9.91 1.20 -28.31
C ALA L 67 -11.18 1.68 -27.63
N LYS L 68 -12.26 1.72 -28.40
CA LYS L 68 -13.56 2.09 -27.88
C LYS L 68 -14.29 0.83 -27.45
N PRO L 69 -14.70 0.72 -26.20
CA PRO L 69 -15.46 -0.46 -25.79
C PRO L 69 -16.76 -0.54 -26.55
N ASN L 70 -17.13 -1.76 -26.95
CA ASN L 70 -18.42 -1.99 -27.58
C ASN L 70 -19.45 -2.21 -26.49
N MET L 71 -20.41 -1.29 -26.37
CA MET L 71 -21.42 -1.33 -25.32
C MET L 71 -22.74 -1.93 -25.76
N HIS L 72 -22.79 -2.54 -26.93
CA HIS L 72 -24.02 -3.21 -27.34
C HIS L 72 -24.26 -4.40 -26.43
N ARG L 73 -25.51 -4.57 -26.04
CA ARG L 73 -26.01 -5.70 -25.26
C ARG L 73 -27.12 -6.37 -26.03
N GLU L 74 -27.34 -7.65 -25.78
CA GLU L 74 -28.55 -8.25 -26.30
C GLU L 74 -28.65 -9.67 -25.77
N ASP L 75 -29.73 -10.34 -26.15
CA ASP L 75 -29.84 -11.78 -25.96
C ASP L 75 -29.82 -12.10 -24.48
N ILE L 76 -30.98 -11.83 -23.83
CA ILE L 76 -31.30 -12.42 -22.54
C ILE L 76 -32.32 -13.52 -22.76
N ASN L 77 -32.23 -14.58 -21.94
CA ASN L 77 -33.20 -15.66 -21.92
C ASN L 77 -33.84 -15.67 -20.53
N VAL L 78 -35.10 -15.23 -20.45
CA VAL L 78 -35.81 -15.09 -19.19
C VAL L 78 -36.72 -16.30 -19.04
N GLY L 79 -36.63 -16.98 -17.90
CA GLY L 79 -37.49 -18.10 -17.63
C GLY L 79 -38.87 -17.66 -17.20
N THR L 80 -39.71 -18.64 -16.86
CA THR L 80 -41.05 -18.37 -16.38
C THR L 80 -41.37 -18.99 -15.02
N ASP L 81 -40.52 -19.87 -14.50
CA ASP L 81 -40.71 -20.48 -13.19
C ASP L 81 -39.35 -20.84 -12.64
N VAL L 82 -39.32 -21.42 -11.43
CA VAL L 82 -38.05 -21.69 -10.77
C VAL L 82 -37.13 -22.52 -11.67
N VAL L 83 -37.64 -23.62 -12.23
CA VAL L 83 -36.75 -24.53 -12.96
C VAL L 83 -36.28 -23.87 -14.26
N SER L 84 -37.17 -23.17 -14.95
CA SER L 84 -36.83 -22.52 -16.22
C SER L 84 -35.79 -21.42 -16.02
N CYS L 85 -35.89 -20.66 -14.93
CA CYS L 85 -34.92 -19.60 -14.69
C CYS L 85 -33.55 -20.17 -14.38
N LEU L 86 -33.52 -21.19 -13.51
CA LEU L 86 -32.25 -21.83 -13.20
C LEU L 86 -31.63 -22.41 -14.46
N LYS L 87 -32.44 -23.05 -15.30
CA LYS L 87 -31.90 -23.70 -16.49
C LYS L 87 -31.37 -22.69 -17.49
N ALA L 88 -32.06 -21.55 -17.66
CA ALA L 88 -31.57 -20.51 -18.55
C ALA L 88 -30.23 -19.95 -18.08
N ASP L 89 -30.11 -19.69 -16.77
CA ASP L 89 -28.85 -19.16 -16.26
C ASP L 89 -27.71 -20.17 -16.40
N LEU L 90 -28.00 -21.47 -16.23
CA LEU L 90 -26.95 -22.48 -16.39
C LEU L 90 -26.45 -22.55 -17.82
N ALA L 91 -27.37 -22.59 -18.79
CA ALA L 91 -26.96 -22.63 -20.19
C ALA L 91 -26.14 -21.38 -20.54
N LEU L 92 -26.54 -20.23 -20.03
CA LEU L 92 -25.79 -19.01 -20.31
C LEU L 92 -24.38 -19.10 -19.75
N GLU L 93 -24.24 -19.60 -18.53
CA GLU L 93 -22.92 -19.70 -17.92
C GLU L 93 -22.04 -20.70 -18.68
N TYR L 94 -22.62 -21.78 -19.18
CA TYR L 94 -21.86 -22.71 -20.03
C TYR L 94 -21.35 -21.99 -21.28
N HIS L 95 -22.20 -21.17 -21.90
CA HIS L 95 -21.77 -20.37 -23.05
C HIS L 95 -20.61 -19.45 -22.67
N VAL L 96 -20.74 -18.73 -21.56
CA VAL L 96 -19.68 -17.81 -21.15
C VAL L 96 -18.39 -18.58 -20.88
N ARG L 97 -18.50 -19.77 -20.27
CA ARG L 97 -17.31 -20.57 -20.01
C ARG L 97 -16.55 -20.86 -21.30
N GLU L 98 -17.28 -21.34 -22.32
CA GLU L 98 -16.63 -21.63 -23.60
C GLU L 98 -16.02 -20.37 -24.20
N LYS L 99 -16.73 -19.25 -24.14
CA LYS L 99 -16.18 -18.02 -24.70
C LYS L 99 -14.93 -17.58 -23.97
N LEU L 100 -14.93 -17.66 -22.64
CA LEU L 100 -13.76 -17.21 -21.89
C LEU L 100 -12.54 -18.05 -22.20
N ALA L 101 -12.71 -19.37 -22.36
CA ALA L 101 -11.59 -20.25 -22.69
C ALA L 101 -11.02 -19.98 -24.08
N THR L 102 -11.88 -19.81 -25.09
CA THR L 102 -11.33 -19.51 -26.40
C THR L 102 -10.65 -18.14 -26.40
N GLY L 103 -11.16 -17.19 -25.62
CA GLY L 103 -10.51 -15.90 -25.50
C GLY L 103 -9.14 -16.00 -24.86
N ILE L 104 -9.01 -16.83 -23.82
CA ILE L 104 -7.71 -17.04 -23.20
C ILE L 104 -6.71 -17.56 -24.22
N LYS L 105 -7.15 -18.47 -25.09
CA LYS L 105 -6.25 -18.98 -26.11
C LYS L 105 -5.71 -17.85 -26.97
N LEU L 106 -6.60 -16.94 -27.40
CA LEU L 106 -6.17 -15.84 -28.26
C LEU L 106 -5.18 -14.92 -27.56
N CYS L 107 -5.47 -14.52 -26.33
CA CYS L 107 -4.55 -13.67 -25.59
C CYS L 107 -3.19 -14.34 -25.43
N GLU L 108 -3.18 -15.63 -25.10
CA GLU L 108 -1.92 -16.37 -25.09
C GLU L 108 -1.30 -16.42 -26.47
N GLU L 109 -2.10 -16.74 -27.48
CA GLU L 109 -1.60 -16.83 -28.86
C GLU L 109 -1.01 -15.49 -29.31
N LYS L 110 -1.61 -14.40 -28.87
CA LYS L 110 -1.21 -13.06 -29.26
C LYS L 110 -0.28 -12.42 -28.23
N GLY L 111 0.11 -13.16 -27.21
CA GLY L 111 1.10 -12.65 -26.29
C GLY L 111 0.60 -11.63 -25.30
N ASP L 112 -0.72 -11.46 -25.18
CA ASP L 112 -1.30 -10.50 -24.25
C ASP L 112 -1.60 -11.25 -22.96
N TYR L 113 -0.60 -11.30 -22.09
CA TYR L 113 -0.67 -12.15 -20.92
C TYR L 113 -1.55 -11.55 -19.83
N ILE L 114 -1.67 -10.22 -19.78
CA ILE L 114 -2.51 -9.61 -18.74
C ILE L 114 -3.98 -9.71 -19.14
N SER L 115 -4.30 -9.57 -20.44
CA SER L 115 -5.65 -9.87 -20.89
C SER L 115 -5.99 -11.34 -20.63
N ARG L 116 -5.00 -12.25 -20.74
CA ARG L 116 -5.23 -13.64 -20.34
C ARG L 116 -5.59 -13.76 -18.87
N ASP L 117 -4.77 -13.16 -17.99
CA ASP L 117 -5.01 -13.26 -16.56
C ASP L 117 -6.40 -12.74 -16.19
N MET L 118 -6.80 -11.64 -16.80
CA MET L 118 -8.14 -11.10 -16.56
C MET L 118 -9.20 -12.14 -16.88
N LEU L 119 -9.12 -12.75 -18.07
CA LEU L 119 -10.14 -13.71 -18.47
C LEU L 119 -10.09 -14.98 -17.62
N ARG L 120 -8.90 -15.41 -17.21
CA ARG L 120 -8.79 -16.56 -16.33
C ARG L 120 -9.46 -16.29 -14.98
N GLN L 121 -9.25 -15.09 -14.40
CA GLN L 121 -9.93 -14.78 -13.16
C GLN L 121 -11.44 -14.90 -13.30
N GLN L 122 -11.98 -14.43 -14.42
CA GLN L 122 -13.41 -14.53 -14.66
C GLN L 122 -13.85 -15.96 -14.92
N LEU L 123 -13.00 -16.75 -15.59
CA LEU L 123 -13.34 -18.14 -15.85
C LEU L 123 -13.45 -18.94 -14.55
N SER L 124 -12.56 -18.67 -13.59
CA SER L 124 -12.66 -19.32 -12.30
C SER L 124 -13.97 -19.00 -11.62
N ASP L 125 -14.36 -17.72 -11.61
CA ASP L 125 -15.65 -17.33 -11.02
C ASP L 125 -16.79 -18.04 -11.72
N THR L 126 -16.77 -18.05 -13.06
CA THR L 126 -17.86 -18.64 -13.83
C THR L 126 -18.00 -20.13 -13.53
N GLU L 127 -16.88 -20.84 -13.51
CA GLU L 127 -16.91 -22.29 -13.32
C GLU L 127 -17.26 -22.65 -11.88
N GLU L 128 -16.41 -22.27 -10.94
CA GLU L 128 -16.47 -22.85 -9.61
C GLU L 128 -17.46 -22.16 -8.68
N ASP L 129 -17.92 -20.95 -9.03
CA ASP L 129 -18.94 -20.31 -8.21
C ASP L 129 -20.30 -20.47 -8.87
N HIS L 130 -20.53 -19.80 -9.99
CA HIS L 130 -21.90 -19.71 -10.48
C HIS L 130 -22.37 -21.02 -11.12
N THR L 131 -21.62 -21.54 -12.09
CA THR L 131 -22.03 -22.78 -12.73
C THR L 131 -22.15 -23.91 -11.71
N TYR L 132 -21.19 -24.00 -10.78
CA TYR L 132 -21.26 -25.06 -9.79
C TYR L 132 -22.54 -24.94 -8.97
N TRP L 133 -22.84 -23.73 -8.49
CA TRP L 133 -24.04 -23.52 -7.69
C TRP L 133 -25.29 -23.91 -8.45
N LEU L 134 -25.38 -23.50 -9.72
CA LEU L 134 -26.56 -23.83 -10.51
C LEU L 134 -26.70 -25.33 -10.70
N GLU L 135 -25.58 -26.02 -10.97
CA GLU L 135 -25.62 -27.48 -11.08
C GLU L 135 -26.07 -28.12 -9.77
N LYS L 136 -25.60 -27.58 -8.63
CA LYS L 136 -26.04 -28.11 -7.35
C LYS L 136 -27.54 -27.96 -7.13
N GLN L 137 -28.10 -26.83 -7.53
CA GLN L 137 -29.52 -26.62 -7.27
C GLN L 137 -30.35 -27.61 -8.08
N LEU L 138 -30.04 -27.76 -9.37
CA LEU L 138 -30.81 -28.70 -10.18
C LEU L 138 -30.65 -30.12 -9.69
N ARG L 139 -29.49 -30.47 -9.12
CA ARG L 139 -29.31 -31.78 -8.52
C ARG L 139 -30.17 -31.95 -7.26
N LEU L 140 -30.27 -30.89 -6.44
CA LEU L 140 -31.06 -31.01 -5.21
C LEU L 140 -32.53 -31.25 -5.51
N ILE L 141 -33.07 -30.59 -6.53
CA ILE L 141 -34.48 -30.82 -6.88
C ILE L 141 -34.72 -32.29 -7.17
N GLU L 142 -33.75 -32.96 -7.81
CA GLU L 142 -33.90 -34.39 -8.05
C GLU L 142 -33.80 -35.20 -6.77
N LEU L 143 -33.10 -34.67 -5.76
CA LEU L 143 -32.85 -35.39 -4.51
C LEU L 143 -33.94 -35.20 -3.46
N ILE L 144 -34.59 -34.03 -3.43
CA ILE L 144 -35.60 -33.73 -2.41
C ILE L 144 -36.94 -33.34 -3.01
N GLY L 145 -37.05 -33.25 -4.34
CA GLY L 145 -38.28 -32.87 -4.97
C GLY L 145 -38.45 -31.36 -5.10
N LEU L 146 -39.24 -30.93 -6.09
CA LEU L 146 -39.35 -29.49 -6.36
C LEU L 146 -40.00 -28.73 -5.20
N GLN L 147 -41.04 -29.29 -4.57
CA GLN L 147 -41.73 -28.55 -3.52
C GLN L 147 -40.80 -28.28 -2.34
N ASN L 148 -40.09 -29.31 -1.86
CA ASN L 148 -39.14 -29.12 -0.77
C ASN L 148 -38.05 -28.14 -1.17
N TYR L 149 -37.59 -28.21 -2.41
CA TYR L 149 -36.51 -27.32 -2.83
C TYR L 149 -36.95 -25.87 -2.75
N ILE L 150 -38.14 -25.56 -3.29
CA ILE L 150 -38.65 -24.19 -3.23
C ILE L 150 -38.85 -23.77 -1.79
N GLN L 151 -39.32 -24.69 -0.93
CA GLN L 151 -39.42 -24.37 0.48
C GLN L 151 -38.04 -24.02 1.04
N SER L 152 -37.02 -24.80 0.67
CA SER L 152 -35.71 -24.62 1.26
C SER L 152 -35.05 -23.32 0.82
N GLN L 153 -35.68 -22.54 -0.06
CA GLN L 153 -35.11 -21.28 -0.50
C GLN L 153 -35.97 -20.10 -0.10
N ILE L 154 -36.98 -20.31 0.75
CA ILE L 154 -37.74 -19.22 1.33
C ILE L 154 -36.82 -18.41 2.25
N MET M 1 -18.92 -36.02 -20.12
CA MET M 1 -18.47 -35.60 -18.81
C MET M 1 -18.10 -34.12 -18.86
N ARG M 2 -18.18 -33.43 -17.73
CA ARG M 2 -17.93 -32.00 -17.77
C ARG M 2 -16.46 -31.70 -18.03
N GLY M 3 -15.54 -32.49 -17.41
CA GLY M 3 -14.12 -32.29 -17.61
C GLY M 3 -13.54 -33.15 -18.72
N ASN M 4 -12.33 -32.81 -19.15
CA ASN M 4 -11.65 -33.58 -20.20
C ASN M 4 -11.16 -34.90 -19.63
N PRO M 5 -11.39 -36.03 -20.32
CA PRO M 5 -10.99 -37.32 -19.71
C PRO M 5 -9.50 -37.44 -19.40
N GLU M 6 -8.62 -36.87 -20.23
CA GLU M 6 -7.19 -36.97 -19.95
C GLU M 6 -6.80 -36.14 -18.73
N VAL M 7 -7.37 -34.94 -18.58
CA VAL M 7 -7.09 -34.14 -17.39
C VAL M 7 -7.59 -34.87 -16.16
N ILE M 8 -8.82 -35.36 -16.21
CA ILE M 8 -9.39 -36.04 -15.03
C ILE M 8 -8.51 -37.22 -14.66
N ASP M 9 -8.08 -38.01 -15.64
CA ASP M 9 -7.21 -39.15 -15.35
C ASP M 9 -5.91 -38.70 -14.71
N TYR M 10 -5.33 -37.61 -15.21
CA TYR M 10 -4.07 -37.12 -14.65
C TYR M 10 -4.25 -36.62 -13.21
N LEU M 11 -5.33 -35.88 -12.95
CA LEU M 11 -5.57 -35.41 -11.58
C LEU M 11 -5.77 -36.59 -10.62
N ASN M 12 -6.44 -37.65 -11.08
CA ASN M 12 -6.63 -38.81 -10.24
C ASN M 12 -5.30 -39.47 -9.94
N MET M 13 -4.37 -39.47 -10.91
CA MET M 13 -3.00 -39.91 -10.63
C MET M 13 -2.37 -39.05 -9.54
N LEU M 14 -2.54 -37.74 -9.63
CA LEU M 14 -1.90 -36.85 -8.66
C LEU M 14 -2.43 -37.10 -7.24
N ILE M 15 -3.74 -37.33 -7.10
CA ILE M 15 -4.31 -37.46 -5.75
C ILE M 15 -3.58 -38.53 -4.97
N GLY M 16 -3.45 -39.71 -5.58
CA GLY M 16 -2.78 -40.81 -4.91
C GLY M 16 -1.36 -40.47 -4.51
N GLY M 17 -0.68 -39.65 -5.30
CA GLY M 17 0.66 -39.23 -4.96
C GLY M 17 0.67 -38.24 -3.82
N GLU M 18 -0.34 -37.36 -3.76
CA GLU M 18 -0.37 -36.36 -2.70
C GLU M 18 -0.90 -36.93 -1.38
N LEU M 19 -1.83 -37.88 -1.43
CA LEU M 19 -2.19 -38.59 -0.20
C LEU M 19 -0.97 -39.31 0.36
N ALA M 20 -0.14 -39.85 -0.54
CA ALA M 20 1.08 -40.53 -0.14
C ALA M 20 2.07 -39.56 0.50
N ALA M 21 2.30 -38.42 -0.15
CA ALA M 21 3.21 -37.42 0.40
C ALA M 21 2.76 -36.93 1.76
N ARG M 22 1.45 -36.68 1.93
CA ARG M 22 0.93 -36.31 3.25
C ARG M 22 1.35 -37.34 4.31
N ASP M 23 1.20 -38.63 4.00
CA ASP M 23 1.48 -39.63 5.03
C ASP M 23 2.98 -39.84 5.23
N GLN M 24 3.79 -39.64 4.19
CA GLN M 24 5.22 -39.69 4.39
C GLN M 24 5.68 -38.58 5.33
N TYR M 25 5.10 -37.39 5.19
CA TYR M 25 5.43 -36.28 6.07
C TYR M 25 4.78 -36.41 7.44
N LEU M 26 3.68 -37.15 7.54
CA LEU M 26 3.10 -37.43 8.83
C LEU M 26 4.07 -38.25 9.68
N ILE M 27 4.57 -39.36 9.13
CA ILE M 27 5.43 -40.23 9.93
C ILE M 27 6.79 -39.57 10.16
N HIS M 28 7.35 -38.89 9.16
CA HIS M 28 8.64 -38.26 9.40
C HIS M 28 8.53 -37.19 10.47
N SER M 29 7.49 -36.34 10.42
CA SER M 29 7.35 -35.28 11.42
C SER M 29 7.24 -35.87 12.83
N ARG M 30 6.50 -36.97 12.99
CA ARG M 30 6.37 -37.59 14.30
C ARG M 30 7.68 -38.25 14.74
N MET M 31 8.49 -38.71 13.80
CA MET M 31 9.79 -39.24 14.17
C MET M 31 10.68 -38.14 14.74
N TYR M 32 10.67 -36.97 14.11
CA TYR M 32 11.50 -35.90 14.62
C TYR M 32 11.07 -35.49 16.03
N GLU M 33 9.77 -35.48 16.31
CA GLU M 33 9.35 -35.17 17.67
C GLU M 33 9.85 -36.24 18.64
N ASP M 34 9.80 -37.50 18.23
CA ASP M 34 10.30 -38.57 19.10
C ASP M 34 11.77 -38.37 19.43
N TRP M 35 12.55 -37.90 18.45
CA TRP M 35 13.98 -37.63 18.61
C TRP M 35 14.27 -36.32 19.34
N GLY M 36 13.24 -35.57 19.73
CA GLY M 36 13.49 -34.33 20.43
C GLY M 36 13.84 -33.15 19.55
N LEU M 37 13.62 -33.26 18.24
CA LEU M 37 13.99 -32.21 17.30
C LEU M 37 12.75 -31.43 16.90
N ASN M 38 12.29 -30.59 17.84
CA ASN M 38 10.98 -29.98 17.72
C ASN M 38 10.90 -28.99 16.56
N LYS M 39 12.00 -28.36 16.15
CA LYS M 39 11.90 -27.41 15.05
C LYS M 39 11.59 -28.12 13.73
N ILE M 40 12.26 -29.25 13.45
CA ILE M 40 11.93 -29.99 12.24
C ILE M 40 10.54 -30.59 12.37
N TYR M 41 10.19 -31.08 13.55
CA TYR M 41 8.84 -31.61 13.74
C TYR M 41 7.80 -30.57 13.33
N GLU M 42 7.93 -29.33 13.82
CA GLU M 42 6.93 -28.32 13.49
C GLU M 42 6.93 -28.00 12.01
N ARG M 43 8.11 -27.88 11.40
CA ARG M 43 8.13 -27.53 9.98
C ARG M 43 7.49 -28.64 9.14
N ILE M 44 7.87 -29.90 9.38
CA ILE M 44 7.35 -30.96 8.53
C ILE M 44 5.88 -31.18 8.81
N ASP M 45 5.45 -31.02 10.06
CA ASP M 45 4.02 -31.08 10.33
C ASP M 45 3.28 -30.01 9.54
N HIS M 46 3.84 -28.81 9.44
CA HIS M 46 3.22 -27.76 8.64
C HIS M 46 3.11 -28.17 7.17
N GLU M 47 4.17 -28.77 6.62
CA GLU M 47 4.13 -29.22 5.24
C GLU M 47 3.17 -30.38 5.07
N MET M 48 3.09 -31.29 6.05
CA MET M 48 2.09 -32.35 6.02
C MET M 48 0.71 -31.76 5.81
N GLN M 49 0.38 -30.71 6.56
CA GLN M 49 -0.91 -30.06 6.41
C GLN M 49 -1.11 -29.50 5.01
N GLU M 50 -0.07 -28.89 4.42
CA GLU M 50 -0.22 -28.35 3.07
C GLU M 50 -0.47 -29.46 2.05
N GLU M 51 0.18 -30.61 2.20
CA GLU M 51 -0.06 -31.73 1.28
C GLU M 51 -1.48 -32.24 1.39
N ALA M 52 -2.02 -32.33 2.61
CA ALA M 52 -3.42 -32.72 2.75
C ALA M 52 -4.31 -31.73 2.01
N SER M 53 -3.99 -30.43 2.14
CA SER M 53 -4.77 -29.40 1.47
C SER M 53 -4.68 -29.54 -0.04
N HIS M 54 -3.48 -29.81 -0.58
CA HIS M 54 -3.33 -30.02 -2.02
C HIS M 54 -4.22 -31.17 -2.48
N ALA M 55 -4.13 -32.31 -1.78
CA ALA M 55 -4.92 -33.46 -2.15
C ALA M 55 -6.41 -33.15 -2.08
N ASP M 56 -6.81 -32.41 -1.05
CA ASP M 56 -8.20 -31.98 -0.94
C ASP M 56 -8.61 -31.17 -2.15
N ALA M 57 -7.77 -30.24 -2.59
CA ALA M 57 -8.11 -29.41 -3.74
C ALA M 57 -8.38 -30.27 -4.98
N ILE M 58 -7.53 -31.26 -5.23
CA ILE M 58 -7.70 -32.05 -6.45
C ILE M 58 -8.89 -33.00 -6.34
N ILE M 59 -9.17 -33.52 -5.14
CA ILE M 59 -10.39 -34.31 -4.94
C ILE M 59 -11.62 -33.48 -5.27
N ARG M 60 -11.65 -32.24 -4.78
CA ARG M 60 -12.79 -31.38 -5.08
C ARG M 60 -12.90 -31.11 -6.58
N ARG M 61 -11.76 -30.87 -7.24
CA ARG M 61 -11.80 -30.54 -8.67
C ARG M 61 -12.34 -31.70 -9.48
N VAL M 62 -11.91 -32.91 -9.15
CA VAL M 62 -12.37 -34.08 -9.90
C VAL M 62 -13.88 -34.26 -9.75
N LEU M 63 -14.41 -34.03 -8.55
CA LEU M 63 -15.86 -34.07 -8.37
C LEU M 63 -16.54 -32.98 -9.20
N PHE M 64 -15.99 -31.76 -9.19
CA PHE M 64 -16.54 -30.71 -10.05
C PHE M 64 -16.53 -31.14 -11.52
N LEU M 65 -15.43 -31.74 -11.97
CA LEU M 65 -15.32 -32.17 -13.36
C LEU M 65 -16.19 -33.39 -13.66
N GLY M 66 -16.85 -33.94 -12.65
CA GLY M 66 -17.85 -34.98 -12.86
C GLY M 66 -17.40 -36.42 -12.66
N ALA M 67 -16.22 -36.66 -12.11
CA ALA M 67 -15.68 -38.01 -12.03
C ALA M 67 -15.52 -38.44 -10.57
N LYS M 68 -15.13 -39.71 -10.39
CA LYS M 68 -14.89 -40.27 -9.06
C LYS M 68 -13.43 -40.07 -8.70
N PRO M 69 -13.12 -39.39 -7.60
CA PRO M 69 -11.71 -39.24 -7.21
C PRO M 69 -11.08 -40.60 -6.89
N ASN M 70 -9.81 -40.71 -7.27
CA ASN M 70 -8.96 -41.85 -6.94
C ASN M 70 -8.48 -41.70 -5.51
N MET M 71 -9.03 -42.50 -4.58
CA MET M 71 -8.61 -42.36 -3.18
C MET M 71 -7.61 -43.44 -2.80
N HIS M 72 -7.11 -44.19 -3.77
CA HIS M 72 -6.03 -45.11 -3.52
C HIS M 72 -4.75 -44.33 -3.25
N ARG M 73 -4.03 -44.73 -2.21
CA ARG M 73 -2.75 -44.17 -1.80
C ARG M 73 -1.71 -45.28 -1.88
N GLU M 74 -0.44 -44.90 -2.01
CA GLU M 74 0.63 -45.87 -1.91
C GLU M 74 1.95 -45.12 -1.97
N ASP M 75 3.04 -45.88 -1.88
CA ASP M 75 4.37 -45.33 -2.14
C ASP M 75 4.77 -44.30 -1.08
N ILE M 76 5.02 -44.75 0.14
CA ILE M 76 5.75 -43.96 1.12
C ILE M 76 7.16 -44.55 1.25
N ASN M 77 8.15 -43.66 1.40
CA ASN M 77 9.53 -44.04 1.69
C ASN M 77 9.93 -43.39 3.00
N VAL M 78 10.11 -44.20 4.03
CA VAL M 78 10.40 -43.74 5.38
C VAL M 78 11.89 -43.86 5.62
N GLY M 79 12.51 -42.77 6.07
CA GLY M 79 13.91 -42.81 6.44
C GLY M 79 14.12 -43.42 7.82
N THR M 80 15.40 -43.46 8.23
CA THR M 80 15.79 -44.00 9.53
C THR M 80 16.60 -43.04 10.38
N ASP M 81 17.07 -41.92 9.83
CA ASP M 81 17.78 -40.94 10.64
C ASP M 81 17.54 -39.58 9.99
N VAL M 82 18.07 -38.54 10.61
CA VAL M 82 17.75 -37.18 10.17
C VAL M 82 18.08 -37.02 8.70
N VAL M 83 19.28 -37.43 8.30
CA VAL M 83 19.69 -37.16 6.93
C VAL M 83 18.87 -38.01 5.96
N SER M 84 18.65 -39.28 6.31
CA SER M 84 17.89 -40.17 5.44
C SER M 84 16.45 -39.70 5.27
N CYS M 85 15.85 -39.19 6.34
CA CYS M 85 14.48 -38.70 6.24
C CYS M 85 14.42 -37.45 5.38
N LEU M 86 15.38 -36.53 5.54
CA LEU M 86 15.38 -35.33 4.71
C LEU M 86 15.56 -35.68 3.23
N LYS M 87 16.47 -36.59 2.91
CA LYS M 87 16.70 -36.94 1.52
C LYS M 87 15.48 -37.63 0.91
N ALA M 88 14.81 -38.48 1.69
CA ALA M 88 13.60 -39.13 1.18
C ALA M 88 12.53 -38.10 0.85
N ASP M 89 12.33 -37.12 1.73
CA ASP M 89 11.34 -36.08 1.44
C ASP M 89 11.77 -35.22 0.26
N LEU M 90 13.07 -34.95 0.10
CA LEU M 90 13.50 -34.15 -1.03
C LEU M 90 13.25 -34.88 -2.33
N ALA M 91 13.60 -36.17 -2.39
CA ALA M 91 13.39 -36.95 -3.60
C ALA M 91 11.91 -36.97 -4.00
N LEU M 92 11.02 -37.09 -3.01
CA LEU M 92 9.60 -37.10 -3.31
C LEU M 92 9.14 -35.75 -3.86
N GLU M 93 9.60 -34.66 -3.26
CA GLU M 93 9.18 -33.35 -3.74
C GLU M 93 9.66 -33.11 -5.17
N TYR M 94 10.89 -33.55 -5.50
CA TYR M 94 11.34 -33.47 -6.88
C TYR M 94 10.41 -34.25 -7.81
N HIS M 95 10.02 -35.46 -7.41
CA HIS M 95 9.08 -36.24 -8.19
C HIS M 95 7.76 -35.48 -8.36
N VAL M 96 7.23 -34.92 -7.27
CA VAL M 96 5.95 -34.20 -7.35
C VAL M 96 6.08 -32.99 -8.26
N ARG M 97 7.24 -32.30 -8.22
CA ARG M 97 7.46 -31.14 -9.08
C ARG M 97 7.33 -31.51 -10.55
N GLU M 98 8.02 -32.56 -10.98
CA GLU M 98 7.94 -32.99 -12.37
C GLU M 98 6.50 -33.34 -12.74
N LYS M 99 5.81 -34.06 -11.84
CA LYS M 99 4.43 -34.46 -12.11
C LYS M 99 3.51 -33.24 -12.26
N LEU M 100 3.67 -32.24 -11.41
CA LEU M 100 2.80 -31.06 -11.49
C LEU M 100 3.04 -30.31 -12.79
N ALA M 101 4.31 -30.18 -13.19
CA ALA M 101 4.64 -29.48 -14.43
C ALA M 101 4.09 -30.22 -15.65
N THR M 102 4.19 -31.55 -15.64
CA THR M 102 3.62 -32.32 -16.72
C THR M 102 2.11 -32.11 -16.81
N GLY M 103 1.44 -32.02 -15.65
CA GLY M 103 0.01 -31.78 -15.60
C GLY M 103 -0.40 -30.39 -16.07
N ILE M 104 0.36 -29.39 -15.69
CA ILE M 104 0.04 -28.04 -16.17
C ILE M 104 0.06 -28.01 -17.69
N LYS M 105 1.06 -28.68 -18.27
CA LYS M 105 1.16 -28.72 -19.73
C LYS M 105 -0.08 -29.35 -20.34
N LEU M 106 -0.53 -30.46 -19.77
CA LEU M 106 -1.72 -31.15 -20.28
C LEU M 106 -2.98 -30.29 -20.11
N CYS M 107 -3.16 -29.70 -18.94
CA CYS M 107 -4.34 -28.86 -18.73
C CYS M 107 -4.40 -27.73 -19.75
N GLU M 108 -3.26 -27.10 -20.04
CA GLU M 108 -3.22 -26.07 -21.07
C GLU M 108 -3.60 -26.66 -22.42
N GLU M 109 -3.02 -27.80 -22.77
CA GLU M 109 -3.32 -28.43 -24.05
C GLU M 109 -4.81 -28.72 -24.19
N LYS M 110 -5.47 -29.09 -23.10
CA LYS M 110 -6.87 -29.47 -23.13
C LYS M 110 -7.78 -28.31 -22.80
N GLY M 111 -7.24 -27.11 -22.60
CA GLY M 111 -8.08 -25.94 -22.42
C GLY M 111 -8.73 -25.83 -21.07
N ASP M 112 -8.30 -26.65 -20.10
CA ASP M 112 -8.85 -26.61 -18.74
C ASP M 112 -7.96 -25.70 -17.91
N TYR M 113 -8.21 -24.40 -18.01
CA TYR M 113 -7.30 -23.41 -17.46
C TYR M 113 -7.41 -23.31 -15.95
N ILE M 114 -8.56 -23.66 -15.39
CA ILE M 114 -8.69 -23.57 -13.94
C ILE M 114 -7.99 -24.75 -13.28
N SER M 115 -8.04 -25.93 -13.91
CA SER M 115 -7.20 -27.03 -13.44
C SER M 115 -5.72 -26.67 -13.54
N ARG M 116 -5.32 -25.95 -14.60
CA ARG M 116 -3.94 -25.49 -14.67
C ARG M 116 -3.61 -24.58 -13.48
N ASP M 117 -4.45 -23.57 -13.23
CA ASP M 117 -4.13 -22.63 -12.16
C ASP M 117 -4.00 -23.36 -10.81
N MET M 118 -4.87 -24.34 -10.56
CA MET M 118 -4.76 -25.13 -9.33
C MET M 118 -3.39 -25.78 -9.21
N LEU M 119 -2.92 -26.44 -10.28
CA LEU M 119 -1.64 -27.12 -10.21
C LEU M 119 -0.49 -26.12 -10.11
N ARG M 120 -0.61 -24.98 -10.79
CA ARG M 120 0.44 -23.96 -10.69
C ARG M 120 0.58 -23.47 -9.25
N GLN M 121 -0.54 -23.28 -8.55
CA GLN M 121 -0.46 -22.87 -7.15
C GLN M 121 0.31 -23.89 -6.33
N GLN M 122 0.05 -25.18 -6.55
CA GLN M 122 0.74 -26.24 -5.81
C GLN M 122 2.20 -26.36 -6.22
N LEU M 123 2.51 -26.09 -7.50
CA LEU M 123 3.89 -26.11 -7.95
C LEU M 123 4.71 -25.02 -7.25
N SER M 124 4.13 -23.82 -7.06
CA SER M 124 4.84 -22.78 -6.34
C SER M 124 5.15 -23.23 -4.92
N ASP M 125 4.18 -23.85 -4.24
CA ASP M 125 4.42 -24.38 -2.90
C ASP M 125 5.51 -25.44 -2.90
N THR M 126 5.45 -26.38 -3.84
CA THR M 126 6.45 -27.43 -3.90
C THR M 126 7.84 -26.83 -4.11
N GLU M 127 7.98 -25.92 -5.08
CA GLU M 127 9.30 -25.41 -5.42
C GLU M 127 9.84 -24.51 -4.32
N GLU M 128 9.18 -23.36 -4.08
CA GLU M 128 9.77 -22.29 -3.32
C GLU M 128 9.55 -22.43 -1.82
N ASP M 129 8.63 -23.29 -1.38
CA ASP M 129 8.47 -23.53 0.04
C ASP M 129 9.16 -24.84 0.44
N HIS M 130 8.62 -26.00 0.01
CA HIS M 130 9.13 -27.24 0.61
C HIS M 130 10.49 -27.66 0.03
N THR M 131 10.60 -27.75 -1.29
CA THR M 131 11.88 -28.18 -1.86
C THR M 131 13.01 -27.24 -1.43
N TYR M 132 12.74 -25.93 -1.45
CA TYR M 132 13.78 -24.97 -1.06
C TYR M 132 14.22 -25.18 0.38
N TRP M 133 13.27 -25.40 1.29
CA TRP M 133 13.65 -25.60 2.69
C TRP M 133 14.52 -26.84 2.86
N LEU M 134 14.13 -27.96 2.23
CA LEU M 134 14.92 -29.17 2.33
C LEU M 134 16.30 -28.98 1.74
N GLU M 135 16.39 -28.32 0.59
CA GLU M 135 17.70 -28.05 0.01
C GLU M 135 18.54 -27.21 0.95
N LYS M 136 17.92 -26.22 1.63
CA LYS M 136 18.64 -25.40 2.60
C LYS M 136 19.13 -26.23 3.77
N GLN M 137 18.34 -27.21 4.22
CA GLN M 137 18.79 -28.02 5.35
C GLN M 137 20.00 -28.85 4.98
N LEU M 138 19.98 -29.48 3.81
CA LEU M 138 21.14 -30.27 3.39
C LEU M 138 22.35 -29.39 3.16
N ARG M 139 22.13 -28.14 2.72
CA ARG M 139 23.24 -27.19 2.59
C ARG M 139 23.82 -26.84 3.96
N LEU M 140 22.97 -26.69 4.97
CA LEU M 140 23.46 -26.30 6.30
C LEU M 140 24.32 -27.39 6.92
N ILE M 141 23.95 -28.66 6.72
CA ILE M 141 24.77 -29.74 7.27
C ILE M 141 26.18 -29.66 6.74
N GLU M 142 26.34 -29.33 5.46
CA GLU M 142 27.68 -29.21 4.91
C GLU M 142 28.41 -28.00 5.48
N LEU M 143 27.68 -26.97 5.90
CA LEU M 143 28.28 -25.73 6.36
C LEU M 143 28.60 -25.71 7.84
N ILE M 144 27.85 -26.42 8.68
CA ILE M 144 28.05 -26.38 10.13
C ILE M 144 28.28 -27.74 10.73
N GLY M 145 28.19 -28.81 9.96
CA GLY M 145 28.33 -30.15 10.45
C GLY M 145 27.03 -30.70 11.00
N LEU M 146 26.93 -32.04 11.01
CA LEU M 146 25.68 -32.67 11.44
C LEU M 146 25.37 -32.39 12.91
N GLN M 147 26.40 -32.39 13.78
CA GLN M 147 26.14 -32.20 15.21
C GLN M 147 25.52 -30.83 15.48
N ASN M 148 26.12 -29.78 14.91
CA ASN M 148 25.55 -28.45 15.05
C ASN M 148 24.16 -28.36 14.42
N TYR M 149 23.98 -28.99 13.25
CA TYR M 149 22.69 -28.91 12.58
C TYR M 149 21.58 -29.49 13.45
N ILE M 150 21.79 -30.69 14.00
CA ILE M 150 20.77 -31.28 14.85
C ILE M 150 20.50 -30.42 16.08
N GLN M 151 21.55 -29.81 16.63
CA GLN M 151 21.37 -28.89 17.75
C GLN M 151 20.51 -27.69 17.36
N SER M 152 20.75 -27.13 16.17
CA SER M 152 20.04 -25.94 15.72
C SER M 152 18.57 -26.22 15.43
N GLN M 153 18.14 -27.48 15.56
CA GLN M 153 16.74 -27.86 15.38
C GLN M 153 16.13 -28.45 16.65
N ILE M 154 16.84 -28.43 17.77
CA ILE M 154 16.20 -28.80 19.04
C ILE M 154 15.23 -27.69 19.41
N MET N 1 13.33 -54.04 23.67
CA MET N 1 12.35 -52.99 23.21
C MET N 1 11.47 -52.57 24.38
N ARG N 2 10.98 -51.34 24.35
CA ARG N 2 10.21 -50.85 25.48
C ARG N 2 8.82 -51.49 25.52
N GLY N 3 8.14 -51.65 24.36
CA GLY N 3 6.80 -52.21 24.38
C GLY N 3 6.72 -53.73 24.19
N ASN N 4 5.57 -54.28 24.56
CA ASN N 4 5.33 -55.73 24.40
C ASN N 4 5.08 -56.05 22.92
N PRO N 5 5.71 -57.08 22.35
CA PRO N 5 5.56 -57.29 20.89
C PRO N 5 4.14 -57.50 20.44
N GLU N 6 3.31 -58.19 21.24
CA GLU N 6 1.93 -58.43 20.81
C GLU N 6 1.14 -57.11 20.77
N VAL N 7 1.35 -56.24 21.75
CA VAL N 7 0.67 -54.94 21.74
C VAL N 7 1.13 -54.11 20.53
N ILE N 8 2.43 -54.07 20.29
CA ILE N 8 2.94 -53.27 19.18
C ILE N 8 2.33 -53.76 17.85
N ASP N 9 2.28 -55.08 17.65
CA ASP N 9 1.67 -55.61 16.44
C ASP N 9 0.21 -55.18 16.33
N TYR N 10 -0.52 -55.23 17.44
CA TYR N 10 -1.92 -54.84 17.41
C TYR N 10 -2.07 -53.36 17.12
N LEU N 11 -1.26 -52.52 17.77
CA LEU N 11 -1.34 -51.08 17.48
C LEU N 11 -1.00 -50.81 16.02
N ASN N 12 0.02 -51.48 15.48
CA ASN N 12 0.37 -51.23 14.09
C ASN N 12 -0.75 -51.66 13.15
N MET N 13 -1.45 -52.75 13.49
CA MET N 13 -2.62 -53.16 12.73
C MET N 13 -3.71 -52.08 12.78
N LEU N 14 -3.91 -51.47 13.95
CA LEU N 14 -4.94 -50.45 14.10
C LEU N 14 -4.64 -49.22 13.24
N ILE N 15 -3.36 -48.84 13.15
CA ILE N 15 -2.99 -47.64 12.42
C ILE N 15 -3.53 -47.70 11.00
N GLY N 16 -3.32 -48.82 10.31
CA GLY N 16 -3.82 -48.96 8.96
C GLY N 16 -5.33 -48.79 8.86
N GLY N 17 -6.05 -49.27 9.88
CA GLY N 17 -7.50 -49.13 9.86
C GLY N 17 -7.95 -47.69 10.08
N GLU N 18 -7.22 -46.95 10.91
CA GLU N 18 -7.60 -45.56 11.18
C GLU N 18 -7.16 -44.60 10.08
N LEU N 19 -6.02 -44.85 9.42
CA LEU N 19 -5.69 -44.06 8.24
C LEU N 19 -6.73 -44.25 7.13
N ALA N 20 -7.24 -45.47 6.98
CA ALA N 20 -8.26 -45.75 5.98
C ALA N 20 -9.57 -45.04 6.30
N ALA N 21 -10.03 -45.14 7.55
CA ALA N 21 -11.28 -44.48 7.92
C ALA N 21 -11.18 -42.97 7.70
N ARG N 22 -10.05 -42.37 8.11
CA ARG N 22 -9.83 -40.94 7.85
C ARG N 22 -10.04 -40.63 6.39
N ASP N 23 -9.50 -41.47 5.50
CA ASP N 23 -9.60 -41.17 4.08
C ASP N 23 -11.00 -41.46 3.55
N GLN N 24 -11.70 -42.45 4.10
CA GLN N 24 -13.08 -42.68 3.70
C GLN N 24 -13.95 -41.48 4.07
N TYR N 25 -13.72 -40.91 5.25
CA TYR N 25 -14.53 -39.75 5.63
C TYR N 25 -14.08 -38.52 4.86
N LEU N 26 -12.85 -38.50 4.36
CA LEU N 26 -12.42 -37.41 3.49
C LEU N 26 -13.21 -37.42 2.19
N ILE N 27 -13.27 -38.57 1.52
CA ILE N 27 -13.93 -38.58 0.22
C ILE N 27 -15.44 -38.41 0.40
N HIS N 28 -16.01 -39.03 1.44
CA HIS N 28 -17.44 -38.88 1.66
C HIS N 28 -17.80 -37.43 1.98
N SER N 29 -17.04 -36.80 2.87
CA SER N 29 -17.34 -35.42 3.25
C SER N 29 -17.31 -34.51 2.03
N ARG N 30 -16.35 -34.72 1.15
CA ARG N 30 -16.25 -33.87 -0.05
C ARG N 30 -17.35 -34.17 -1.06
N MET N 31 -17.86 -35.39 -1.11
CA MET N 31 -19.01 -35.69 -1.96
C MET N 31 -20.27 -35.02 -1.45
N TYR N 32 -20.46 -35.02 -0.12
CA TYR N 32 -21.65 -34.36 0.41
C TYR N 32 -21.65 -32.87 0.06
N GLU N 33 -20.48 -32.23 0.15
CA GLU N 33 -20.40 -30.82 -0.19
C GLU N 33 -20.71 -30.59 -1.66
N ASP N 34 -20.25 -31.48 -2.51
CA ASP N 34 -20.57 -31.38 -3.93
C ASP N 34 -22.08 -31.48 -4.17
N TRP N 35 -22.76 -32.30 -3.37
CA TRP N 35 -24.20 -32.48 -3.46
C TRP N 35 -24.98 -31.35 -2.79
N GLY N 36 -24.30 -30.38 -2.21
CA GLY N 36 -25.00 -29.29 -1.58
C GLY N 36 -25.50 -29.58 -0.18
N LEU N 37 -25.03 -30.65 0.46
CA LEU N 37 -25.50 -31.03 1.79
C LEU N 37 -24.43 -30.58 2.78
N ASN N 38 -24.41 -29.28 3.05
CA ASN N 38 -23.30 -28.73 3.81
C ASN N 38 -23.31 -29.21 5.26
N LYS N 39 -24.47 -29.52 5.83
CA LYS N 39 -24.49 -29.96 7.22
C LYS N 39 -23.81 -31.32 7.37
N ILE N 40 -24.08 -32.26 6.47
CA ILE N 40 -23.38 -33.54 6.54
C ILE N 40 -21.90 -33.34 6.22
N TYR N 41 -21.60 -32.45 5.28
CA TYR N 41 -20.20 -32.16 4.97
C TYR N 41 -19.45 -31.75 6.24
N GLU N 42 -20.00 -30.81 7.00
CA GLU N 42 -19.28 -30.31 8.17
C GLU N 42 -19.07 -31.42 9.19
N ARG N 43 -20.11 -32.21 9.45
CA ARG N 43 -20.01 -33.24 10.48
C ARG N 43 -18.99 -34.31 10.09
N ILE N 44 -19.07 -34.82 8.87
CA ILE N 44 -18.19 -35.90 8.48
C ILE N 44 -16.75 -35.40 8.32
N ASP N 45 -16.58 -34.16 7.86
CA ASP N 45 -15.25 -33.57 7.83
C ASP N 45 -14.65 -33.50 9.22
N HIS N 46 -15.46 -33.13 10.22
CA HIS N 46 -14.98 -33.15 11.59
C HIS N 46 -14.60 -34.56 12.01
N GLU N 47 -15.39 -35.56 11.60
CA GLU N 47 -15.03 -36.91 11.98
C GLU N 47 -13.75 -37.34 11.28
N MET N 48 -13.58 -36.95 10.01
CA MET N 48 -12.31 -37.22 9.35
C MET N 48 -11.15 -36.64 10.15
N GLN N 49 -11.30 -35.40 10.65
CA GLN N 49 -10.25 -34.81 11.48
C GLN N 49 -10.02 -35.62 12.76
N GLU N 50 -11.09 -36.09 13.40
CA GLU N 50 -10.91 -36.92 14.60
C GLU N 50 -10.19 -38.22 14.26
N GLU N 51 -10.51 -38.83 13.12
CA GLU N 51 -9.86 -40.08 12.77
C GLU N 51 -8.36 -39.89 12.56
N ALA N 52 -7.99 -38.79 11.90
CA ALA N 52 -6.57 -38.46 11.74
C ALA N 52 -5.89 -38.34 13.09
N SER N 53 -6.59 -37.73 14.05
CA SER N 53 -6.05 -37.59 15.41
C SER N 53 -5.91 -38.95 16.07
N HIS N 54 -6.87 -39.87 15.86
CA HIS N 54 -6.70 -41.22 16.39
C HIS N 54 -5.42 -41.88 15.86
N ALA N 55 -5.23 -41.82 14.53
CA ALA N 55 -4.07 -42.47 13.92
C ALA N 55 -2.76 -41.88 14.43
N ASP N 56 -2.73 -40.56 14.54
CA ASP N 56 -1.57 -39.86 15.09
C ASP N 56 -1.23 -40.39 16.48
N ALA N 57 -2.24 -40.54 17.33
CA ALA N 57 -2.00 -41.04 18.68
C ALA N 57 -1.36 -42.42 18.66
N ILE N 58 -1.84 -43.32 17.80
CA ILE N 58 -1.27 -44.66 17.81
C ILE N 58 0.12 -44.64 17.21
N ILE N 59 0.32 -43.83 16.16
CA ILE N 59 1.66 -43.67 15.60
C ILE N 59 2.64 -43.21 16.69
N ARG N 60 2.27 -42.19 17.47
CA ARG N 60 3.16 -41.71 18.52
C ARG N 60 3.41 -42.78 19.59
N ARG N 61 2.37 -43.52 19.96
CA ARG N 61 2.53 -44.54 20.99
C ARG N 61 3.49 -45.64 20.52
N VAL N 62 3.35 -46.07 19.27
CA VAL N 62 4.26 -47.08 18.74
C VAL N 62 5.69 -46.58 18.76
N LEU N 63 5.93 -45.32 18.39
CA LEU N 63 7.27 -44.77 18.48
C LEU N 63 7.75 -44.73 19.93
N PHE N 64 6.88 -44.33 20.85
CA PHE N 64 7.25 -44.35 22.26
C PHE N 64 7.62 -45.75 22.71
N LEU N 65 6.88 -46.77 22.24
CA LEU N 65 7.16 -48.15 22.62
C LEU N 65 8.39 -48.72 21.93
N GLY N 66 9.02 -47.98 21.02
CA GLY N 66 10.28 -48.38 20.46
C GLY N 66 10.23 -49.06 19.11
N ALA N 67 9.10 -49.03 18.43
CA ALA N 67 8.94 -49.78 17.19
C ALA N 67 8.71 -48.83 16.02
N LYS N 68 8.69 -49.40 14.82
CA LYS N 68 8.43 -48.63 13.62
C LYS N 68 6.94 -48.64 13.31
N PRO N 69 6.29 -47.49 13.22
CA PRO N 69 4.87 -47.49 12.86
C PRO N 69 4.67 -48.04 11.45
N ASN N 70 3.64 -48.86 11.30
CA ASN N 70 3.27 -49.39 10.00
C ASN N 70 2.33 -48.40 9.34
N MET N 71 2.81 -47.75 8.28
CA MET N 71 2.06 -46.71 7.60
C MET N 71 1.30 -47.23 6.38
N HIS N 72 1.17 -48.55 6.25
CA HIS N 72 0.30 -49.09 5.20
C HIS N 72 -1.13 -48.71 5.52
N ARG N 73 -1.88 -48.33 4.48
CA ARG N 73 -3.30 -48.00 4.55
C ARG N 73 -4.06 -48.88 3.57
N GLU N 74 -5.35 -49.13 3.82
CA GLU N 74 -6.11 -49.79 2.75
C GLU N 74 -7.58 -49.89 3.12
N ASP N 75 -8.36 -50.44 2.19
CA ASP N 75 -9.74 -50.79 2.50
C ASP N 75 -10.53 -49.53 2.75
N ILE N 76 -10.84 -48.77 1.71
CA ILE N 76 -11.89 -47.75 1.76
C ILE N 76 -13.13 -48.31 1.05
N ASN N 77 -14.31 -48.01 1.60
CA ASN N 77 -15.59 -48.37 0.96
C ASN N 77 -16.32 -47.08 0.65
N VAL N 78 -16.41 -46.72 -0.62
CA VAL N 78 -16.99 -45.44 -1.02
C VAL N 78 -18.41 -45.70 -1.49
N GLY N 79 -19.35 -44.93 -0.96
CA GLY N 79 -20.73 -45.02 -1.41
C GLY N 79 -20.97 -44.30 -2.72
N THR N 80 -22.23 -44.30 -3.13
CA THR N 80 -22.62 -43.62 -4.37
C THR N 80 -23.73 -42.60 -4.18
N ASP N 81 -24.40 -42.61 -3.02
CA ASP N 81 -25.47 -41.67 -2.70
C ASP N 81 -25.52 -41.53 -1.18
N VAL N 82 -26.43 -40.69 -0.69
CA VAL N 82 -26.45 -40.39 0.74
C VAL N 82 -26.54 -41.67 1.56
N VAL N 83 -27.49 -42.55 1.22
CA VAL N 83 -27.72 -43.70 2.08
C VAL N 83 -26.54 -44.66 2.03
N SER N 84 -25.97 -44.87 0.84
CA SER N 84 -24.83 -45.75 0.67
C SER N 84 -23.62 -45.25 1.47
N CYS N 85 -23.39 -43.95 1.47
CA CYS N 85 -22.25 -43.39 2.19
C CYS N 85 -22.44 -43.52 3.69
N LEU N 86 -23.65 -43.24 4.18
CA LEU N 86 -23.91 -43.34 5.61
C LEU N 86 -23.72 -44.77 6.10
N LYS N 87 -24.24 -45.75 5.36
CA LYS N 87 -24.14 -47.14 5.80
C LYS N 87 -22.69 -47.63 5.73
N ALA N 88 -21.92 -47.21 4.72
CA ALA N 88 -20.52 -47.61 4.66
C ALA N 88 -19.75 -47.09 5.87
N ASP N 89 -19.98 -45.84 6.24
CA ASP N 89 -19.29 -45.31 7.41
C ASP N 89 -19.77 -46.01 8.68
N LEU N 90 -21.06 -46.36 8.75
CA LEU N 90 -21.56 -47.07 9.93
C LEU N 90 -20.91 -48.45 10.04
N ALA N 91 -20.89 -49.20 8.92
CA ALA N 91 -20.27 -50.52 8.96
C ALA N 91 -18.81 -50.43 9.38
N LEU N 92 -18.10 -49.40 8.90
CA LEU N 92 -16.70 -49.25 9.27
C LEU N 92 -16.54 -48.94 10.76
N GLU N 93 -17.37 -48.03 11.28
CA GLU N 93 -17.26 -47.71 12.70
C GLU N 93 -17.58 -48.93 13.56
N TYR N 94 -18.53 -49.76 13.14
CA TYR N 94 -18.79 -50.99 13.88
C TYR N 94 -17.55 -51.88 13.90
N HIS N 95 -16.87 -52.04 12.75
CA HIS N 95 -15.64 -52.83 12.71
C HIS N 95 -14.57 -52.26 13.64
N VAL N 96 -14.35 -50.94 13.55
CA VAL N 96 -13.34 -50.30 14.40
C VAL N 96 -13.69 -50.49 15.86
N ARG N 97 -14.99 -50.44 16.20
CA ARG N 97 -15.40 -50.65 17.58
C ARG N 97 -14.90 -51.99 18.10
N GLU N 98 -15.20 -53.07 17.37
CA GLU N 98 -14.76 -54.39 17.79
C GLU N 98 -13.23 -54.46 17.86
N LYS N 99 -12.53 -53.86 16.89
CA LYS N 99 -11.08 -53.90 16.89
C LYS N 99 -10.51 -53.22 18.12
N LEU N 100 -11.09 -52.07 18.51
CA LEU N 100 -10.61 -51.35 19.67
C LEU N 100 -10.88 -52.13 20.95
N ALA N 101 -12.05 -52.78 21.02
CA ALA N 101 -12.38 -53.56 22.21
C ALA N 101 -11.42 -54.73 22.39
N THR N 102 -11.12 -55.44 21.31
CA THR N 102 -10.16 -56.54 21.39
C THR N 102 -8.76 -56.05 21.73
N GLY N 103 -8.38 -54.88 21.23
CA GLY N 103 -7.08 -54.33 21.60
C GLY N 103 -7.00 -54.01 23.09
N ILE N 104 -8.07 -53.43 23.65
CA ILE N 104 -8.07 -53.13 25.07
C ILE N 104 -7.90 -54.40 25.90
N LYS N 105 -8.57 -55.47 25.52
CA LYS N 105 -8.41 -56.73 26.25
C LYS N 105 -6.95 -57.18 26.22
N LEU N 106 -6.32 -57.07 25.05
CA LEU N 106 -4.91 -57.45 24.93
C LEU N 106 -4.02 -56.57 25.79
N CYS N 107 -4.21 -55.25 25.73
CA CYS N 107 -3.42 -54.36 26.57
C CYS N 107 -3.62 -54.70 28.03
N GLU N 108 -4.86 -55.01 28.44
CA GLU N 108 -5.10 -55.43 29.82
C GLU N 108 -4.34 -56.70 30.13
N GLU N 109 -4.42 -57.67 29.22
CA GLU N 109 -3.73 -58.95 29.44
C GLU N 109 -2.24 -58.76 29.62
N LYS N 110 -1.64 -57.84 28.87
CA LYS N 110 -0.20 -57.68 28.88
C LYS N 110 0.27 -56.58 29.82
N GLY N 111 -0.65 -55.95 30.55
CA GLY N 111 -0.24 -54.97 31.50
C GLY N 111 0.12 -53.61 30.93
N ASP N 112 -0.23 -53.33 29.66
CA ASP N 112 0.06 -52.04 29.06
C ASP N 112 -1.16 -51.15 29.26
N TYR N 113 -1.22 -50.53 30.45
CA TYR N 113 -2.40 -49.81 30.87
C TYR N 113 -2.53 -48.44 30.23
N ILE N 114 -1.44 -47.83 29.79
CA ILE N 114 -1.57 -46.54 29.12
C ILE N 114 -2.05 -46.72 27.69
N SER N 115 -1.54 -47.75 27.00
CA SER N 115 -2.08 -48.08 25.68
C SER N 115 -3.55 -48.46 25.78
N ARG N 116 -3.94 -49.14 26.86
CA ARG N 116 -5.38 -49.36 27.07
C ARG N 116 -6.11 -48.02 27.19
N ASP N 117 -5.61 -47.10 28.01
CA ASP N 117 -6.30 -45.82 28.15
C ASP N 117 -6.44 -45.12 26.80
N MET N 118 -5.39 -45.17 25.97
CA MET N 118 -5.46 -44.58 24.64
C MET N 118 -6.59 -45.20 23.84
N LEU N 119 -6.65 -46.53 23.79
CA LEU N 119 -7.69 -47.20 23.00
C LEU N 119 -9.07 -46.94 23.59
N ARG N 120 -9.17 -46.83 24.92
CA ARG N 120 -10.44 -46.47 25.53
C ARG N 120 -10.92 -45.11 25.09
N GLN N 121 -10.02 -44.12 25.06
CA GLN N 121 -10.38 -42.78 24.61
C GLN N 121 -10.96 -42.80 23.21
N GLN N 122 -10.34 -43.59 22.32
CA GLN N 122 -10.82 -43.70 20.95
C GLN N 122 -12.11 -44.50 20.87
N LEU N 123 -12.25 -45.50 21.74
CA LEU N 123 -13.47 -46.30 21.75
C LEU N 123 -14.68 -45.47 22.13
N SER N 124 -14.51 -44.59 23.12
CA SER N 124 -15.61 -43.70 23.51
C SER N 124 -16.02 -42.81 22.34
N ASP N 125 -15.05 -42.24 21.63
CA ASP N 125 -15.37 -41.42 20.46
C ASP N 125 -16.09 -42.25 19.41
N THR N 126 -15.56 -43.43 19.10
CA THR N 126 -16.16 -44.27 18.07
C THR N 126 -17.61 -44.58 18.44
N GLU N 127 -17.84 -44.99 19.69
CA GLU N 127 -19.17 -45.43 20.11
C GLU N 127 -20.15 -44.27 20.22
N GLU N 128 -19.87 -43.34 21.14
CA GLU N 128 -20.88 -42.39 21.57
C GLU N 128 -20.93 -41.17 20.68
N ASP N 129 -19.94 -40.94 19.81
CA ASP N 129 -19.99 -39.83 18.88
C ASP N 129 -20.37 -40.29 17.47
N HIS N 130 -19.48 -41.00 16.80
CA HIS N 130 -19.71 -41.23 15.37
C HIS N 130 -20.75 -42.33 15.15
N THR N 131 -20.57 -43.50 15.77
CA THR N 131 -21.55 -44.56 15.57
C THR N 131 -22.94 -44.10 15.99
N TYR N 132 -23.06 -43.42 17.12
CA TYR N 132 -24.37 -42.95 17.57
C TYR N 132 -24.96 -41.99 16.56
N TRP N 133 -24.15 -41.04 16.05
CA TRP N 133 -24.68 -40.06 15.10
C TRP N 133 -25.17 -40.75 13.84
N LEU N 134 -24.39 -41.69 13.31
CA LEU N 134 -24.80 -42.40 12.10
C LEU N 134 -26.07 -43.20 12.33
N GLU N 135 -26.17 -43.88 13.47
CA GLU N 135 -27.40 -44.62 13.78
C GLU N 135 -28.60 -43.68 13.84
N LYS N 136 -28.40 -42.48 14.39
CA LYS N 136 -29.49 -41.51 14.45
C LYS N 136 -29.91 -41.08 13.05
N GLN N 137 -28.96 -40.90 12.14
CA GLN N 137 -29.31 -40.46 10.78
C GLN N 137 -30.16 -41.50 10.06
N LEU N 138 -29.74 -42.77 10.11
CA LEU N 138 -30.53 -43.79 9.43
C LEU N 138 -31.91 -43.94 10.06
N ARG N 139 -32.03 -43.73 11.36
CA ARG N 139 -33.36 -43.73 11.95
C ARG N 139 -34.18 -42.54 11.45
N LEU N 140 -33.54 -41.39 11.26
CA LEU N 140 -34.28 -40.21 10.81
C LEU N 140 -34.84 -40.43 9.41
N ILE N 141 -34.08 -41.08 8.53
CA ILE N 141 -34.58 -41.35 7.19
C ILE N 141 -35.88 -42.15 7.26
N GLU N 142 -35.97 -43.10 8.20
CA GLU N 142 -37.18 -43.88 8.38
C GLU N 142 -38.30 -43.06 9.01
N LEU N 143 -37.95 -42.02 9.78
CA LEU N 143 -38.92 -41.22 10.51
C LEU N 143 -39.51 -40.06 9.70
N ILE N 144 -38.73 -39.48 8.78
CA ILE N 144 -39.20 -38.33 8.01
C ILE N 144 -39.12 -38.54 6.51
N GLY N 145 -38.60 -39.66 6.05
CA GLY N 145 -38.44 -39.92 4.62
C GLY N 145 -37.13 -39.36 4.09
N LEU N 146 -36.64 -39.97 3.00
CA LEU N 146 -35.33 -39.60 2.47
C LEU N 146 -35.30 -38.16 1.94
N GLN N 147 -36.35 -37.72 1.25
CA GLN N 147 -36.32 -36.35 0.70
C GLN N 147 -36.21 -35.31 1.80
N ASN N 148 -37.06 -35.43 2.84
CA ASN N 148 -36.97 -34.49 3.96
C ASN N 148 -35.62 -34.60 4.63
N TYR N 149 -35.10 -35.83 4.78
CA TYR N 149 -33.81 -36.00 5.44
C TYR N 149 -32.70 -35.26 4.68
N ILE N 150 -32.63 -35.47 3.37
CA ILE N 150 -31.63 -34.77 2.58
C ILE N 150 -31.85 -33.27 2.64
N GLN N 151 -33.11 -32.84 2.68
CA GLN N 151 -33.42 -31.42 2.85
C GLN N 151 -32.92 -30.92 4.20
N SER N 152 -33.08 -31.72 5.25
CA SER N 152 -32.71 -31.29 6.60
C SER N 152 -31.21 -31.16 6.78
N GLN N 153 -30.42 -31.50 5.77
CA GLN N 153 -28.98 -31.43 5.84
C GLN N 153 -28.39 -30.44 4.85
N ILE N 154 -29.21 -29.66 4.17
CA ILE N 154 -28.69 -28.56 3.36
C ILE N 154 -28.10 -27.53 4.33
N MET O 1 37.84 37.90 29.98
CA MET O 1 36.57 37.41 29.43
C MET O 1 36.68 35.94 29.04
N ARG O 2 35.56 35.23 29.09
CA ARG O 2 35.61 33.80 28.79
C ARG O 2 35.73 33.52 27.29
N GLY O 3 35.06 34.31 26.39
CA GLY O 3 35.14 34.06 24.97
C GLY O 3 36.25 34.83 24.24
N ASN O 4 36.57 34.39 23.00
CA ASN O 4 37.59 35.06 22.19
C ASN O 4 37.03 36.38 21.63
N PRO O 5 37.76 37.50 21.74
CA PRO O 5 37.16 38.79 21.35
C PRO O 5 36.72 38.87 19.90
N GLU O 6 37.47 38.23 19.00
CA GLU O 6 37.13 38.29 17.59
C GLU O 6 35.84 37.51 17.30
N VAL O 7 35.67 36.35 17.95
CA VAL O 7 34.45 35.57 17.75
C VAL O 7 33.24 36.35 18.26
N ILE O 8 33.34 36.90 19.48
CA ILE O 8 32.22 37.67 19.99
C ILE O 8 31.95 38.84 19.07
N ASP O 9 33.00 39.50 18.57
CA ASP O 9 32.75 40.61 17.66
C ASP O 9 31.97 40.12 16.44
N TYR O 10 32.35 38.97 15.89
CA TYR O 10 31.65 38.44 14.73
C TYR O 10 30.22 38.02 15.09
N LEU O 11 30.06 37.34 16.22
CA LEU O 11 28.71 36.94 16.64
C LEU O 11 27.82 38.14 16.85
N ASN O 12 28.36 39.20 17.46
CA ASN O 12 27.55 40.39 17.65
C ASN O 12 27.15 41.01 16.32
N MET O 13 28.02 40.97 15.32
CA MET O 13 27.62 41.40 13.99
C MET O 13 26.48 40.54 13.47
N LEU O 14 26.55 39.23 13.71
CA LEU O 14 25.50 38.33 13.20
C LEU O 14 24.14 38.62 13.84
N ILE O 15 24.12 38.92 15.13
CA ILE O 15 22.84 39.14 15.81
C ILE O 15 22.07 40.25 15.11
N GLY O 16 22.75 41.36 14.84
CA GLY O 16 22.07 42.45 14.16
C GLY O 16 21.48 42.02 12.84
N GLY O 17 22.17 41.12 12.13
CA GLY O 17 21.69 40.67 10.84
C GLY O 17 20.50 39.73 10.94
N GLU O 18 20.48 38.89 11.99
CA GLU O 18 19.34 37.98 12.15
C GLU O 18 18.12 38.69 12.75
N LEU O 19 18.32 39.69 13.60
CA LEU O 19 17.16 40.47 14.03
C LEU O 19 16.50 41.14 12.84
N ALA O 20 17.31 41.57 11.87
CA ALA O 20 16.77 42.22 10.68
C ALA O 20 15.96 41.24 9.84
N ALA O 21 16.52 40.07 9.55
CA ALA O 21 15.83 39.09 8.72
C ALA O 21 14.51 38.67 9.36
N ARG O 22 14.52 38.44 10.67
CA ARG O 22 13.29 38.12 11.39
C ARG O 22 12.21 39.17 11.10
N ASP O 23 12.59 40.43 11.15
CA ASP O 23 11.62 41.50 10.93
C ASP O 23 11.27 41.65 9.46
N GLN O 24 12.18 41.29 8.55
CA GLN O 24 11.84 41.33 7.12
C GLN O 24 10.80 40.27 6.79
N TYR O 25 10.92 39.08 7.36
CA TYR O 25 9.91 38.06 7.14
C TYR O 25 8.65 38.36 7.92
N LEU O 26 8.77 39.16 8.98
CA LEU O 26 7.58 39.59 9.70
C LEU O 26 6.70 40.46 8.80
N ILE O 27 7.27 41.51 8.21
CA ILE O 27 6.45 42.40 7.38
C ILE O 27 6.03 41.71 6.08
N HIS O 28 6.93 40.92 5.48
CA HIS O 28 6.54 40.22 4.25
C HIS O 28 5.41 39.22 4.52
N SER O 29 5.55 38.43 5.59
CA SER O 29 4.50 37.45 5.89
C SER O 29 3.16 38.12 6.12
N ARG O 30 3.15 39.26 6.80
CA ARG O 30 1.89 39.96 7.02
C ARG O 30 1.36 40.57 5.75
N MET O 31 2.24 40.96 4.82
CA MET O 31 1.73 41.41 3.53
C MET O 31 1.04 40.29 2.79
N TYR O 32 1.61 39.08 2.80
CA TYR O 32 0.97 37.99 2.07
C TYR O 32 -0.41 37.67 2.64
N GLU O 33 -0.57 37.72 3.96
CA GLU O 33 -1.89 37.48 4.53
C GLU O 33 -2.88 38.56 4.08
N ASP O 34 -2.45 39.81 4.02
CA ASP O 34 -3.32 40.89 3.54
C ASP O 34 -3.73 40.63 2.09
N TRP O 35 -2.82 40.07 1.29
CA TRP O 35 -3.12 39.74 -0.10
C TRP O 35 -3.95 38.47 -0.25
N GLY O 36 -4.27 37.78 0.84
CA GLY O 36 -5.06 36.56 0.73
C GLY O 36 -4.27 35.33 0.35
N LEU O 37 -2.95 35.39 0.46
CA LEU O 37 -2.07 34.30 0.05
C LEU O 37 -1.61 33.56 1.30
N ASN O 38 -2.52 32.75 1.83
CA ASN O 38 -2.29 32.16 3.15
C ASN O 38 -1.18 31.12 3.14
N LYS O 39 -0.94 30.44 2.01
CA LYS O 39 0.14 29.45 2.03
C LYS O 39 1.50 30.10 2.19
N ILE O 40 1.77 31.19 1.46
CA ILE O 40 3.04 31.90 1.65
C ILE O 40 3.08 32.54 3.03
N TYR O 41 1.94 33.06 3.49
CA TYR O 41 1.89 33.65 4.81
C TYR O 41 2.37 32.67 5.88
N GLU O 42 1.81 31.46 5.89
CA GLU O 42 2.19 30.49 6.91
C GLU O 42 3.65 30.09 6.77
N ARG O 43 4.13 29.87 5.55
CA ARG O 43 5.52 29.45 5.40
C ARG O 43 6.48 30.55 5.87
N ILE O 44 6.25 31.79 5.45
CA ILE O 44 7.19 32.86 5.80
C ILE O 44 7.02 33.23 7.27
N ASP O 45 5.80 33.16 7.80
CA ASP O 45 5.66 33.33 9.24
C ASP O 45 6.49 32.29 9.99
N HIS O 46 6.46 31.04 9.51
CA HIS O 46 7.27 30.02 10.16
C HIS O 46 8.75 30.38 10.09
N GLU O 47 9.21 30.90 8.96
CA GLU O 47 10.62 31.27 8.86
C GLU O 47 10.93 32.48 9.73
N MET O 48 9.99 33.44 9.84
CA MET O 48 10.19 34.51 10.80
C MET O 48 10.45 33.97 12.19
N GLN O 49 9.69 32.96 12.59
CA GLN O 49 9.90 32.30 13.88
C GLN O 49 11.30 31.68 13.95
N GLU O 50 11.75 31.06 12.85
CA GLU O 50 13.07 30.46 12.84
C GLU O 50 14.16 31.48 13.01
N GLU O 51 14.02 32.64 12.35
CA GLU O 51 15.02 33.70 12.46
C GLU O 51 15.08 34.24 13.89
N ALA O 52 13.93 34.41 14.53
CA ALA O 52 13.92 34.83 15.92
C ALA O 52 14.70 33.84 16.79
N SER O 53 14.51 32.54 16.53
CA SER O 53 15.25 31.54 17.28
C SER O 53 16.75 31.62 17.00
N HIS O 54 17.15 31.83 15.74
CA HIS O 54 18.57 31.97 15.43
C HIS O 54 19.19 33.12 16.22
N ALA O 55 18.52 34.28 16.21
CA ALA O 55 19.05 35.44 16.93
C ALA O 55 19.15 35.17 18.43
N ASP O 56 18.11 34.55 19.00
CA ASP O 56 18.12 34.19 20.43
C ASP O 56 19.33 33.35 20.77
N ALA O 57 19.65 32.37 19.93
CA ALA O 57 20.78 31.48 20.20
C ALA O 57 22.09 32.25 20.26
N ILE O 58 22.32 33.18 19.34
CA ILE O 58 23.59 33.91 19.33
C ILE O 58 23.64 34.90 20.49
N ILE O 59 22.50 35.50 20.85
CA ILE O 59 22.46 36.37 22.02
C ILE O 59 22.87 35.58 23.28
N ARG O 60 22.32 34.39 23.45
CA ARG O 60 22.67 33.57 24.61
C ARG O 60 24.16 33.22 24.61
N ARG O 61 24.71 32.87 23.45
CA ARG O 61 26.11 32.48 23.39
C ARG O 61 27.02 33.65 23.77
N VAL O 62 26.70 34.86 23.28
CA VAL O 62 27.52 36.02 23.62
C VAL O 62 27.51 36.24 25.12
N LEU O 63 26.33 36.08 25.75
CA LEU O 63 26.25 36.14 27.21
C LEU O 63 27.07 35.02 27.86
N PHE O 64 26.96 33.80 27.33
CA PHE O 64 27.82 32.72 27.82
C PHE O 64 29.30 33.09 27.68
N LEU O 65 29.67 33.65 26.52
CA LEU O 65 31.07 34.02 26.29
C LEU O 65 31.51 35.23 27.11
N GLY O 66 30.60 35.84 27.86
CA GLY O 66 30.97 36.88 28.81
C GLY O 66 30.83 38.30 28.35
N ALA O 67 30.19 38.56 27.21
CA ALA O 67 30.14 39.88 26.59
C ALA O 67 28.71 40.40 26.54
N LYS O 68 28.57 41.65 26.07
CA LYS O 68 27.26 42.27 25.92
C LYS O 68 26.74 42.06 24.52
N PRO O 69 25.58 41.41 24.35
CA PRO O 69 25.05 41.24 22.99
C PRO O 69 24.73 42.57 22.33
N ASN O 70 25.04 42.65 21.04
CA ASN O 70 24.74 43.81 20.19
C ASN O 70 23.30 43.69 19.72
N MET O 71 22.43 44.53 20.25
CA MET O 71 21.01 44.47 19.92
C MET O 71 20.62 45.54 18.90
N HIS O 72 21.58 46.21 18.29
CA HIS O 72 21.26 47.10 17.18
C HIS O 72 20.81 46.26 16.01
N ARG O 73 19.75 46.71 15.32
CA ARG O 73 19.21 46.10 14.11
C ARG O 73 19.25 47.12 12.99
N GLU O 74 19.25 46.66 11.75
CA GLU O 74 19.02 47.62 10.67
C GLU O 74 18.92 46.86 9.36
N ASP O 75 18.69 47.63 8.29
CA ASP O 75 18.82 47.05 6.95
C ASP O 75 17.76 45.99 6.78
N ILE O 76 16.49 46.40 6.61
CA ILE O 76 15.43 45.57 6.02
C ILE O 76 15.17 46.07 4.61
N ASN O 77 14.90 45.14 3.67
CA ASN O 77 14.47 45.46 2.30
C ASN O 77 13.08 44.87 2.08
N VAL O 78 12.07 45.72 1.99
CA VAL O 78 10.68 45.30 1.89
C VAL O 78 10.23 45.40 0.44
N GLY O 79 9.64 44.32 -0.09
CA GLY O 79 9.13 44.35 -1.44
C GLY O 79 7.79 45.05 -1.54
N THR O 80 7.22 45.06 -2.76
CA THR O 80 5.92 45.65 -3.03
C THR O 80 4.92 44.70 -3.67
N ASP O 81 5.35 43.53 -4.14
CA ASP O 81 4.44 42.55 -4.71
C ASP O 81 5.06 41.18 -4.52
N VAL O 82 4.37 40.13 -5.00
CA VAL O 82 4.79 38.77 -4.70
C VAL O 82 6.24 38.54 -5.12
N VAL O 83 6.58 38.88 -6.38
CA VAL O 83 7.93 38.51 -6.85
C VAL O 83 8.99 39.35 -6.15
N SER O 84 8.70 40.64 -5.95
CA SER O 84 9.67 41.53 -5.30
C SER O 84 9.95 41.09 -3.86
N CYS O 85 8.92 40.65 -3.13
CA CYS O 85 9.14 40.17 -1.77
C CYS O 85 9.93 38.87 -1.74
N LEU O 86 9.59 37.94 -2.64
CA LEU O 86 10.35 36.69 -2.66
C LEU O 86 11.81 36.97 -2.97
N LYS O 87 12.09 37.83 -3.95
CA LYS O 87 13.48 38.06 -4.33
C LYS O 87 14.25 38.77 -3.22
N ALA O 88 13.60 39.68 -2.49
CA ALA O 88 14.26 40.35 -1.38
C ALA O 88 14.69 39.35 -0.30
N ASP O 89 13.80 38.42 0.03
CA ASP O 89 14.14 37.41 1.03
C ASP O 89 15.25 36.49 0.53
N LEU O 90 15.25 36.17 -0.76
CA LEU O 90 16.29 35.31 -1.32
C LEU O 90 17.64 36.00 -1.27
N ALA O 91 17.69 37.28 -1.68
CA ALA O 91 18.94 38.03 -1.61
C ALA O 91 19.45 38.11 -0.18
N LEU O 92 18.54 38.31 0.77
CA LEU O 92 18.94 38.37 2.18
C LEU O 92 19.48 37.04 2.66
N GLU O 93 18.81 35.95 2.31
CA GLU O 93 19.24 34.62 2.73
C GLU O 93 20.61 34.30 2.16
N TYR O 94 20.88 34.71 0.94
CA TYR O 94 22.23 34.54 0.39
C TYR O 94 23.26 35.31 1.22
N HIS O 95 22.94 36.55 1.61
CA HIS O 95 23.85 37.35 2.44
C HIS O 95 24.15 36.62 3.74
N VAL O 96 23.10 36.11 4.40
CA VAL O 96 23.25 35.44 5.68
C VAL O 96 24.09 34.17 5.52
N ARG O 97 23.89 33.45 4.41
CA ARG O 97 24.69 32.25 4.17
C ARG O 97 26.17 32.57 4.17
N GLU O 98 26.57 33.60 3.41
CA GLU O 98 27.98 33.98 3.35
C GLU O 98 28.49 34.38 4.72
N LYS O 99 27.71 35.16 5.48
CA LYS O 99 28.16 35.59 6.80
C LYS O 99 28.35 34.42 7.75
N LEU O 100 27.44 33.45 7.70
CA LEU O 100 27.55 32.30 8.60
C LEU O 100 28.77 31.45 8.26
N ALA O 101 29.02 31.22 6.97
CA ALA O 101 30.18 30.43 6.57
C ALA O 101 31.48 31.12 6.97
N THR O 102 31.57 32.43 6.76
CA THR O 102 32.79 33.12 7.19
C THR O 102 32.93 33.06 8.70
N GLY O 103 31.81 33.10 9.43
CA GLY O 103 31.87 32.97 10.88
C GLY O 103 32.37 31.60 11.30
N ILE O 104 31.90 30.54 10.64
CA ILE O 104 32.36 29.20 10.97
C ILE O 104 33.87 29.09 10.79
N LYS O 105 34.40 29.66 9.71
CA LYS O 105 35.84 29.62 9.51
C LYS O 105 36.58 30.30 10.66
N LEU O 106 36.10 31.47 11.08
CA LEU O 106 36.74 32.19 12.18
C LEU O 106 36.70 31.37 13.47
N CYS O 107 35.52 30.81 13.80
CA CYS O 107 35.40 30.00 15.01
C CYS O 107 36.38 28.83 14.98
N GLU O 108 36.50 28.15 13.83
CA GLU O 108 37.50 27.09 13.72
C GLU O 108 38.90 27.63 13.93
N GLU O 109 39.21 28.77 13.30
CA GLU O 109 40.54 29.35 13.43
C GLU O 109 40.86 29.67 14.88
N LYS O 110 39.87 30.09 15.67
CA LYS O 110 40.12 30.50 17.05
C LYS O 110 39.86 29.39 18.06
N GLY O 111 39.46 28.21 17.62
CA GLY O 111 39.26 27.10 18.52
C GLY O 111 37.96 27.12 19.29
N ASP O 112 37.00 27.98 18.92
CA ASP O 112 35.71 27.98 19.60
C ASP O 112 34.78 27.07 18.82
N TYR O 113 34.85 25.77 19.13
CA TYR O 113 34.17 24.78 18.34
C TYR O 113 32.67 24.72 18.61
N ILE O 114 32.22 25.12 19.80
CA ILE O 114 30.80 25.10 20.04
C ILE O 114 30.12 26.29 19.38
N SER O 115 30.80 27.45 19.32
CA SER O 115 30.27 28.53 18.49
C SER O 115 30.20 28.11 17.02
N ARG O 116 31.16 27.30 16.56
CA ARG O 116 31.08 26.75 15.20
C ARG O 116 29.83 25.89 15.03
N ASP O 117 29.59 24.94 15.93
CA ASP O 117 28.43 24.07 15.77
C ASP O 117 27.16 24.90 15.72
N MET O 118 27.07 25.94 16.55
CA MET O 118 25.90 26.80 16.54
C MET O 118 25.66 27.39 15.16
N LEU O 119 26.70 27.93 14.53
CA LEU O 119 26.50 28.56 13.23
C LEU O 119 26.21 27.54 12.14
N ARG O 120 26.82 26.36 12.22
CA ARG O 120 26.53 25.31 11.24
C ARG O 120 25.07 24.90 11.32
N GLN O 121 24.54 24.73 12.54
CA GLN O 121 23.13 24.40 12.70
C GLN O 121 22.25 25.43 12.02
N GLN O 122 22.61 26.71 12.15
CA GLN O 122 21.87 27.78 11.50
C GLN O 122 22.11 27.83 10.01
N LEU O 123 23.33 27.50 9.57
CA LEU O 123 23.63 27.50 8.15
C LEU O 123 22.79 26.46 7.42
N SER O 124 22.58 25.29 8.04
CA SER O 124 21.75 24.28 7.41
C SER O 124 20.34 24.80 7.22
N ASP O 125 19.78 25.45 8.25
CA ASP O 125 18.44 26.00 8.13
C ASP O 125 18.38 27.00 6.99
N THR O 126 19.36 27.91 6.94
CA THR O 126 19.35 28.93 5.90
C THR O 126 19.39 28.28 4.53
N GLU O 127 20.30 27.32 4.34
CA GLU O 127 20.54 26.75 3.01
C GLU O 127 19.40 25.84 2.59
N GLU O 128 19.20 24.74 3.32
CA GLU O 128 18.36 23.66 2.82
C GLU O 128 16.88 23.85 3.12
N ASP O 129 16.52 24.77 4.02
CA ASP O 129 15.12 25.05 4.28
C ASP O 129 14.72 26.33 3.56
N HIS O 130 15.22 27.48 4.01
CA HIS O 130 14.63 28.70 3.48
C HIS O 130 15.14 29.03 2.07
N THR O 131 16.46 29.06 1.88
CA THR O 131 16.98 29.40 0.56
C THR O 131 16.43 28.45 -0.50
N TYR O 132 16.40 27.15 -0.20
CA TYR O 132 15.90 26.18 -1.17
C TYR O 132 14.44 26.47 -1.52
N TRP O 133 13.61 26.74 -0.51
CA TRP O 133 12.21 27.01 -0.76
C TRP O 133 12.01 28.24 -1.65
N LEU O 134 12.74 29.32 -1.35
CA LEU O 134 12.61 30.54 -2.15
C LEU O 134 13.06 30.30 -3.57
N GLU O 135 14.16 29.57 -3.74
CA GLU O 135 14.62 29.22 -5.08
C GLU O 135 13.57 28.40 -5.83
N LYS O 136 12.88 27.50 -5.12
CA LYS O 136 11.87 26.69 -5.78
C LYS O 136 10.69 27.54 -6.25
N GLN O 137 10.27 28.52 -5.46
CA GLN O 137 9.12 29.31 -5.85
C GLN O 137 9.41 30.09 -7.12
N LEU O 138 10.56 30.75 -7.20
CA LEU O 138 10.89 31.47 -8.43
C LEU O 138 11.02 30.51 -9.60
N ARG O 139 11.47 29.28 -9.36
CA ARG O 139 11.50 28.32 -10.45
C ARG O 139 10.08 27.95 -10.87
N LEU O 140 9.17 27.83 -9.89
CA LEU O 140 7.79 27.48 -10.24
C LEU O 140 7.15 28.58 -11.08
N ILE O 141 7.39 29.85 -10.73
CA ILE O 141 6.81 30.93 -11.52
C ILE O 141 7.21 30.80 -12.98
N GLU O 142 8.45 30.38 -13.24
CA GLU O 142 8.87 30.23 -14.64
C GLU O 142 8.17 29.06 -15.31
N LEU O 143 7.76 28.06 -14.54
CA LEU O 143 7.19 26.81 -15.04
C LEU O 143 5.68 26.86 -15.25
N ILE O 144 4.92 27.63 -14.44
CA ILE O 144 3.48 27.63 -14.53
C ILE O 144 2.87 29.01 -14.77
N GLY O 145 3.70 30.05 -14.81
CA GLY O 145 3.21 31.42 -14.97
C GLY O 145 2.85 32.05 -13.64
N LEU O 146 2.92 33.39 -13.60
CA LEU O 146 2.72 34.06 -12.31
C LEU O 146 1.29 33.89 -11.79
N GLN O 147 0.28 33.95 -12.65
CA GLN O 147 -1.10 33.87 -12.17
C GLN O 147 -1.39 32.52 -11.50
N ASN O 148 -1.02 31.41 -12.17
CA ASN O 148 -1.21 30.11 -11.55
C ASN O 148 -0.44 29.99 -10.24
N TYR O 149 0.78 30.55 -10.19
CA TYR O 149 1.56 30.46 -8.97
C TYR O 149 0.84 31.13 -7.81
N ILE O 150 0.36 32.36 -8.01
CA ILE O 150 -0.36 33.05 -6.95
C ILE O 150 -1.62 32.30 -6.57
N GLN O 151 -2.30 31.72 -7.57
CA GLN O 151 -3.45 30.87 -7.25
C GLN O 151 -3.02 29.69 -6.38
N SER O 152 -1.85 29.12 -6.67
CA SER O 152 -1.42 27.92 -5.94
C SER O 152 -1.02 28.22 -4.50
N GLN O 153 -1.02 29.48 -4.09
CA GLN O 153 -0.69 29.83 -2.71
C GLN O 153 -1.87 30.48 -1.98
N ILE O 154 -3.04 30.52 -2.59
CA ILE O 154 -4.24 30.92 -1.88
C ILE O 154 -4.56 29.79 -0.90
N MET P 1 -6.26 56.42 0.68
CA MET P 1 -6.26 55.24 1.59
C MET P 1 -7.56 55.16 2.39
N ARG P 2 -7.91 53.95 2.82
CA ARG P 2 -9.17 53.77 3.54
C ARG P 2 -9.08 54.39 4.94
N GLY P 3 -7.90 54.35 5.58
CA GLY P 3 -7.77 54.94 6.91
C GLY P 3 -7.37 56.42 6.89
N ASN P 4 -7.56 57.07 8.04
CA ASN P 4 -7.20 58.49 8.18
C ASN P 4 -5.69 58.68 8.30
N PRO P 5 -5.10 59.65 7.59
CA PRO P 5 -3.62 59.78 7.62
C PRO P 5 -3.05 60.07 9.00
N GLU P 6 -3.74 60.82 9.86
CA GLU P 6 -3.18 61.06 11.19
C GLU P 6 -3.19 59.77 12.00
N VAL P 7 -4.27 58.98 11.91
CA VAL P 7 -4.31 57.70 12.60
C VAL P 7 -3.21 56.79 12.06
N ILE P 8 -3.12 56.68 10.74
CA ILE P 8 -2.10 55.80 10.16
C ILE P 8 -0.71 56.25 10.57
N ASP P 9 -0.45 57.55 10.51
CA ASP P 9 0.84 58.07 10.93
C ASP P 9 1.10 57.75 12.39
N TYR P 10 0.08 57.86 13.24
CA TYR P 10 0.26 57.56 14.66
C TYR P 10 0.56 56.09 14.87
N LEU P 11 -0.20 55.22 14.20
CA LEU P 11 0.03 53.78 14.33
C LEU P 11 1.43 53.42 13.87
N ASN P 12 1.89 54.03 12.79
CA ASN P 12 3.24 53.73 12.32
C ASN P 12 4.27 54.14 13.36
N MET P 13 4.02 55.25 14.07
CA MET P 13 4.87 55.61 15.21
C MET P 13 4.88 54.51 16.27
N LEU P 14 3.71 53.97 16.59
CA LEU P 14 3.63 52.98 17.65
C LEU P 14 4.39 51.70 17.28
N ILE P 15 4.36 51.31 16.01
CA ILE P 15 5.01 50.05 15.62
C ILE P 15 6.49 50.09 15.99
N GLY P 16 7.19 51.14 15.58
CA GLY P 16 8.60 51.26 15.90
C GLY P 16 8.85 51.22 17.39
N GLY P 17 7.93 51.79 18.17
CA GLY P 17 8.07 51.76 19.61
C GLY P 17 7.84 50.37 20.19
N GLU P 18 6.92 49.61 19.59
CA GLU P 18 6.66 48.27 20.13
C GLU P 18 7.69 47.24 19.66
N LEU P 19 8.24 47.36 18.44
CA LEU P 19 9.33 46.48 18.06
C LEU P 19 10.52 46.69 18.99
N ALA P 20 10.74 47.95 19.41
CA ALA P 20 11.82 48.26 20.35
C ALA P 20 11.57 47.63 21.71
N ALA P 21 10.36 47.78 22.24
CA ALA P 21 10.07 47.18 23.55
C ALA P 21 10.26 45.67 23.51
N ARG P 22 9.76 45.02 22.45
CA ARG P 22 9.97 43.57 22.30
C ARG P 22 11.44 43.23 22.42
N ASP P 23 12.30 43.98 21.74
CA ASP P 23 13.72 43.64 21.74
C ASP P 23 14.38 44.01 23.07
N GLN P 24 13.91 45.08 23.73
CA GLN P 24 14.43 45.37 25.07
C GLN P 24 14.10 44.23 26.03
N TYR P 25 12.89 43.69 25.93
CA TYR P 25 12.51 42.59 26.81
C TYR P 25 13.14 41.28 26.36
N LEU P 26 13.49 41.15 25.08
CA LEU P 26 14.25 39.99 24.63
C LEU P 26 15.61 39.95 25.33
N ILE P 27 16.36 41.05 25.28
CA ILE P 27 17.70 41.04 25.86
C ILE P 27 17.63 40.94 27.39
N HIS P 28 16.68 41.63 28.01
CA HIS P 28 16.58 41.55 29.47
C HIS P 28 16.23 40.15 29.92
N SER P 29 15.26 39.51 29.25
CA SER P 29 14.87 38.16 29.64
C SER P 29 16.07 37.23 29.59
N ARG P 30 16.89 37.35 28.55
CA ARG P 30 18.04 36.47 28.40
C ARG P 30 19.13 36.79 29.41
N MET P 31 19.26 38.05 29.83
CA MET P 31 20.22 38.39 30.86
C MET P 31 19.84 37.73 32.19
N TYR P 32 18.54 37.74 32.53
CA TYR P 32 18.10 37.13 33.78
C TYR P 32 18.36 35.61 33.78
N GLU P 33 18.16 34.94 32.64
CA GLU P 33 18.51 33.51 32.59
C GLU P 33 20.02 33.33 32.79
N ASP P 34 20.81 34.23 32.20
CA ASP P 34 22.27 34.18 32.36
C ASP P 34 22.67 34.34 33.83
N TRP P 35 21.98 35.22 34.56
CA TRP P 35 22.21 35.43 35.98
C TRP P 35 21.60 34.33 36.86
N GLY P 36 20.94 33.34 36.28
CA GLY P 36 20.33 32.25 37.02
C GLY P 36 18.97 32.54 37.62
N LEU P 37 18.32 33.62 37.20
CA LEU P 37 17.06 34.06 37.79
C LEU P 37 15.92 33.64 36.85
N ASN P 38 15.57 32.36 36.92
CA ASN P 38 14.63 31.82 35.96
C ASN P 38 13.22 32.38 36.12
N LYS P 39 12.82 32.80 37.32
CA LYS P 39 11.45 33.31 37.43
C LYS P 39 11.31 34.64 36.69
N ILE P 40 12.26 35.55 36.82
CA ILE P 40 12.17 36.77 36.05
C ILE P 40 12.36 36.47 34.57
N TYR P 41 13.26 35.54 34.25
CA TYR P 41 13.42 35.17 32.84
C TYR P 41 12.08 34.76 32.23
N GLU P 42 11.34 33.90 32.94
CA GLU P 42 10.05 33.43 32.40
C GLU P 42 9.05 34.57 32.26
N ARG P 43 8.96 35.45 33.24
CA ARG P 43 7.97 36.52 33.17
C ARG P 43 8.28 37.49 32.03
N ILE P 44 9.53 37.94 31.93
CA ILE P 44 9.85 38.97 30.94
C ILE P 44 9.80 38.37 29.55
N ASP P 45 10.17 37.10 29.40
CA ASP P 45 9.98 36.44 28.12
C ASP P 45 8.51 36.43 27.72
N HIS P 46 7.61 36.21 28.68
CA HIS P 46 6.18 36.29 28.36
C HIS P 46 5.78 37.68 27.92
N GLU P 47 6.29 38.71 28.58
CA GLU P 47 5.92 40.06 28.17
C GLU P 47 6.53 40.40 26.82
N MET P 48 7.75 39.94 26.57
CA MET P 48 8.32 40.09 25.24
C MET P 48 7.41 39.52 24.17
N GLN P 49 6.84 38.33 24.43
CA GLN P 49 5.90 37.75 23.48
C GLN P 49 4.67 38.64 23.31
N GLU P 50 4.18 39.23 24.40
CA GLU P 50 3.02 40.13 24.26
C GLU P 50 3.35 41.35 23.40
N GLU P 51 4.57 41.91 23.56
CA GLU P 51 4.95 43.07 22.76
C GLU P 51 5.06 42.70 21.29
N ALA P 52 5.60 41.52 20.99
CA ALA P 52 5.62 41.05 19.61
C ALA P 52 4.21 40.98 19.04
N SER P 53 3.27 40.45 19.83
CA SER P 53 1.88 40.37 19.41
C SER P 53 1.28 41.75 19.21
N HIS P 54 1.58 42.68 20.11
CA HIS P 54 1.09 44.05 19.97
C HIS P 54 1.55 44.65 18.65
N ALA P 55 2.85 44.53 18.35
CA ALA P 55 3.37 45.10 17.12
C ALA P 55 2.72 44.46 15.91
N ASP P 56 2.55 43.13 15.91
CA ASP P 56 1.86 42.44 14.84
C ASP P 56 0.45 43.00 14.65
N ALA P 57 -0.27 43.23 15.75
CA ALA P 57 -1.62 43.78 15.63
C ALA P 57 -1.61 45.12 14.91
N ILE P 58 -0.66 46.00 15.28
CA ILE P 58 -0.67 47.32 14.66
C ILE P 58 -0.19 47.23 13.21
N ILE P 59 0.76 46.34 12.93
CA ILE P 59 1.18 46.11 11.54
C ILE P 59 0.00 45.67 10.69
N ARG P 60 -0.81 44.74 11.19
CA ARG P 60 -1.97 44.27 10.44
C ARG P 60 -2.97 45.39 10.19
N ARG P 61 -3.20 46.23 11.19
CA ARG P 61 -4.19 47.31 11.05
C ARG P 61 -3.75 48.31 10.00
N VAL P 62 -2.47 48.69 9.99
CA VAL P 62 -1.99 49.65 9.00
C VAL P 62 -2.17 49.12 7.59
N LEU P 63 -1.90 47.82 7.38
CA LEU P 63 -2.17 47.23 6.07
C LEU P 63 -3.65 47.27 5.73
N PHE P 64 -4.51 46.94 6.70
CA PHE P 64 -5.94 47.08 6.47
C PHE P 64 -6.32 48.51 6.14
N LEU P 65 -5.71 49.48 6.83
CA LEU P 65 -6.02 50.89 6.58
C LEU P 65 -5.41 51.37 5.27
N GLY P 66 -4.63 50.53 4.58
CA GLY P 66 -4.17 50.80 3.24
C GLY P 66 -2.78 51.38 3.09
N ALA P 67 -1.98 51.38 4.15
CA ALA P 67 -0.69 52.04 4.15
C ALA P 67 0.43 51.03 4.36
N LYS P 68 1.66 51.53 4.26
CA LYS P 68 2.86 50.74 4.45
C LYS P 68 3.28 50.78 5.91
N PRO P 69 3.41 49.65 6.59
CA PRO P 69 3.90 49.69 7.97
C PRO P 69 5.33 50.21 8.04
N ASN P 70 5.56 51.00 9.08
CA ASN P 70 6.89 51.51 9.42
C ASN P 70 7.62 50.44 10.22
N MET P 71 8.61 49.78 9.61
CA MET P 71 9.36 48.72 10.29
C MET P 71 10.68 49.22 10.88
N HIS P 72 10.87 50.53 10.97
CA HIS P 72 12.05 51.04 11.64
C HIS P 72 11.96 50.76 13.13
N ARG P 73 13.03 50.23 13.70
CA ARG P 73 13.14 49.96 15.12
C ARG P 73 14.33 50.75 15.67
N GLU P 74 14.30 51.09 16.95
CA GLU P 74 15.49 51.61 17.57
C GLU P 74 15.27 51.89 19.04
N ASP P 75 16.32 52.34 19.73
CA ASP P 75 16.21 52.92 21.06
C ASP P 75 15.69 51.89 22.06
N ILE P 76 16.57 50.96 22.39
CA ILE P 76 16.40 50.13 23.56
C ILE P 76 17.32 50.67 24.63
N ASN P 77 16.89 50.55 25.89
CA ASN P 77 17.69 50.89 27.06
C ASN P 77 17.95 49.59 27.81
N VAL P 78 19.18 49.09 27.75
CA VAL P 78 19.52 47.81 28.35
C VAL P 78 20.18 48.09 29.70
N GLY P 79 19.67 47.46 30.75
CA GLY P 79 20.23 47.64 32.06
C GLY P 79 21.50 46.83 32.23
N THR P 80 22.06 46.92 33.44
CA THR P 80 23.29 46.20 33.78
C THR P 80 23.18 45.31 35.01
N ASP P 81 22.10 45.38 35.78
CA ASP P 81 21.89 44.48 36.92
C ASP P 81 20.38 44.37 37.14
N VAL P 82 20.00 43.58 38.14
CA VAL P 82 18.58 43.30 38.33
C VAL P 82 17.80 44.62 38.45
N VAL P 83 18.27 45.54 39.28
CA VAL P 83 17.45 46.73 39.54
C VAL P 83 17.41 47.63 38.31
N SER P 84 18.56 47.84 37.64
CA SER P 84 18.60 48.74 36.48
C SER P 84 17.75 48.19 35.33
N CYS P 85 17.72 46.87 35.16
CA CYS P 85 16.90 46.28 34.09
C CYS P 85 15.41 46.46 34.40
N LEU P 86 15.02 46.23 35.65
CA LEU P 86 13.62 46.45 36.02
C LEU P 86 13.22 47.91 35.85
N LYS P 87 14.08 48.84 36.27
CA LYS P 87 13.71 50.25 36.17
C LYS P 87 13.60 50.67 34.72
N ALA P 88 14.50 50.18 33.85
CA ALA P 88 14.42 50.54 32.44
C ALA P 88 13.11 50.08 31.82
N ASP P 89 12.71 48.84 32.11
CA ASP P 89 11.46 48.30 31.56
C ASP P 89 10.25 49.06 32.11
N LEU P 90 10.32 49.48 33.37
CA LEU P 90 9.22 50.28 33.92
C LEU P 90 9.12 51.64 33.23
N ALA P 91 10.25 52.31 33.02
CA ALA P 91 10.25 53.59 32.32
C ALA P 91 9.71 53.46 30.90
N LEU P 92 10.07 52.38 30.20
CA LEU P 92 9.54 52.18 28.85
C LEU P 92 8.03 51.96 28.86
N GLU P 93 7.54 51.14 29.80
CA GLU P 93 6.11 50.88 29.87
C GLU P 93 5.33 52.14 30.22
N TYR P 94 5.87 53.01 31.10
CA TYR P 94 5.21 54.29 31.35
C TYR P 94 5.11 55.11 30.06
N HIS P 95 6.21 55.17 29.29
CA HIS P 95 6.22 55.87 28.00
C HIS P 95 5.20 55.26 27.03
N VAL P 96 5.17 53.92 26.92
CA VAL P 96 4.23 53.29 26.02
C VAL P 96 2.79 53.61 26.44
N ARG P 97 2.55 53.61 27.75
CA ARG P 97 1.21 53.90 28.27
C ARG P 97 0.71 55.26 27.79
N GLU P 98 1.53 56.30 27.97
CA GLU P 98 1.14 57.63 27.53
C GLU P 98 0.88 57.64 26.03
N LYS P 99 1.75 56.97 25.27
CA LYS P 99 1.61 56.95 23.82
C LYS P 99 0.30 56.30 23.38
N LEU P 100 -0.07 55.20 24.03
CA LEU P 100 -1.30 54.52 23.68
C LEU P 100 -2.51 55.38 24.00
N ALA P 101 -2.49 56.06 25.15
CA ALA P 101 -3.61 56.90 25.53
C ALA P 101 -3.76 58.09 24.57
N THR P 102 -2.66 58.73 24.21
CA THR P 102 -2.80 59.81 23.24
C THR P 102 -3.27 59.26 21.89
N GLY P 103 -2.88 58.04 21.56
CA GLY P 103 -3.39 57.43 20.33
C GLY P 103 -4.87 57.18 20.38
N ILE P 104 -5.38 56.69 21.51
CA ILE P 104 -6.81 56.45 21.63
C ILE P 104 -7.61 57.74 21.42
N LYS P 105 -7.13 58.85 21.99
CA LYS P 105 -7.82 60.12 21.82
C LYS P 105 -7.91 60.51 20.34
N LEU P 106 -6.81 60.33 19.61
CA LEU P 106 -6.81 60.66 18.19
C LEU P 106 -7.78 59.77 17.42
N CYS P 107 -7.75 58.46 17.67
CA CYS P 107 -8.67 57.58 16.96
C CYS P 107 -10.11 57.97 17.21
N GLU P 108 -10.45 58.26 18.46
CA GLU P 108 -11.79 58.72 18.78
C GLU P 108 -12.08 60.01 18.03
N GLU P 109 -11.12 60.94 18.05
CA GLU P 109 -11.30 62.22 17.37
C GLU P 109 -11.56 62.03 15.89
N LYS P 110 -10.92 61.05 15.27
CA LYS P 110 -11.04 60.84 13.84
C LYS P 110 -12.06 59.79 13.46
N GLY P 111 -12.79 59.22 14.42
CA GLY P 111 -13.85 58.29 14.14
C GLY P 111 -13.41 56.87 13.84
N ASP P 112 -12.14 56.54 14.06
CA ASP P 112 -11.61 55.20 13.81
C ASP P 112 -11.73 54.40 15.10
N TYR P 113 -12.92 53.87 15.32
CA TYR P 113 -13.23 53.26 16.59
C TYR P 113 -12.59 51.88 16.75
N ILE P 114 -12.31 51.18 15.65
CA ILE P 114 -11.69 49.87 15.80
C ILE P 114 -10.20 50.02 16.10
N SER P 115 -9.52 51.01 15.49
CA SER P 115 -8.15 51.31 15.89
C SER P 115 -8.12 51.74 17.35
N ARG P 116 -9.14 52.48 17.79
CA ARG P 116 -9.21 52.79 19.22
C ARG P 116 -9.27 51.51 20.05
N ASP P 117 -10.18 50.59 19.71
CA ASP P 117 -10.33 49.37 20.51
C ASP P 117 -9.03 48.59 20.57
N MET P 118 -8.32 48.54 19.45
CA MET P 118 -7.02 47.87 19.40
C MET P 118 -6.07 48.47 20.42
N LEU P 119 -5.96 49.80 20.42
CA LEU P 119 -5.03 50.44 21.34
C LEU P 119 -5.48 50.30 22.79
N ARG P 120 -6.79 50.30 23.04
CA ARG P 120 -7.27 50.09 24.41
C ARG P 120 -6.92 48.70 24.92
N GLN P 121 -7.06 47.66 24.09
CA GLN P 121 -6.63 46.34 24.54
C GLN P 121 -5.15 46.36 24.93
N GLN P 122 -4.33 47.06 24.14
CA GLN P 122 -2.91 47.12 24.45
C GLN P 122 -2.66 47.96 25.69
N LEU P 123 -3.48 48.99 25.91
CA LEU P 123 -3.35 49.80 27.11
C LEU P 123 -3.65 48.99 28.36
N SER P 124 -4.69 48.14 28.31
CA SER P 124 -4.98 47.29 29.46
C SER P 124 -3.79 46.37 29.76
N ASP P 125 -3.23 45.75 28.72
CA ASP P 125 -2.07 44.89 28.91
C ASP P 125 -0.90 45.66 29.50
N THR P 126 -0.62 46.85 28.99
CA THR P 126 0.51 47.60 29.51
C THR P 126 0.30 47.93 30.98
N GLU P 127 -0.89 48.43 31.32
CA GLU P 127 -1.15 48.95 32.67
C GLU P 127 -1.24 47.83 33.70
N GLU P 128 -2.24 46.97 33.55
CA GLU P 128 -2.63 46.07 34.62
C GLU P 128 -1.82 44.79 34.62
N ASP P 129 -1.10 44.49 33.53
CA ASP P 129 -0.21 43.34 33.55
C ASP P 129 1.22 43.80 33.75
N HIS P 130 1.82 44.42 32.74
CA HIS P 130 3.27 44.61 32.79
C HIS P 130 3.66 45.71 33.76
N THR P 131 3.08 46.91 33.63
CA THR P 131 3.46 47.98 34.54
C THR P 131 3.22 47.58 35.99
N TYR P 132 2.08 46.92 36.26
CA TYR P 132 1.75 46.53 37.63
C TYR P 132 2.80 45.56 38.17
N TRP P 133 3.20 44.56 37.37
CA TRP P 133 4.20 43.60 37.83
C TRP P 133 5.51 44.30 38.17
N LEU P 134 5.97 45.21 37.31
CA LEU P 134 7.23 45.91 37.55
C LEU P 134 7.18 46.74 38.83
N GLU P 135 6.07 47.46 39.04
CA GLU P 135 5.90 48.22 40.27
C GLU P 135 5.92 47.31 41.49
N LYS P 136 5.28 46.13 41.38
CA LYS P 136 5.28 45.19 42.49
C LYS P 136 6.69 44.68 42.77
N GLN P 137 7.49 44.45 41.71
CA GLN P 137 8.84 43.95 41.92
C GLN P 137 9.68 44.99 42.67
N LEU P 138 9.62 46.26 42.21
CA LEU P 138 10.39 47.30 42.91
C LEU P 138 9.85 47.54 44.32
N ARG P 139 8.54 47.36 44.54
CA ARG P 139 7.99 47.46 45.89
C ARG P 139 8.45 46.32 46.78
N LEU P 140 8.56 45.11 46.23
CA LEU P 140 9.01 43.99 47.04
C LEU P 140 10.46 44.19 47.49
N ILE P 141 11.32 44.72 46.61
CA ILE P 141 12.70 44.95 47.00
C ILE P 141 12.78 45.83 48.24
N GLU P 142 11.92 46.85 48.32
CA GLU P 142 11.92 47.71 49.50
C GLU P 142 11.40 46.99 50.74
N LEU P 143 10.56 45.96 50.56
CA LEU P 143 9.94 45.22 51.66
C LEU P 143 10.78 44.06 52.18
N ILE P 144 11.56 43.39 51.32
CA ILE P 144 12.31 42.21 51.74
C ILE P 144 13.81 42.35 51.51
N GLY P 145 14.26 43.45 50.92
CA GLY P 145 15.69 43.58 50.63
C GLY P 145 16.07 42.94 49.31
N LEU P 146 17.15 43.45 48.72
CA LEU P 146 17.53 43.00 47.38
C LEU P 146 17.93 41.53 47.37
N GLN P 147 18.66 41.08 48.39
CA GLN P 147 19.12 39.69 48.39
C GLN P 147 17.95 38.70 48.45
N ASN P 148 17.01 38.91 49.36
CA ASN P 148 15.84 38.03 49.40
C ASN P 148 15.06 38.10 48.09
N TYR P 149 14.91 39.32 47.52
CA TYR P 149 14.17 39.43 46.27
C TYR P 149 14.84 38.60 45.16
N ILE P 150 16.15 38.76 44.99
CA ILE P 150 16.85 37.98 43.97
C ILE P 150 16.71 36.49 44.24
N GLN P 151 16.71 36.10 45.52
CA GLN P 151 16.46 34.70 45.86
C GLN P 151 15.04 34.28 45.51
N SER P 152 14.06 35.16 45.74
CA SER P 152 12.67 34.80 45.49
C SER P 152 12.36 34.63 44.02
N GLN P 153 13.33 34.90 43.14
CA GLN P 153 13.14 34.76 41.70
C GLN P 153 14.08 33.73 41.09
N ILE P 154 14.83 32.99 41.92
CA ILE P 154 15.58 31.85 41.41
C ILE P 154 14.61 30.76 40.97
S SO4 Q . 0.17 -5.65 -25.23
O1 SO4 Q . -0.53 -4.84 -24.16
O2 SO4 Q . -0.65 -6.85 -25.62
O3 SO4 Q . 0.38 -4.82 -26.46
O4 SO4 Q . 1.51 -6.07 -24.67
S SO4 R . 12.41 -26.00 -15.11
O1 SO4 R . 11.17 -26.72 -15.57
O2 SO4 R . 13.39 -26.98 -14.54
O3 SO4 R . 12.99 -25.33 -16.34
O4 SO4 R . 12.08 -24.99 -14.02
CHA HEM S . 13.92 0.75 -0.18
CHB HEM S . 16.73 4.07 -2.39
CHC HEM S . 18.55 0.59 -5.13
CHD HEM S . 15.88 -2.74 -2.92
C1A HEM S . 14.53 1.97 -0.49
C2A HEM S . 14.33 3.24 0.16
C3A HEM S . 15.11 4.16 -0.46
C4A HEM S . 15.83 3.50 -1.51
CMA HEM S . 15.28 5.66 -0.12
CAA HEM S . 13.39 3.52 1.37
CBA HEM S . 14.18 3.24 2.67
CGA HEM S . 13.29 3.36 3.89
O1A HEM S . 12.88 4.50 4.21
O2A HEM S . 13.00 2.32 4.53
C1B HEM S . 17.45 3.43 -3.35
C2B HEM S . 18.37 4.03 -4.27
C3B HEM S . 18.89 3.08 -5.03
C4B HEM S . 18.30 1.83 -4.61
CMB HEM S . 18.69 5.54 -4.29
CAB HEM S . 19.90 3.30 -6.16
CBB HEM S . 20.53 2.28 -6.73
C1C HEM S . 18.00 -0.61 -4.77
C2C HEM S . 18.34 -1.88 -5.38
C3C HEM S . 17.59 -2.80 -4.79
C4C HEM S . 16.78 -2.15 -3.78
CMC HEM S . 19.37 -2.10 -6.53
CAC HEM S . 17.57 -4.33 -5.05
CBC HEM S . 18.64 -4.95 -5.56
C1D HEM S . 15.08 -2.12 -1.99
C2D HEM S . 14.06 -2.73 -1.16
C3D HEM S . 13.51 -1.76 -0.41
C4D HEM S . 14.18 -0.51 -0.73
CMD HEM S . 13.71 -4.24 -1.20
CAD HEM S . 12.38 -1.87 0.65
CBD HEM S . 11.04 -1.73 -0.07
CGD HEM S . 9.92 -1.63 0.94
O1D HEM S . 8.77 -1.39 0.52
O2D HEM S . 10.20 -1.77 2.15
NA HEM S . 15.44 2.20 -1.49
NB HEM S . 17.43 2.10 -3.61
NC HEM S . 17.08 -0.82 -3.82
ND HEM S . 15.10 -0.79 -1.69
FE HEM S . 16.31 0.67 -2.65
CHA HEM T . -24.20 -2.08 -8.23
CHB HEM T . -22.04 -2.04 -12.58
CHC HEM T . -26.30 -2.86 -14.65
CHD HEM T . -28.49 -2.89 -10.40
C1A HEM T . -23.22 -2.03 -9.21
C2A HEM T . -21.79 -1.92 -9.01
C3A HEM T . -21.20 -1.92 -10.22
C4A HEM T . -22.23 -2.01 -11.22
CMA HEM T . -19.71 -1.84 -10.55
CAA HEM T . -21.05 -1.85 -7.63
CBA HEM T . -20.96 -3.29 -7.12
CGA HEM T . -20.20 -3.39 -5.82
O1A HEM T . -19.12 -2.76 -5.70
O2A HEM T . -20.68 -4.13 -4.93
C1B HEM T . -23.05 -2.24 -13.47
C2B HEM T . -22.88 -2.25 -14.86
C3B HEM T . -24.02 -2.46 -15.46
C4B HEM T . -24.99 -2.61 -14.42
CMB HEM T . -21.50 -2.03 -15.55
CAB HEM T . -24.24 -2.52 -16.98
CBB HEM T . -25.34 -3.05 -17.54
C1C HEM T . -27.23 -2.94 -13.68
C2C HEM T . -28.60 -3.17 -13.93
C3C HEM T . -29.21 -3.15 -12.79
C4C HEM T . -28.24 -2.93 -11.75
CMC HEM T . -29.25 -3.37 -15.32
CAC HEM T . -30.71 -3.35 -12.60
CBC HEM T . -31.30 -2.69 -11.62
C1D HEM T . -27.52 -2.64 -9.47
C2D HEM T . -27.77 -2.50 -8.06
C3D HEM T . -26.61 -2.30 -7.45
C4D HEM T . -25.55 -2.27 -8.46
CMD HEM T . -29.17 -2.61 -7.44
CAD HEM T . -26.41 -2.08 -5.94
CBD HEM T . -26.68 -0.61 -5.64
CGD HEM T . -25.67 -0.11 -4.66
O1D HEM T . -24.55 0.27 -5.08
O2D HEM T . -25.98 -0.09 -3.44
NA HEM T . -23.46 -2.09 -10.59
NB HEM T . -24.38 -2.47 -13.19
NC HEM T . -27.00 -2.82 -12.34
ND HEM T . -26.15 -2.50 -9.70
FE HEM T . -25.23 -2.45 -11.52
S SO4 U . -37.06 -27.03 7.06
O1 SO4 U . -37.29 -27.52 8.47
O2 SO4 U . -35.71 -27.45 6.57
O3 SO4 U . -38.15 -27.62 6.19
O4 SO4 U . -37.16 -25.53 7.00
S SO4 V . 4.93 -51.57 28.91
O1 SO4 V . 3.67 -52.32 28.71
O2 SO4 V . 4.89 -50.87 30.24
O3 SO4 V . 5.04 -50.54 27.82
O4 SO4 V . 6.10 -52.51 28.84
CHA HEM W . -5.76 -31.42 9.43
CHB HEM W . -3.36 -35.52 10.39
CHC HEM W . -4.62 -37.23 6.10
CHD HEM W . -6.98 -33.16 5.10
C1A HEM W . -5.02 -32.38 10.09
C2A HEM W . -4.55 -32.31 11.45
C3A HEM W . -3.89 -33.45 11.72
C4A HEM W . -3.92 -34.27 10.54
CMA HEM W . -3.21 -33.84 13.05
CAA HEM W . -4.79 -31.12 12.41
CBA HEM W . -6.09 -31.37 13.17
CGA HEM W . -6.42 -30.26 14.14
O1A HEM W . -7.44 -29.56 13.90
O2A HEM W . -5.68 -30.08 15.14
C1B HEM W . -3.52 -36.33 9.28
C2B HEM W . -2.97 -37.64 9.17
C3B HEM W . -3.31 -38.16 8.02
C4B HEM W . -4.08 -37.14 7.34
CMB HEM W . -2.17 -38.28 10.34
CAB HEM W . -2.90 -39.55 7.48
CBB HEM W . -3.38 -40.05 6.35
C1C HEM W . -5.36 -36.27 5.47
C2C HEM W . -5.92 -36.44 4.18
C3C HEM W . -6.53 -35.32 3.89
C4C HEM W . -6.45 -34.43 5.01
CMC HEM W . -5.76 -37.70 3.30
CAC HEM W . -7.29 -35.06 2.57
CBC HEM W . -7.41 -33.81 2.16
C1D HEM W . -6.84 -32.29 6.14
C2D HEM W . -7.33 -30.92 6.23
C3D HEM W . -6.99 -30.46 7.45
C4D HEM W . -6.28 -31.51 8.15
CMD HEM W . -8.09 -30.19 5.12
CAD HEM W . -7.27 -29.06 8.03
CBD HEM W . -6.03 -28.20 7.80
CGD HEM W . -6.33 -26.74 8.04
O1D HEM W . -7.47 -26.28 7.80
O2D HEM W . -5.40 -26.01 8.45
NA HEM W . -4.62 -33.60 9.57
NB HEM W . -4.17 -36.07 8.14
NC HEM W . -5.71 -35.05 5.96
ND HEM W . -6.22 -32.57 7.32
FE HEM W . -5.18 -34.34 7.74
S SO4 X . -12.09 54.02 8.85
O1 SO4 X . -11.67 54.98 9.92
O2 SO4 X . -11.14 52.86 8.77
O3 SO4 X . -13.47 53.49 9.13
O4 SO4 X . -12.12 54.75 7.53
CHA HEM Y . 7.25 34.16 18.95
CHB HEM Y . 6.16 38.16 16.43
CHC HEM Y . 10.59 39.75 17.24
CHD HEM Y . 11.74 35.82 19.73
C1A HEM Y . 6.53 35.11 18.21
C2A HEM Y . 5.15 35.04 17.79
C3A HEM Y . 4.86 36.14 17.10
C4A HEM Y . 6.04 36.95 17.06
CMA HEM Y . 3.51 36.55 16.47
CAA HEM Y . 4.19 33.88 18.12
CBA HEM Y . 3.52 34.18 19.44
CGA HEM Y . 2.62 33.02 19.78
O1A HEM Y . 2.44 32.76 20.99
O2A HEM Y . 2.09 32.34 18.85
C1B HEM Y . 7.29 38.93 16.46
C2B HEM Y . 7.36 40.24 15.93
C3B HEM Y . 8.57 40.69 16.12
C4B HEM Y . 9.29 39.69 16.83
CMB HEM Y . 6.14 40.93 15.25
CAB HEM Y . 9.09 42.10 15.70
CBB HEM Y . 10.40 42.31 15.59
C1C HEM Y . 11.27 38.83 17.97
C2C HEM Y . 12.63 38.97 18.39
C3C HEM Y . 12.97 37.87 19.04
C4C HEM Y . 11.82 37.04 19.11
CMC HEM Y . 13.51 40.19 18.06
CAC HEM Y . 14.32 37.52 19.74
CBC HEM Y . 15.11 38.48 20.25
C1D HEM Y . 10.62 35.02 19.71
C2D HEM Y . 10.58 33.68 20.24
C3D HEM Y . 9.34 33.19 20.02
C4D HEM Y . 8.57 34.23 19.34
CMD HEM Y . 11.78 32.98 20.89
CAD HEM Y . 8.79 31.81 20.40
CBD HEM Y . 8.64 31.01 19.11
CGD HEM Y . 8.21 29.59 19.41
O1D HEM Y . 8.77 28.98 20.36
O2D HEM Y . 7.34 29.07 18.69
NA HEM Y . 7.05 36.30 17.73
NB HEM Y . 8.48 38.61 17.00
NC HEM Y . 10.79 37.65 18.45
ND HEM Y . 9.40 35.33 19.17
FE HEM Y . 8.94 36.99 18.08
S SO4 Z . 29.02 26.80 -1.01
O1 SO4 Z . 27.85 27.70 -0.74
O2 SO4 Z . 28.73 25.45 -0.45
O3 SO4 Z . 29.24 26.71 -2.48
O4 SO4 Z . 30.30 27.33 -0.39
S SO4 AA . -53.62 -0.65 -8.48
O1 SO4 AA . -54.00 0.54 -7.65
O2 SO4 AA . -52.54 -1.42 -7.74
O3 SO4 AA . -54.83 -1.51 -8.69
O4 SO4 AA . -53.15 -0.18 -9.83
S SO4 BA . -13.53 -27.62 -18.68
O1 SO4 BA . -14.05 -28.85 -19.38
O2 SO4 BA . -14.20 -27.40 -17.35
O3 SO4 BA . -12.06 -27.80 -18.52
O4 SO4 BA . -13.78 -26.41 -19.54
S SO4 CA . -5.79 24.01 -8.61
O1 SO4 CA . -6.26 24.14 -7.20
O2 SO4 CA . -4.36 23.53 -8.66
O3 SO4 CA . -6.67 23.06 -9.38
O4 SO4 CA . -5.90 25.37 -9.24
S SO4 DA . 36.56 29.52 24.03
O1 SO4 DA . 35.09 29.66 24.36
O2 SO4 DA . 37.11 28.28 24.65
O3 SO4 DA . 36.72 29.45 22.54
O4 SO4 DA . 37.32 30.71 24.54
#